data_3SSF
# 
_entry.id   3SSF 
# 
_audit_conform.dict_name       mmcif_pdbx.dic 
_audit_conform.dict_version    5.379 
_audit_conform.dict_location   http://mmcif.pdb.org/dictionaries/ascii/mmcif_pdbx.dic 
# 
loop_
_database_2.database_id 
_database_2.database_code 
_database_2.pdbx_database_accession 
_database_2.pdbx_DOI 
PDB   3SSF         pdb_00003ssf 10.2210/pdb3ssf/pdb 
NDB   NA1220       ?            ?                   
RCSB  RCSB066594   ?            ?                   
WWPDB D_1000066594 ?            ?                   
# 
loop_
_pdbx_database_related.db_name 
_pdbx_database_related.db_id 
_pdbx_database_related.details 
_pdbx_database_related.content_type 
PDB 1PJO 'Crystal Structure of an RNA/DNA hybrid of HIV-1 PPT'                                   unspecified 
PDB 1PJG 'RNA/DNA Hybrid Decamer of CAAAGAAAAG/CTTTTCTTTG'                                       unspecified 
PDB 1JB8 'The Crystal Structure of an RNA/DNA Hybrid Reveals Novel Intermolecular Intercalation' unspecified 
PDB 1G4Q 'RNA/DNA HYBRID DECAMER OF CAAAGAAAAG/CTTTTCTTTG'                                       unspecified 
# 
_pdbx_database_status.status_code                     REL 
_pdbx_database_status.entry_id                        3SSF 
_pdbx_database_status.recvd_initial_deposition_date   2011-07-08 
_pdbx_database_status.deposit_site                    RCSB 
_pdbx_database_status.process_site                    RCSB 
_pdbx_database_status.status_code_sf                  REL 
_pdbx_database_status.status_code_mr                  ? 
_pdbx_database_status.SG_entry                        ? 
_pdbx_database_status.status_code_cs                  ? 
_pdbx_database_status.methods_development_category    ? 
_pdbx_database_status.pdb_format_compatible           Y 
_pdbx_database_status.status_code_nmr_data            ? 
# 
loop_
_audit_author.name 
_audit_author.pdbx_ordinal 
'Drozdzal, P.'  1 
'Michalska, K.' 2 
'Kierzek, R.'   3 
'Lomozik, L.'   4 
'Jaskolski, M.' 5 
# 
loop_
_citation.id 
_citation.title 
_citation.journal_abbrev 
_citation.journal_volume 
_citation.page_first 
_citation.page_last 
_citation.year 
_citation.journal_id_ASTM 
_citation.country 
_citation.journal_id_ISSN 
_citation.journal_id_CSD 
_citation.book_publisher 
_citation.pdbx_database_id_PubMed 
_citation.pdbx_database_id_DOI 
primary 'Structure of an RNA/DNA dodecamer corresponding to the HIV-1 polypurine tract at 1.6 Angstrom resolution' 
'Acta Crystallogr.,Sect.D' 68  169  175  2012 ABCRE6 DK 0907-4449 0766 ? 22281746 10.1107/S0907444911053327 
1       
'An unusual sugar conformation in the structure of an RNA/DNA decamer of the polypurine tract may affect recognition by RNase H.' 
J.Mol.Biol.                334 653  665  2003 JMOBAK UK 0022-2836 0070 ? ?        ?                         
2       'Crystal structure of an RNA.DNA hybrid reveals intermolecular intercalation: dimer formation by base-pair swapping.' 
Proc.Natl.Acad.Sci.USA     100 9214 9219 2003 PNASA6 US 0027-8424 0040 ? ?        ?                         
3       'Crystal structure of HIV-1 reverse transcriptase in complex with a polypurine tract RNA:DNA' 'Embo J.'                  
20  1449 1461 2001 EMJODG UK 0261-4189 0897 ? ?        ?                         
# 
loop_
_citation_author.citation_id 
_citation_author.name 
_citation_author.ordinal 
_citation_author.identifier_ORCID 
primary 'Drozdzal, P.'     1  ? 
primary 'Michalska, K.'    2  ? 
primary 'Kierzek, R.'      3  ? 
primary 'Lomozik, L.'      4  ? 
primary 'Jaskolski, M.'    5  ? 
1       'Kopka, M.L.'      6  ? 
1       'Lavelle, L.'      7  ? 
1       'Han, G.W.'        8  ? 
1       'Ng, H.-L.'        9  ? 
1       'Dickerson, R.E.'  10 ? 
2       'Han, G.W.'        11 ? 
2       'Kopka, M.L.'      12 ? 
2       'Langs, D.'        13 ? 
2       'Sawaya, M.R.'     14 ? 
2       'Dickerson, R.E.'  15 ? 
3       'G Sarafianos, S.' 16 ? 
3       'Das, K.'          17 ? 
3       'Tantillo, C.'     18 ? 
3       'Clark Jr., A.D.'  19 ? 
3       'Ding, J.'         20 ? 
3       'Whitcomb, J.M.'   21 ? 
3       'Boyer, P.L.'      22 ? 
3       'Hughes, S.H.'     23 ? 
3       'Arnold, E.'       24 ? 
# 
_cell.entry_id           3SSF 
_cell.length_a           41.904 
_cell.length_b           41.904 
_cell.length_c           57.240 
_cell.angle_alpha        90.00 
_cell.angle_beta         90.00 
_cell.angle_gamma        120.00 
_cell.Z_PDB              6 
_cell.pdbx_unique_axis   ? 
_cell.length_a_esd       ? 
_cell.length_b_esd       ? 
_cell.length_c_esd       ? 
_cell.angle_alpha_esd    ? 
_cell.angle_beta_esd     ? 
_cell.angle_gamma_esd    ? 
# 
_symmetry.entry_id                         3SSF 
_symmetry.space_group_name_H-M             'P 32 2 1' 
_symmetry.pdbx_full_space_group_name_H-M   ? 
_symmetry.cell_setting                     ? 
_symmetry.Int_Tables_number                154 
_symmetry.space_group_name_Hall            ? 
# 
loop_
_entity.id 
_entity.type 
_entity.src_method 
_entity.pdbx_description 
_entity.formula_weight 
_entity.pdbx_number_of_molecules 
_entity.pdbx_ec 
_entity.pdbx_mutation 
_entity.pdbx_fragment 
_entity.details 
1 polymer     syn "5'-R(*UP*AP*AP*AP*AP*GP*AP*AP*AP*AP*GP*G)-3'" 3930.472 1  ? ? ? ? 
2 polymer     syn "5'-D(*CP*CP*TP*TP*TP*TP*CP*TP*TP*TP*TP*A)-3'" 3569.337 1  ? ? ? ? 
3 non-polymer syn 'MAGNESIUM ION'                                24.305   3  ? ? ? ? 
4 water       nat water                                          18.015   76 ? ? ? ? 
# 
loop_
_entity_poly.entity_id 
_entity_poly.type 
_entity_poly.nstd_linkage 
_entity_poly.nstd_monomer 
_entity_poly.pdbx_seq_one_letter_code 
_entity_poly.pdbx_seq_one_letter_code_can 
_entity_poly.pdbx_strand_id 
_entity_poly.pdbx_target_identifier 
1 polyribonucleotide      no no UAAAAGAAAAGG                                       UAAAAGAAAAGG A ? 
2 polydeoxyribonucleotide no no '(DC)(DC)(DT)(DT)(DT)(DT)(DC)(DT)(DT)(DT)(DT)(DA)' CCTTTTCTTTTA B ? 
# 
loop_
_entity_poly_seq.entity_id 
_entity_poly_seq.num 
_entity_poly_seq.mon_id 
_entity_poly_seq.hetero 
1 1  U  n 
1 2  A  n 
1 3  A  n 
1 4  A  n 
1 5  A  n 
1 6  G  n 
1 7  A  n 
1 8  A  n 
1 9  A  n 
1 10 A  n 
1 11 G  n 
1 12 G  n 
2 1  DC n 
2 2  DC n 
2 3  DT n 
2 4  DT n 
2 5  DT n 
2 6  DT n 
2 7  DC n 
2 8  DT n 
2 9  DT n 
2 10 DT n 
2 11 DT n 
2 12 DA n 
# 
loop_
_struct_ref.id 
_struct_ref.db_name 
_struct_ref.db_code 
_struct_ref.pdbx_db_accession 
_struct_ref.entity_id 
_struct_ref.pdbx_align_begin 
_struct_ref.pdbx_seq_one_letter_code 
_struct_ref.pdbx_db_isoform 
1 PDB 3SSF 3SSF 1 ? UAAAAGAAAAGG ? 
2 PDB 3SSF 3SSF 2 ? CCTTTTCTTTTA ? 
# 
loop_
_struct_ref_seq.align_id 
_struct_ref_seq.ref_id 
_struct_ref_seq.pdbx_PDB_id_code 
_struct_ref_seq.pdbx_strand_id 
_struct_ref_seq.seq_align_beg 
_struct_ref_seq.pdbx_seq_align_beg_ins_code 
_struct_ref_seq.seq_align_end 
_struct_ref_seq.pdbx_seq_align_end_ins_code 
_struct_ref_seq.pdbx_db_accession 
_struct_ref_seq.db_align_beg 
_struct_ref_seq.pdbx_db_align_beg_ins_code 
_struct_ref_seq.db_align_end 
_struct_ref_seq.pdbx_db_align_end_ins_code 
_struct_ref_seq.pdbx_auth_seq_align_beg 
_struct_ref_seq.pdbx_auth_seq_align_end 
1 1 3SSF A 1 ? 12 ? 3SSF 1  ? 12 ? 1  12 
2 2 3SSF B 1 ? 12 ? 3SSF 13 ? 24 ? 13 24 
# 
loop_
_chem_comp.id 
_chem_comp.type 
_chem_comp.mon_nstd_flag 
_chem_comp.name 
_chem_comp.pdbx_synonyms 
_chem_comp.formula 
_chem_comp.formula_weight 
A   'RNA linking' y "ADENOSINE-5'-MONOPHOSPHATE"         ? 'C10 H14 N5 O7 P' 347.221 
DA  'DNA linking' y "2'-DEOXYADENOSINE-5'-MONOPHOSPHATE" ? 'C10 H14 N5 O6 P' 331.222 
DC  'DNA linking' y "2'-DEOXYCYTIDINE-5'-MONOPHOSPHATE"  ? 'C9 H14 N3 O7 P'  307.197 
DT  'DNA linking' y "THYMIDINE-5'-MONOPHOSPHATE"         ? 'C10 H15 N2 O8 P' 322.208 
G   'RNA linking' y "GUANOSINE-5'-MONOPHOSPHATE"         ? 'C10 H14 N5 O8 P' 363.221 
HOH non-polymer   . WATER                                ? 'H2 O'            18.015  
MG  non-polymer   . 'MAGNESIUM ION'                      ? 'Mg 2'            24.305  
U   'RNA linking' y "URIDINE-5'-MONOPHOSPHATE"           ? 'C9 H13 N2 O9 P'  324.181 
# 
_exptl.entry_id          3SSF 
_exptl.method            'X-RAY DIFFRACTION' 
_exptl.crystals_number   1 
# 
_exptl_crystal.id                    1 
_exptl_crystal.density_meas          ? 
_exptl_crystal.density_Matthews      1.94 
_exptl_crystal.density_percent_sol   36.70 
_exptl_crystal.description           ? 
_exptl_crystal.F_000                 ? 
_exptl_crystal.preparation           ? 
# 
_exptl_crystal_grow.crystal_id      1 
_exptl_crystal_grow.method          ? 
_exptl_crystal_grow.temp            292 
_exptl_crystal_grow.temp_details    ? 
_exptl_crystal_grow.pH              5.5 
_exptl_crystal_grow.pdbx_pH_range   ? 
_exptl_crystal_grow.pdbx_details    
;40% MPD, 0.04M hexamminecobalt(III) chloride, 0.02M magnesium chloride, 0.04M lithium chloride, 0.04M sodium cacodylate, pH 5.5, VAPOR DIFFUSION, HANGING DROP, temperature 292K
;
# 
_diffrn.id                     1 
_diffrn.ambient_temp           100 
_diffrn.ambient_temp_details   ? 
_diffrn.crystal_id             1 
# 
_diffrn_detector.diffrn_id              1 
_diffrn_detector.detector               CCD 
_diffrn_detector.type                   'MAR CCD 165 mm' 
_diffrn_detector.pdbx_collection_date   2009-12-04 
_diffrn_detector.details                ? 
# 
_diffrn_radiation.diffrn_id                        1 
_diffrn_radiation.wavelength_id                    1 
_diffrn_radiation.pdbx_monochromatic_or_laue_m_l   M 
_diffrn_radiation.monochromator                    'SI 111 CHANNEL' 
_diffrn_radiation.pdbx_diffrn_protocol             'SINGLE WAVELENGTH' 
_diffrn_radiation.pdbx_scattering_type             x-ray 
# 
_diffrn_radiation_wavelength.id           1 
_diffrn_radiation_wavelength.wavelength   0.8010 
_diffrn_radiation_wavelength.wt           1.0 
# 
_diffrn_source.diffrn_id                   1 
_diffrn_source.source                      SYNCHROTRON 
_diffrn_source.type                        'EMBL/DESY, HAMBURG BEAMLINE X13' 
_diffrn_source.pdbx_synchrotron_site       'EMBL/DESY, HAMBURG' 
_diffrn_source.pdbx_synchrotron_beamline   X13 
_diffrn_source.pdbx_wavelength             0.8010 
_diffrn_source.pdbx_wavelength_list        ? 
# 
_reflns.pdbx_diffrn_id               1 
_reflns.pdbx_ordinal                 1 
_reflns.entry_id                     3SSF 
_reflns.observed_criterion_sigma_I   -3.000 
_reflns.observed_criterion_sigma_F   ? 
_reflns.d_resolution_low             50.000 
_reflns.d_resolution_high            1.600 
_reflns.number_obs                   8012 
_reflns.number_all                   ? 
_reflns.percent_possible_obs         99.5 
_reflns.pdbx_Rmerge_I_obs            0.04000 
_reflns.pdbx_Rsym_value              ? 
_reflns.pdbx_netI_over_sigmaI        41.7000 
_reflns.B_iso_Wilson_estimate        ? 
_reflns.pdbx_redundancy              6.700 
_reflns.R_free_details               ? 
_reflns.pdbx_chi_squared             ? 
_reflns.pdbx_scaling_rejects         ? 
# 
_reflns_shell.pdbx_diffrn_id         1 
_reflns_shell.pdbx_ordinal           1 
_reflns_shell.d_res_high             1.60 
_reflns_shell.d_res_low              1.66 
_reflns_shell.percent_possible_all   99.6 
_reflns_shell.Rmerge_I_obs           0.55000 
_reflns_shell.pdbx_Rsym_value        ? 
_reflns_shell.meanI_over_sigI_obs    2.851 
_reflns_shell.pdbx_redundancy        5.50 
_reflns_shell.percent_possible_obs   ? 
_reflns_shell.number_unique_all      ? 
_reflns_shell.number_measured_all    ? 
_reflns_shell.number_measured_obs    ? 
_reflns_shell.number_unique_obs      ? 
_reflns_shell.pdbx_chi_squared       ? 
# 
_refine.pdbx_refine_id                           'X-RAY DIFFRACTION' 
_refine.entry_id                                 3SSF 
_refine.pdbx_diffrn_id                           1 
_refine.pdbx_TLS_residual_ADP_flag               ? 
_refine.ls_number_reflns_obs                     7204 
_refine.ls_number_reflns_all                     7994 
_refine.pdbx_ls_sigma_I                          ? 
_refine.pdbx_ls_sigma_F                          ? 
_refine.pdbx_data_cutoff_high_absF               ? 
_refine.pdbx_data_cutoff_low_absF                ? 
_refine.pdbx_data_cutoff_high_rms_absF           ? 
_refine.ls_d_res_low                             15.32 
_refine.ls_d_res_high                            1.60 
_refine.ls_percent_reflns_obs                    99.5 
_refine.ls_R_factor_obs                          0.186 
_refine.ls_R_factor_all                          ? 
_refine.ls_R_factor_R_work                       0.181 
_refine.ls_R_factor_R_free                       0.229 
_refine.ls_R_factor_R_free_error                 ? 
_refine.ls_R_factor_R_free_error_details         ? 
_refine.ls_percent_reflns_R_free                 9.900 
_refine.ls_number_reflns_R_free                  790 
_refine.ls_number_parameters                     ? 
_refine.ls_number_restraints                     ? 
_refine.occupancy_min                            ? 
_refine.occupancy_max                            ? 
_refine.correlation_coeff_Fo_to_Fc               0.972 
_refine.correlation_coeff_Fo_to_Fc_free          0.958 
_refine.B_iso_mean                               23.02 
_refine.aniso_B[1][1]                            0.25000 
_refine.aniso_B[2][2]                            0.25000 
_refine.aniso_B[3][3]                            -0.38000 
_refine.aniso_B[1][2]                            0.13000 
_refine.aniso_B[1][3]                            0.00000 
_refine.aniso_B[2][3]                            0.00000 
_refine.solvent_model_details                    'BABINET MODEL WITH MASK' 
_refine.solvent_model_param_ksol                 ? 
_refine.solvent_model_param_bsol                 ? 
_refine.pdbx_solvent_vdw_probe_radii             1.40 
_refine.pdbx_solvent_ion_probe_radii             0.80 
_refine.pdbx_solvent_shrinkage_radii             0.80 
_refine.pdbx_ls_cross_valid_method               THROUGHOUT 
_refine.details                                  'HYDROGEN ATOMS WERE ADDED IN THE RIDING POSITIONS' 
_refine.pdbx_starting_model                      1PJO 
_refine.pdbx_method_to_determine_struct          'MOLECULAR REPLACEMENT' 
_refine.pdbx_isotropic_thermal_model             ? 
_refine.pdbx_stereochemistry_target_values       'MAXIMUM LIKELIHOOD' 
_refine.pdbx_stereochem_target_val_spec_case     ? 
_refine.pdbx_R_Free_selection_details            RANDOM 
_refine.pdbx_overall_ESU_R                       0.108 
_refine.pdbx_overall_ESU_R_Free                  0.111 
_refine.overall_SU_ML                            0.075 
_refine.pdbx_overall_phase_error                 ? 
_refine.overall_SU_B                             4.319 
_refine.overall_SU_R_Cruickshank_DPI             ? 
_refine.pdbx_overall_SU_R_free_Cruickshank_DPI   ? 
_refine.pdbx_overall_SU_R_Blow_DPI               ? 
_refine.pdbx_overall_SU_R_free_Blow_DPI          ? 
_refine.ls_redundancy_reflns_obs                 ? 
_refine.overall_SU_R_free                        ? 
_refine.ls_wR_factor_R_free                      ? 
_refine.ls_wR_factor_R_work                      ? 
_refine.overall_FOM_free_R_set                   ? 
_refine.overall_FOM_work_R_set                   ? 
# 
_refine_hist.pdbx_refine_id                   'X-RAY DIFFRACTION' 
_refine_hist.cycle_id                         LAST 
_refine_hist.pdbx_number_atoms_protein        0 
_refine_hist.pdbx_number_atoms_nucleic_acid   497 
_refine_hist.pdbx_number_atoms_ligand         3 
_refine_hist.number_atoms_solvent             76 
_refine_hist.number_atoms_total               576 
_refine_hist.d_res_high                       1.60 
_refine_hist.d_res_low                        15.32 
# 
loop_
_refine_ls_restr.type 
_refine_ls_restr.dev_ideal 
_refine_ls_restr.dev_ideal_target 
_refine_ls_restr.weight 
_refine_ls_restr.number 
_refine_ls_restr.pdbx_refine_id 
_refine_ls_restr.pdbx_restraint_function 
r_bond_refined_d             0.020 0.021 ? 600 'X-RAY DIFFRACTION' ? 
r_bond_other_d               0.011 0.020 ? 222 'X-RAY DIFFRACTION' ? 
r_angle_refined_deg          2.258 3.000 ? 935 'X-RAY DIFFRACTION' ? 
r_angle_other_deg            1.758 3.000 ? 577 'X-RAY DIFFRACTION' ? 
r_dihedral_angle_1_deg       ?     ?     ? ?   'X-RAY DIFFRACTION' ? 
r_dihedral_angle_2_deg       ?     ?     ? ?   'X-RAY DIFFRACTION' ? 
r_dihedral_angle_3_deg       ?     ?     ? ?   'X-RAY DIFFRACTION' ? 
r_dihedral_angle_4_deg       ?     ?     ? ?   'X-RAY DIFFRACTION' ? 
r_chiral_restr               ?     ?     ? ?   'X-RAY DIFFRACTION' ? 
r_gen_planes_refined         0.033 0.020 ? 262 'X-RAY DIFFRACTION' ? 
r_gen_planes_other           0.009 0.020 ? 51  'X-RAY DIFFRACTION' ? 
r_nbd_refined                ?     ?     ? ?   'X-RAY DIFFRACTION' ? 
r_nbd_other                  ?     ?     ? ?   'X-RAY DIFFRACTION' ? 
r_nbtor_refined              ?     ?     ? ?   'X-RAY DIFFRACTION' ? 
r_nbtor_other                ?     ?     ? ?   'X-RAY DIFFRACTION' ? 
r_xyhbond_nbd_refined        ?     ?     ? ?   'X-RAY DIFFRACTION' ? 
r_xyhbond_nbd_other          ?     ?     ? ?   'X-RAY DIFFRACTION' ? 
r_metal_ion_refined          ?     ?     ? ?   'X-RAY DIFFRACTION' ? 
r_metal_ion_other            ?     ?     ? ?   'X-RAY DIFFRACTION' ? 
r_symmetry_vdw_refined       ?     ?     ? ?   'X-RAY DIFFRACTION' ? 
r_symmetry_vdw_other         ?     ?     ? ?   'X-RAY DIFFRACTION' ? 
r_symmetry_hbond_refined     ?     ?     ? ?   'X-RAY DIFFRACTION' ? 
r_symmetry_hbond_other       ?     ?     ? ?   'X-RAY DIFFRACTION' ? 
r_symmetry_metal_ion_refined ?     ?     ? ?   'X-RAY DIFFRACTION' ? 
r_symmetry_metal_ion_other   ?     ?     ? ?   'X-RAY DIFFRACTION' ? 
r_mcbond_it                  ?     ?     ? ?   'X-RAY DIFFRACTION' ? 
r_mcbond_other               ?     ?     ? ?   'X-RAY DIFFRACTION' ? 
r_mcangle_it                 ?     ?     ? ?   'X-RAY DIFFRACTION' ? 
r_scbond_it                  ?     ?     ? ?   'X-RAY DIFFRACTION' ? 
r_scangle_it                 ?     ?     ? ?   'X-RAY DIFFRACTION' ? 
r_rigid_bond_restr           ?     ?     ? ?   'X-RAY DIFFRACTION' ? 
r_sphericity_free            ?     ?     ? ?   'X-RAY DIFFRACTION' ? 
r_sphericity_bonded          ?     ?     ? ?   'X-RAY DIFFRACTION' ? 
# 
_refine_ls_shell.pdbx_refine_id                   'X-RAY DIFFRACTION' 
_refine_ls_shell.pdbx_total_number_of_bins_used   20 
_refine_ls_shell.d_res_high                       1.60 
_refine_ls_shell.d_res_low                        1.64 
_refine_ls_shell.number_reflns_R_work             494 
_refine_ls_shell.R_factor_R_work                  0.2340 
_refine_ls_shell.percent_reflns_obs               94.80 
_refine_ls_shell.R_factor_R_free                  0.3200 
_refine_ls_shell.R_factor_R_free_error            ? 
_refine_ls_shell.percent_reflns_R_free            ? 
_refine_ls_shell.number_reflns_R_free             53 
_refine_ls_shell.number_reflns_all                ? 
_refine_ls_shell.R_factor_all                     ? 
_refine_ls_shell.redundancy_reflns_obs            ? 
_refine_ls_shell.number_reflns_obs                ? 
# 
_struct.entry_id                  3SSF 
_struct.title                     
'Crystal structure of RNA:DNA dodecamer corresponding to HIV-1 polypurine tract, at 1.6 A resolution.' 
_struct.pdbx_model_details        ? 
_struct.pdbx_CASP_flag            ? 
_struct.pdbx_model_type_details   ? 
# 
_struct_keywords.entry_id        3SSF 
_struct_keywords.pdbx_keywords   RNA/DNA 
_struct_keywords.text            'Polypurine tract (PPT) of HIV-1; RNA-DNA hybrid; reverse transcription, RNA-DNA complex' 
# 
loop_
_struct_asym.id 
_struct_asym.pdbx_blank_PDB_chainid_flag 
_struct_asym.pdbx_modified 
_struct_asym.entity_id 
_struct_asym.details 
A N N 1 ? 
B N N 2 ? 
C N N 3 ? 
D N N 3 ? 
E N N 3 ? 
F N N 4 ? 
G N N 4 ? 
# 
_struct_biol.id        1 
_struct_biol.details   ? 
# 
loop_
_struct_conn.id 
_struct_conn.conn_type_id 
_struct_conn.pdbx_leaving_atom_flag 
_struct_conn.pdbx_PDB_id 
_struct_conn.ptnr1_label_asym_id 
_struct_conn.ptnr1_label_comp_id 
_struct_conn.ptnr1_label_seq_id 
_struct_conn.ptnr1_label_atom_id 
_struct_conn.pdbx_ptnr1_label_alt_id 
_struct_conn.pdbx_ptnr1_PDB_ins_code 
_struct_conn.pdbx_ptnr1_standard_comp_id 
_struct_conn.ptnr1_symmetry 
_struct_conn.ptnr2_label_asym_id 
_struct_conn.ptnr2_label_comp_id 
_struct_conn.ptnr2_label_seq_id 
_struct_conn.ptnr2_label_atom_id 
_struct_conn.pdbx_ptnr2_label_alt_id 
_struct_conn.pdbx_ptnr2_PDB_ins_code 
_struct_conn.ptnr1_auth_asym_id 
_struct_conn.ptnr1_auth_comp_id 
_struct_conn.ptnr1_auth_seq_id 
_struct_conn.ptnr2_auth_asym_id 
_struct_conn.ptnr2_auth_comp_id 
_struct_conn.ptnr2_auth_seq_id 
_struct_conn.ptnr2_symmetry 
_struct_conn.pdbx_ptnr3_label_atom_id 
_struct_conn.pdbx_ptnr3_label_seq_id 
_struct_conn.pdbx_ptnr3_label_comp_id 
_struct_conn.pdbx_ptnr3_label_asym_id 
_struct_conn.pdbx_ptnr3_label_alt_id 
_struct_conn.pdbx_ptnr3_PDB_ins_code 
_struct_conn.details 
_struct_conn.pdbx_dist_value 
_struct_conn.pdbx_value_order 
_struct_conn.pdbx_role 
metalc1  metalc ? ? C MG .  MG ? ? ? 1_555 F HOH .  O  ? ? A MG 13 A HOH 63 1_555 ? ? ? ? ? ? ?            1.980 ? ? 
metalc2  metalc ? ? C MG .  MG ? ? ? 1_555 F HOH .  O  ? ? A MG 13 A HOH 64 1_555 ? ? ? ? ? ? ?            1.937 ? ? 
metalc3  metalc ? ? D MG .  MG ? ? ? 1_555 F HOH .  O  ? ? A MG 14 A HOH 44 1_555 ? ? ? ? ? ? ?            1.857 ? ? 
metalc4  metalc ? ? D MG .  MG ? ? ? 1_555 F HOH .  O  ? ? A MG 14 A HOH 45 1_555 ? ? ? ? ? ? ?            2.034 ? ? 
metalc5  metalc ? ? D MG .  MG ? ? ? 1_555 F HOH .  O  ? ? A MG 14 A HOH 46 1_555 ? ? ? ? ? ? ?            1.731 ? ? 
metalc6  metalc ? ? D MG .  MG ? ? ? 1_555 F HOH .  O  ? ? A MG 14 A HOH 57 1_555 ? ? ? ? ? ? ?            1.850 ? ? 
metalc7  metalc ? ? E MG .  MG ? ? ? 1_555 G HOH .  O  ? ? B MG 1  B HOH 42 1_555 ? ? ? ? ? ? ?            2.003 ? ? 
metalc8  metalc ? ? E MG .  MG ? ? ? 1_555 G HOH .  O  ? ? B MG 1  B HOH 43 1_555 ? ? ? ? ? ? ?            2.046 ? ? 
metalc9  metalc ? ? E MG .  MG ? ? ? 1_555 G HOH .  O  ? ? B MG 1  B HOH 56 1_555 ? ? ? ? ? ? ?            1.833 ? ? 
metalc10 metalc ? ? E MG .  MG ? ? ? 1_555 G HOH .  O  ? ? B MG 1  B HOH 59 1_555 ? ? ? ? ? ? ?            1.989 ? ? 
metalc11 metalc ? ? E MG .  MG ? ? ? 1_555 G HOH .  O  ? ? B MG 1  B HOH 69 1_555 ? ? ? ? ? ? ?            1.987 ? ? 
hydrog1  hydrog ? ? A U  1  O4 ? ? ? 1_555 B DA  12 N6 ? ? A U  1  B DA  24 1_555 ? ? ? ? ? ? 'U-DA PAIR'  ?     ? ? 
hydrog2  hydrog ? ? A A  2  N1 ? ? ? 1_555 B DT  11 N3 ? ? A A  2  B DT  23 1_555 ? ? ? ? ? ? WATSON-CRICK ?     ? ? 
hydrog3  hydrog ? ? A A  2  N6 ? ? ? 1_555 B DT  11 O4 ? ? A A  2  B DT  23 1_555 ? ? ? ? ? ? WATSON-CRICK ?     ? ? 
hydrog4  hydrog ? ? A A  3  N1 ? ? ? 1_555 B DT  10 N3 ? ? A A  3  B DT  22 1_555 ? ? ? ? ? ? WATSON-CRICK ?     ? ? 
hydrog5  hydrog ? ? A A  3  N6 ? ? ? 1_555 B DT  10 O4 ? ? A A  3  B DT  22 1_555 ? ? ? ? ? ? WATSON-CRICK ?     ? ? 
hydrog6  hydrog ? ? A A  4  N1 ? ? ? 1_555 B DT  9  N3 ? ? A A  4  B DT  21 1_555 ? ? ? ? ? ? WATSON-CRICK ?     ? ? 
hydrog7  hydrog ? ? A A  4  N6 ? ? ? 1_555 B DT  9  O4 ? ? A A  4  B DT  21 1_555 ? ? ? ? ? ? WATSON-CRICK ?     ? ? 
hydrog8  hydrog ? ? A A  5  N1 ? ? ? 1_555 B DT  8  N3 ? ? A A  5  B DT  20 1_555 ? ? ? ? ? ? WATSON-CRICK ?     ? ? 
hydrog9  hydrog ? ? A A  5  N6 ? ? ? 1_555 B DT  8  O4 ? ? A A  5  B DT  20 1_555 ? ? ? ? ? ? WATSON-CRICK ?     ? ? 
hydrog10 hydrog ? ? A G  6  N1 ? ? ? 1_555 B DC  7  N3 ? ? A G  6  B DC  19 1_555 ? ? ? ? ? ? WATSON-CRICK ?     ? ? 
hydrog11 hydrog ? ? A G  6  N2 ? ? ? 1_555 B DC  7  O2 ? ? A G  6  B DC  19 1_555 ? ? ? ? ? ? WATSON-CRICK ?     ? ? 
hydrog12 hydrog ? ? A G  6  O6 ? ? ? 1_555 B DC  7  N4 ? ? A G  6  B DC  19 1_555 ? ? ? ? ? ? WATSON-CRICK ?     ? ? 
hydrog13 hydrog ? ? A A  7  N1 A ? ? 1_555 B DT  6  N3 ? ? A A  7  B DT  18 1_555 ? ? ? ? ? ? WATSON-CRICK ?     ? ? 
hydrog14 hydrog ? ? A A  7  N6 A ? ? 1_555 B DT  6  O4 ? ? A A  7  B DT  18 1_555 ? ? ? ? ? ? WATSON-CRICK ?     ? ? 
hydrog15 hydrog ? ? A A  8  N1 ? ? ? 1_555 B DT  5  N3 ? ? A A  8  B DT  17 1_555 ? ? ? ? ? ? WATSON-CRICK ?     ? ? 
hydrog16 hydrog ? ? A A  8  N6 ? ? ? 1_555 B DT  5  O4 ? ? A A  8  B DT  17 1_555 ? ? ? ? ? ? WATSON-CRICK ?     ? ? 
hydrog17 hydrog ? ? A A  9  N1 ? ? ? 1_555 B DT  4  N3 ? ? A A  9  B DT  16 1_555 ? ? ? ? ? ? WATSON-CRICK ?     ? ? 
hydrog18 hydrog ? ? A A  9  N6 ? ? ? 1_555 B DT  4  O4 ? ? A A  9  B DT  16 1_555 ? ? ? ? ? ? WATSON-CRICK ?     ? ? 
hydrog19 hydrog ? ? A A  10 N1 ? ? ? 1_555 B DT  3  N3 ? ? A A  10 B DT  15 1_555 ? ? ? ? ? ? WATSON-CRICK ?     ? ? 
hydrog20 hydrog ? ? A A  10 N6 ? ? ? 1_555 B DT  3  O4 ? ? A A  10 B DT  15 1_555 ? ? ? ? ? ? WATSON-CRICK ?     ? ? 
hydrog21 hydrog ? ? A G  11 N1 ? ? ? 1_555 B DC  2  N3 ? ? A G  11 B DC  14 1_555 ? ? ? ? ? ? WATSON-CRICK ?     ? ? 
hydrog22 hydrog ? ? A G  11 N2 ? ? ? 1_555 B DC  2  O2 ? ? A G  11 B DC  14 1_555 ? ? ? ? ? ? WATSON-CRICK ?     ? ? 
hydrog23 hydrog ? ? A G  11 O6 ? ? ? 1_555 B DC  2  N4 ? ? A G  11 B DC  14 1_555 ? ? ? ? ? ? WATSON-CRICK ?     ? ? 
hydrog24 hydrog ? ? A G  12 N1 ? ? ? 1_555 B DC  1  N3 ? ? A G  12 B DC  13 1_555 ? ? ? ? ? ? WATSON-CRICK ?     ? ? 
hydrog25 hydrog ? ? A G  12 N2 ? ? ? 1_555 B DC  1  O2 ? ? A G  12 B DC  13 1_555 ? ? ? ? ? ? WATSON-CRICK ?     ? ? 
hydrog26 hydrog ? ? A G  12 O6 ? ? ? 1_555 B DC  1  N4 ? ? A G  12 B DC  13 1_555 ? ? ? ? ? ? WATSON-CRICK ?     ? ? 
# 
loop_
_struct_conn_type.id 
_struct_conn_type.criteria 
_struct_conn_type.reference 
metalc ? ? 
hydrog ? ? 
# 
loop_
_struct_site.id 
_struct_site.pdbx_evidence_code 
_struct_site.pdbx_auth_asym_id 
_struct_site.pdbx_auth_comp_id 
_struct_site.pdbx_auth_seq_id 
_struct_site.pdbx_auth_ins_code 
_struct_site.pdbx_num_residues 
_struct_site.details 
AC1 Software A MG 13 ? 2 'BINDING SITE FOR RESIDUE MG A 13' 
AC2 Software B MG 1  ? 5 'BINDING SITE FOR RESIDUE MG B 1'  
AC3 Software A MG 14 ? 4 'BINDING SITE FOR RESIDUE MG A 14' 
# 
loop_
_struct_site_gen.id 
_struct_site_gen.site_id 
_struct_site_gen.pdbx_num_res 
_struct_site_gen.label_comp_id 
_struct_site_gen.label_asym_id 
_struct_site_gen.label_seq_id 
_struct_site_gen.pdbx_auth_ins_code 
_struct_site_gen.auth_comp_id 
_struct_site_gen.auth_asym_id 
_struct_site_gen.auth_seq_id 
_struct_site_gen.label_atom_id 
_struct_site_gen.label_alt_id 
_struct_site_gen.symmetry 
_struct_site_gen.details 
1  AC1 2 HOH F . ? HOH A 63 . ? 1_555 ? 
2  AC1 2 HOH F . ? HOH A 64 . ? 1_555 ? 
3  AC2 5 HOH G . ? HOH B 42 . ? 1_555 ? 
4  AC2 5 HOH G . ? HOH B 43 . ? 1_555 ? 
5  AC2 5 HOH G . ? HOH B 56 . ? 1_555 ? 
6  AC2 5 HOH G . ? HOH B 59 . ? 1_555 ? 
7  AC2 5 HOH G . ? HOH B 69 . ? 1_555 ? 
8  AC3 4 HOH F . ? HOH A 44 . ? 1_555 ? 
9  AC3 4 HOH F . ? HOH A 45 . ? 1_555 ? 
10 AC3 4 HOH F . ? HOH A 46 . ? 1_555 ? 
11 AC3 4 HOH F . ? HOH A 57 . ? 1_555 ? 
# 
_atom_sites.entry_id                    3SSF 
_atom_sites.fract_transf_matrix[1][1]   0.02364650 
_atom_sites.fract_transf_matrix[1][2]   0.00141881 
_atom_sites.fract_transf_matrix[1][3]   -0.01407671 
_atom_sites.fract_transf_matrix[2][1]   0.02180574 
_atom_sites.fract_transf_matrix[2][2]   -0.01473197 
_atom_sites.fract_transf_matrix[2][3]   0.00817386 
_atom_sites.fract_transf_matrix[3][1]   -0.00520119 
_atom_sites.fract_transf_matrix[3][2]   -0.01328950 
_atom_sites.fract_transf_matrix[3][3]   -0.01007659 
_atom_sites.fract_transf_vector[1]      0.050302 
_atom_sites.fract_transf_vector[2]      0.439957 
_atom_sites.fract_transf_vector[3]      0.080092 
# 
loop_
_atom_type.symbol 
C  
MG 
N  
O  
P  
# 
loop_
_atom_site.group_PDB 
_atom_site.id 
_atom_site.type_symbol 
_atom_site.label_atom_id 
_atom_site.label_alt_id 
_atom_site.label_comp_id 
_atom_site.label_asym_id 
_atom_site.label_entity_id 
_atom_site.label_seq_id 
_atom_site.pdbx_PDB_ins_code 
_atom_site.Cartn_x 
_atom_site.Cartn_y 
_atom_site.Cartn_z 
_atom_site.occupancy 
_atom_site.B_iso_or_equiv 
_atom_site.pdbx_formal_charge 
_atom_site.auth_seq_id 
_atom_site.auth_comp_id 
_atom_site.auth_asym_id 
_atom_site.auth_atom_id 
_atom_site.pdbx_PDB_model_num 
ATOM   1   O  "O5'" . U   A 1 1  ? -7.548  -4.988  -8.046  1.00 53.82 ? 1  U   A "O5'" 1 
ATOM   2   C  "C5'" . U   A 1 1  ? -7.189  -6.358  -7.746  1.00 50.56 ? 1  U   A "C5'" 1 
ATOM   3   C  "C4'" . U   A 1 1  ? -6.604  -7.111  -8.944  1.00 48.75 ? 1  U   A "C4'" 1 
ATOM   4   O  "O4'" . U   A 1 1  ? -7.222  -6.720  -10.158 1.00 47.60 ? 1  U   A "O4'" 1 
ATOM   5   C  "C3'" . U   A 1 1  ? -5.163  -6.840  -9.276  1.00 43.49 ? 1  U   A "C3'" 1 
ATOM   6   O  "O3'" A U   A 1 1  ? -4.330  -7.439  -8.328  0.60 42.63 ? 1  U   A "O3'" 1 
ATOM   7   O  "O3'" B U   A 1 1  ? -4.449  -7.540  -8.249  0.40 45.89 ? 1  U   A "O3'" 1 
ATOM   8   C  "C2'" . U   A 1 1  ? -5.037  -7.424  -10.696 1.00 44.65 ? 1  U   A "C2'" 1 
ATOM   9   O  "O2'" . U   A 1 1  ? -4.908  -8.838  -10.704 1.00 43.74 ? 1  U   A "O2'" 1 
ATOM   10  C  "C1'" . U   A 1 1  ? -6.366  -6.895  -11.265 1.00 48.85 ? 1  U   A "C1'" 1 
ATOM   11  N  N1    . U   A 1 1  ? -6.403  -5.565  -12.054 1.00 48.17 ? 1  U   A N1    1 
ATOM   12  C  C2    . U   A 1 1  ? -5.877  -5.572  -13.347 1.00 49.09 ? 1  U   A C2    1 
ATOM   13  O  O2    . U   A 1 1  ? -5.364  -6.549  -13.838 1.00 48.10 ? 1  U   A O2    1 
ATOM   14  N  N3    . U   A 1 1  ? -5.960  -4.359  -14.037 1.00 51.12 ? 1  U   A N3    1 
ATOM   15  C  C4    . U   A 1 1  ? -6.555  -3.164  -13.592 1.00 51.95 ? 1  U   A C4    1 
ATOM   16  O  O4    . U   A 1 1  ? -6.591  -2.173  -14.311 1.00 50.93 ? 1  U   A O4    1 
ATOM   17  C  C5    . U   A 1 1  ? -7.128  -3.222  -12.261 1.00 52.13 ? 1  U   A C5    1 
ATOM   18  C  C6    . U   A 1 1  ? -7.045  -4.380  -11.564 1.00 52.17 ? 1  U   A C6    1 
ATOM   19  P  P     A A   A 1 2  ? -3.076  -6.626  -7.762  0.60 38.48 ? 2  A   A P     1 
ATOM   20  P  P     B A   A 1 2  ? -2.878  -7.558  -7.974  0.40 46.37 ? 2  A   A P     1 
ATOM   21  O  OP1   A A   A 1 2  ? -2.276  -7.553  -6.909  0.60 43.33 ? 2  A   A OP1   1 
ATOM   22  O  OP1   B A   A 1 2  ? -2.489  -8.980  -7.862  0.40 45.86 ? 2  A   A OP1   1 
ATOM   23  O  OP2   A A   A 1 2  ? -3.561  -5.276  -7.233  0.60 34.14 ? 2  A   A OP2   1 
ATOM   24  O  OP2   B A   A 1 2  ? -2.589  -6.620  -6.855  0.40 45.78 ? 2  A   A OP2   1 
ATOM   25  O  "O5'" A A   A 1 2  ? -2.263  -6.448  -9.140  0.60 37.06 ? 2  A   A "O5'" 1 
ATOM   26  O  "O5'" B A   A 1 2  ? -2.275  -6.918  -9.291  0.40 37.89 ? 2  A   A "O5'" 1 
ATOM   27  C  "C5'" A A   A 1 2  ? -1.629  -7.491  -9.958  0.60 36.48 ? 2  A   A "C5'" 1 
ATOM   28  C  "C5'" B A   A 1 2  ? -1.585  -7.718  -10.141 0.40 37.73 ? 2  A   A "C5'" 1 
ATOM   29  C  "C4'" . A   A 1 2  ? -0.751  -6.900  -11.092 1.00 33.14 ? 2  A   A "C4'" 1 
ATOM   30  O  "O4'" . A   A 1 2  ? -1.560  -6.314  -12.146 1.00 29.38 ? 2  A   A "O4'" 1 
ATOM   31  C  "C3'" . A   A 1 2  ? 0.083   -5.741  -10.591 1.00 31.97 ? 2  A   A "C3'" 1 
ATOM   32  O  "O3'" . A   A 1 2  ? 1.282   -6.268  -10.037 1.00 30.12 ? 2  A   A "O3'" 1 
ATOM   33  C  "C2'" . A   A 1 2  ? 0.345   -4.980  -11.843 1.00 29.03 ? 2  A   A "C2'" 1 
ATOM   34  O  "O2'" . A   A 1 2  ? 1.322   -5.611  -12.680 1.00 31.11 ? 2  A   A "O2'" 1 
ATOM   35  C  "C1'" . A   A 1 2  ? -1.046  -5.011  -12.395 1.00 30.92 ? 2  A   A "C1'" 1 
ATOM   36  N  N9    . A   A 1 2  ? -2.066  -4.025  -11.959 1.00 29.69 ? 2  A   A N9    1 
ATOM   37  C  C8    . A   A 1 2  ? -3.248  -4.247  -11.281 1.00 34.36 ? 2  A   A C8    1 
ATOM   38  N  N7    . A   A 1 2  ? -4.047  -3.236  -11.155 1.00 30.35 ? 2  A   A N7    1 
ATOM   39  C  C5    . A   A 1 2  ? -3.417  -2.277  -11.894 1.00 27.53 ? 2  A   A C5    1 
ATOM   40  C  C6    . A   A 1 2  ? -3.833  -0.960  -12.249 1.00 25.02 ? 2  A   A C6    1 
ATOM   41  N  N6    . A   A 1 2  ? -5.006  -0.427  -11.813 1.00 28.00 ? 2  A   A N6    1 
ATOM   42  N  N1    . A   A 1 2  ? -2.960  -0.210  -13.000 1.00 24.68 ? 2  A   A N1    1 
ATOM   43  C  C2    . A   A 1 2  ? -1.789  -0.810  -13.381 1.00 25.20 ? 2  A   A C2    1 
ATOM   44  N  N3    . A   A 1 2  ? -1.367  -2.063  -13.152 1.00 22.33 ? 2  A   A N3    1 
ATOM   45  C  C4    . A   A 1 2  ? -2.210  -2.755  -12.422 1.00 25.42 ? 2  A   A C4    1 
ATOM   46  P  P     . A   A 1 3  ? 1.902   -5.617  -8.753  1.00 31.94 ? 3  A   A P     1 
ATOM   47  O  OP1   . A   A 1 3  ? 3.070   -6.524  -8.405  1.00 30.66 ? 3  A   A OP1   1 
ATOM   48  O  OP2   . A   A 1 3  ? 0.840   -5.295  -7.750  1.00 34.28 ? 3  A   A OP2   1 
ATOM   49  O  "O5'" . A   A 1 3  ? 2.461   -4.228  -9.253  1.00 31.31 ? 3  A   A "O5'" 1 
ATOM   50  C  "C5'" . A   A 1 3  ? 3.482   -4.108  -10.216 1.00 30.41 ? 3  A   A "C5'" 1 
ATOM   51  C  "C4'" . A   A 1 3  ? 3.541   -2.691  -10.733 1.00 29.30 ? 3  A   A "C4'" 1 
ATOM   52  O  "O4'" . A   A 1 3  ? 2.314   -2.384  -11.392 1.00 26.40 ? 3  A   A "O4'" 1 
ATOM   53  C  "C3'" . A   A 1 3  ? 3.628   -1.608  -9.696  1.00 26.57 ? 3  A   A "C3'" 1 
ATOM   54  O  "O3'" . A   A 1 3  ? 4.964   -1.534  -9.306  1.00 27.68 ? 3  A   A "O3'" 1 
ATOM   55  C  "C2'" . A   A 1 3  ? 3.131   -0.412  -10.455 1.00 25.91 ? 3  A   A "C2'" 1 
ATOM   56  O  "O2'" . A   A 1 3  ? 4.026   0.100   -11.391 1.00 27.96 ? 3  A   A "O2'" 1 
ATOM   57  C  "C1'" . A   A 1 3  ? 1.975   -1.040  -11.150 1.00 24.95 ? 3  A   A "C1'" 1 
ATOM   58  N  N9    . A   A 1 3  ? 0.714   -1.009  -10.435 1.00 25.64 ? 3  A   A N9    1 
ATOM   59  C  C8    . A   A 1 3  ? 0.070   -2.004  -9.732  1.00 27.27 ? 3  A   A C8    1 
ATOM   60  N  N7    . A   A 1 3  ? -1.107  -1.713  -9.307  1.00 27.59 ? 3  A   A N7    1 
ATOM   61  C  C5    . A   A 1 3  ? -1.287  -0.440  -9.798  1.00 23.92 ? 3  A   A C5    1 
ATOM   62  C  C6    . A   A 1 3  ? -2.353  0.460   -9.666  1.00 22.94 ? 3  A   A C6    1 
ATOM   63  N  N6    . A   A 1 3  ? -3.510  0.147   -9.074  1.00 26.38 ? 3  A   A N6    1 
ATOM   64  N  N1    . A   A 1 3  ? -2.234  1.716   -10.271 1.00 25.24 ? 3  A   A N1    1 
ATOM   65  C  C2    . A   A 1 3  ? -1.048  2.020   -10.854 1.00 22.42 ? 3  A   A C2    1 
ATOM   66  N  N3    . A   A 1 3  ? 0.010   1.218   -11.046 1.00 23.92 ? 3  A   A N3    1 
ATOM   67  C  C4    . A   A 1 3  ? -0.144  0.030   -10.437 1.00 23.16 ? 3  A   A C4    1 
ATOM   68  P  P     . A   A 1 4  ? 5.348   -1.151  -7.835  1.00 31.76 ? 4  A   A P     1 
ATOM   69  O  OP1   . A   A 1 4  ? 6.803   -1.431  -7.731  1.00 32.85 ? 4  A   A OP1   1 
ATOM   70  O  OP2   . A   A 1 4  ? 4.373   -1.747  -6.866  1.00 28.03 ? 4  A   A OP2   1 
ATOM   71  O  "O5'" . A   A 1 4  ? 5.131   0.421   -7.810  1.00 28.27 ? 4  A   A "O5'" 1 
ATOM   72  C  "C5'" . A   A 1 4  ? 5.809   1.365   -8.666  1.00 30.11 ? 4  A   A "C5'" 1 
ATOM   73  C  "C4'" . A   A 1 4  ? 5.089   2.687   -8.714  1.00 31.06 ? 4  A   A "C4'" 1 
ATOM   74  O  "O4'" . A   A 1 4  ? 3.800   2.520   -9.310  1.00 29.28 ? 4  A   A "O4'" 1 
ATOM   75  C  "C3'" . A   A 1 4  ? 4.698   3.286   -7.379  1.00 30.84 ? 4  A   A "C3'" 1 
ATOM   76  O  "O3'" . A   A 1 4  ? 5.787   3.935   -6.780  1.00 32.91 ? 4  A   A "O3'" 1 
ATOM   77  C  "C2'" . A   A 1 4  ? 3.624   4.252   -7.756  1.00 29.49 ? 4  A   A "C2'" 1 
ATOM   78  O  "O2'" . A   A 1 4  ? 4.041   5.421   -8.471  1.00 31.63 ? 4  A   A "O2'" 1 
ATOM   79  C  "C1'" . A   A 1 4  ? 2.846   3.327   -8.654  1.00 30.72 ? 4  A   A "C1'" 1 
ATOM   80  N  N9    . A   A 1 4  ? 1.855   2.487   -7.979  1.00 23.32 ? 4  A   A N9    1 
ATOM   81  C  C8    . A   A 1 4  ? 1.938   1.178   -7.553  1.00 22.09 ? 4  A   A C8    1 
ATOM   82  N  N7    . A   A 1 4  ? 0.830   0.659   -7.045  1.00 23.95 ? 4  A   A N7    1 
ATOM   83  C  C5    . A   A 1 4  ? -0.051  1.706   -7.215  1.00 22.57 ? 4  A   A C5    1 
ATOM   84  C  C6    . A   A 1 4  ? -1.412  1.809   -6.915  1.00 22.27 ? 4  A   A C6    1 
ATOM   85  N  N6    . A   A 1 4  ? -2.132  0.838   -6.379  1.00 23.89 ? 4  A   A N6    1 
ATOM   86  N  N1    . A   A 1 4  ? -2.044  3.007   -7.196  1.00 24.98 ? 4  A   A N1    1 
ATOM   87  C  C2    . A   A 1 4  ? -1.333  4.003   -7.747  1.00 22.29 ? 4  A   A C2    1 
ATOM   88  N  N3    . A   A 1 4  ? -0.029  4.017   -8.106  1.00 26.87 ? 4  A   A N3    1 
ATOM   89  C  C4    . A   A 1 4  ? 0.574   2.833   -7.764  1.00 22.37 ? 4  A   A C4    1 
ATOM   90  P  P     . A   A 1 5  ? 5.871   4.013   -5.189  1.00 34.42 ? 5  A   A P     1 
ATOM   91  O  OP1   . A   A 1 5  ? 7.221   4.611   -4.931  1.00 34.74 ? 5  A   A OP1   1 
ATOM   92  O  OP2   . A   A 1 5  ? 5.546   2.710   -4.548  1.00 33.20 ? 5  A   A OP2   1 
ATOM   93  O  "O5'" . A   A 1 5  ? 4.735   5.071   -4.793  1.00 31.25 ? 5  A   A "O5'" 1 
ATOM   94  C  "C5'" . A   A 1 5  ? 4.769   6.421   -5.196  1.00 31.36 ? 5  A   A "C5'" 1 
ATOM   95  C  "C4'" . A   A 1 5  ? 3.485   7.143   -4.855  1.00 32.54 ? 5  A   A "C4'" 1 
ATOM   96  O  "O4'" . A   A 1 5  ? 2.402   6.640   -5.669  1.00 35.08 ? 5  A   A "O4'" 1 
ATOM   97  C  "C3'" . A   A 1 5  ? 2.946   6.954   -3.422  1.00 33.39 ? 5  A   A "C3'" 1 
ATOM   98  O  "O3'" . A   A 1 5  ? 3.602   7.792   -2.482  1.00 36.01 ? 5  A   A "O3'" 1 
ATOM   99  C  "C2'" . A   A 1 5  ? 1.492   7.316   -3.639  1.00 32.53 ? 5  A   A "C2'" 1 
ATOM   100 O  "O2'" . A   A 1 5  ? 1.299   8.693   -3.833  1.00 33.75 ? 5  A   A "O2'" 1 
ATOM   101 C  "C1'" . A   A 1 5  ? 1.213   6.525   -4.907  1.00 32.47 ? 5  A   A "C1'" 1 
ATOM   102 N  N9    . A   A 1 5  ? 0.845   5.112   -4.637  1.00 29.38 ? 5  A   A N9    1 
ATOM   103 C  C8    . A   A 1 5  ? 1.600   3.949   -4.591  1.00 28.86 ? 5  A   A C8    1 
ATOM   104 N  N7    . A   A 1 5  ? 0.953   2.860   -4.258  1.00 32.40 ? 5  A   A N7    1 
ATOM   105 C  C5    . A   A 1 5  ? -0.341  3.341   -4.019  1.00 27.76 ? 5  A   A C5    1 
ATOM   106 C  C6    . A   A 1 5  ? -1.563  2.704   -3.656  1.00 25.46 ? 5  A   A C6    1 
ATOM   107 N  N6    . A   A 1 5  ? -1.707  1.391   -3.453  1.00 28.75 ? 5  A   A N6    1 
ATOM   108 N  N1    . A   A 1 5  ? -2.671  3.503   -3.543  1.00 25.39 ? 5  A   A N1    1 
ATOM   109 C  C2    . A   A 1 5  ? -2.561  4.847   -3.719  1.00 26.48 ? 5  A   A C2    1 
ATOM   110 N  N3    . A   A 1 5  ? -1.466  5.540   -4.112  1.00 27.19 ? 5  A   A N3    1 
ATOM   111 C  C4    . A   A 1 5  ? -0.405  4.727   -4.239  1.00 28.63 ? 5  A   A C4    1 
ATOM   112 P  P     . G   A 1 6  ? 3.710   7.383   -0.949  1.00 36.17 ? 6  G   A P     1 
ATOM   113 O  OP1   . G   A 1 6  ? 4.596   8.390   -0.284  1.00 37.47 ? 6  G   A OP1   1 
ATOM   114 O  OP2   . G   A 1 6  ? 4.009   5.937   -0.791  1.00 33.40 ? 6  G   A OP2   1 
ATOM   115 O  "O5'" . G   A 1 6  ? 2.204   7.647   -0.501  1.00 30.88 ? 6  G   A "O5'" 1 
ATOM   116 C  "C5'" . G   A 1 6  ? 1.621   8.907   -0.434  1.00 34.80 ? 6  G   A "C5'" 1 
ATOM   117 C  "C4'" . G   A 1 6  ? 0.152   8.783   -0.107  1.00 31.89 ? 6  G   A "C4'" 1 
ATOM   118 O  "O4'" . G   A 1 6  ? -0.534  7.963   -1.047  1.00 31.71 ? 6  G   A "O4'" 1 
ATOM   119 C  "C3'" A G   A 1 6  ? -0.283  8.154   1.209   0.60 28.28 ? 6  G   A "C3'" 1 
ATOM   120 C  "C3'" B G   A 1 6  ? -0.096  8.093   1.249   0.40 30.67 ? 6  G   A "C3'" 1 
ATOM   121 O  "O3'" A G   A 1 6  ? -0.218  9.056   2.212   0.60 31.71 ? 6  G   A "O3'" 1 
ATOM   122 O  "O3'" B G   A 1 6  ? 0.350   8.928   2.368   0.40 33.51 ? 6  G   A "O3'" 1 
ATOM   123 C  "C2'" A G   A 1 6  ? -1.749  7.845   0.969   0.60 30.58 ? 6  G   A "C2'" 1 
ATOM   124 C  "C2'" B G   A 1 6  ? -1.597  7.826   1.071   0.40 31.62 ? 6  G   A "C2'" 1 
ATOM   125 O  "O2'" A G   A 1 6  ? -2.638  8.943   0.852   0.60 33.05 ? 6  G   A "O2'" 1 
ATOM   126 O  "O2'" B G   A 1 6  ? -2.414  8.982   1.206   0.40 34.18 ? 6  G   A "O2'" 1 
ATOM   127 C  "C1'" . G   A 1 6  ? -1.583  7.252   -0.368  1.00 31.53 ? 6  G   A "C1'" 1 
ATOM   128 N  N9    . G   A 1 6  ? -1.343  5.825   -0.369  1.00 27.30 ? 6  G   A N9    1 
ATOM   129 C  C8    . G   A 1 6  ? -0.159  5.181   -0.706  1.00 29.76 ? 6  G   A C8    1 
ATOM   130 N  N7    . G   A 1 6  ? -0.239  3.913   -0.695  1.00 26.38 ? 6  G   A N7    1 
ATOM   131 C  C5    . G   A 1 6  ? -1.536  3.658   -0.334  1.00 24.11 ? 6  G   A C5    1 
ATOM   132 C  C6    . G   A 1 6  ? -2.210  2.425   -0.187  1.00 28.76 ? 6  G   A C6    1 
ATOM   133 O  O6    . G   A 1 6  ? -1.750  1.292   -0.344  1.00 26.68 ? 6  G   A O6    1 
ATOM   134 N  N1    . G   A 1 6  ? -3.536  2.599   0.214   1.00 24.68 ? 6  G   A N1    1 
ATOM   135 C  C2    . G   A 1 6  ? -4.138  3.817   0.439   1.00 24.60 ? 6  G   A C2    1 
ATOM   136 N  N2    . G   A 1 6  ? -5.413  3.809   0.873   1.00 26.50 ? 6  G   A N2    1 
ATOM   137 N  N3    . G   A 1 6  ? -3.502  4.971   0.290   1.00 24.65 ? 6  G   A N3    1 
ATOM   138 C  C4    . G   A 1 6  ? -2.241  4.840   -0.105  1.00 26.04 ? 6  G   A C4    1 
ATOM   139 P  P     A A   A 1 7  ? -0.197  8.626   3.734   0.60 26.14 ? 7  A   A P     1 
ATOM   140 P  P     B A   A 1 7  ? 1.324   8.508   3.610   0.40 32.06 ? 7  A   A P     1 
ATOM   141 O  OP1   A A   A 1 7  ? 0.095   9.886   4.501   0.60 24.54 ? 7  A   A OP1   1 
ATOM   142 O  OP1   B A   A 1 7  ? 1.759   9.744   4.296   0.40 33.94 ? 7  A   A OP1   1 
ATOM   143 O  OP2   A A   A 1 7  ? 0.677   7.429   3.824   0.60 25.77 ? 7  A   A OP2   1 
ATOM   144 O  OP2   B A   A 1 7  ? 2.331   7.492   3.247   0.40 32.82 ? 7  A   A OP2   1 
ATOM   145 O  "O5'" A A   A 1 7  ? -1.686  8.252   4.182   0.60 27.01 ? 7  A   A "O5'" 1 
ATOM   146 O  "O5'" B A   A 1 7  ? 0.304   7.788   4.615   0.40 30.06 ? 7  A   A "O5'" 1 
ATOM   147 C  "C5'" A A   A 1 7  ? -2.794  9.105   4.263   0.60 24.52 ? 7  A   A "C5'" 1 
ATOM   148 C  "C5'" B A   A 1 7  ? -0.834  8.487   5.093   0.40 28.50 ? 7  A   A "C5'" 1 
ATOM   149 C  "C4'" A A   A 1 7  ? -4.041  8.299   4.667   0.60 25.02 ? 7  A   A "C4'" 1 
ATOM   150 C  "C4'" B A   A 1 7  ? -2.013  7.558   5.254   0.40 27.61 ? 7  A   A "C4'" 1 
ATOM   151 O  "O4'" A A   A 1 7  ? -4.469  7.357   3.618   0.60 27.83 ? 7  A   A "O4'" 1 
ATOM   152 O  "O4'" B A   A 1 7  ? -2.315  6.910   3.996   0.40 26.66 ? 7  A   A "O4'" 1 
ATOM   153 C  "C3'" A A   A 1 7  ? -3.902  7.410   5.894   0.60 25.40 ? 7  A   A "C3'" 1 
ATOM   154 C  "C3'" B A   A 1 7  ? -1.798  6.398   6.206   0.40 25.75 ? 7  A   A "C3'" 1 
ATOM   155 O  "O3'" A A   A 1 7  ? -4.036  8.138   7.135   0.60 25.47 ? 7  A   A "O3'" 1 
ATOM   156 O  "O3'" B A   A 1 7  ? -1.834  6.878   7.542   0.40 23.17 ? 7  A   A "O3'" 1 
ATOM   157 C  "C2'" A A   A 1 7  ? -5.103  6.499   5.700   0.60 21.49 ? 7  A   A "C2'" 1 
ATOM   158 C  "C2'" B A   A 1 7  ? -2.941  5.480   5.775   0.40 24.88 ? 7  A   A "C2'" 1 
ATOM   159 O  "O2'" A A   A 1 7  ? -6.305  7.201   5.960   0.60 21.33 ? 7  A   A "O2'" 1 
ATOM   160 O  "O2'" B A   A 1 7  ? -4.226  5.805   6.283   0.40 25.73 ? 7  A   A "O2'" 1 
ATOM   161 C  "C1'" A A   A 1 7  ? -4.908  6.148   4.239   0.60 24.91 ? 7  A   A "C1'" 1 
ATOM   162 C  "C1'" B A   A 1 7  ? -2.774  5.606   4.265   0.40 24.61 ? 7  A   A "C1'" 1 
ATOM   163 N  N9    A A   A 1 7  ? -3.936  5.068   3.991   0.60 22.76 ? 7  A   A N9    1 
ATOM   164 N  N9    B A   A 1 7  ? -1.804  4.644   3.737   0.40 25.39 ? 7  A   A N9    1 
ATOM   165 C  C8    A A   A 1 7  ? -2.610  5.176   3.617   0.60 23.50 ? 7  A   A C8    1 
ATOM   166 C  C8    B A   A 1 7  ? -0.478  4.789   3.396   0.40 25.30 ? 7  A   A C8    1 
ATOM   167 N  N7    A A   A 1 7  ? -1.979  4.074   3.335   0.60 23.83 ? 7  A   A N7    1 
ATOM   168 N  N7    B A   A 1 7  ? 0.067   3.685   2.959   0.40 25.37 ? 7  A   A N7    1 
ATOM   169 C  C5    A A   A 1 7  ? -2.944  3.108   3.567   0.60 25.08 ? 7  A   A C5    1 
ATOM   170 C  C5    B A   A 1 7  ? -0.972  2.769   2.992   0.40 26.22 ? 7  A   A C5    1 
ATOM   171 C  C6    A A   A 1 7  ? -2.922  1.690   3.467   0.60 23.98 ? 7  A   A C6    1 
ATOM   172 C  C6    B A   A 1 7  ? -1.081  1.397   2.695   0.40 27.31 ? 7  A   A C6    1 
ATOM   173 N  N6    A A   A 1 7  ? -1.865  0.957   3.059   0.60 25.81 ? 7  A   A N6    1 
ATOM   174 N  N6    B A   A 1 7  ? -0.105  0.671   2.147   0.40 28.21 ? 7  A   A N6    1 
ATOM   175 N  N1    A A   A 1 7  ? -4.101  1.034   3.714   0.60 24.15 ? 7  A   A N1    1 
ATOM   176 N  N1    B A   A 1 7  ? -2.301  0.846   2.850   0.40 26.52 ? 7  A   A N1    1 
ATOM   177 C  C2    A A   A 1 7  ? -5.195  1.717   4.058   0.60 21.42 ? 7  A   A C2    1 
ATOM   178 C  C2    B A   A 1 7  ? -3.301  1.589   3.338   0.40 27.89 ? 7  A   A C2    1 
ATOM   179 N  N3    A A   A 1 7  ? -5.331  3.042   4.237   0.60 26.92 ? 7  A   A N3    1 
ATOM   180 N  N3    B A   A 1 7  ? -3.304  2.838   3.684   0.40 25.83 ? 7  A   A N3    1 
ATOM   181 C  C4    A A   A 1 7  ? -4.177  3.709   3.924   0.60 23.46 ? 7  A   A C4    1 
ATOM   182 C  C4    B A   A 1 7  ? -2.109  3.363   3.473   0.40 27.98 ? 7  A   A C4    1 
ATOM   183 P  P     A A   A 1 8  ? -3.146  7.745   8.389   0.60 33.55 ? 8  A   A P     1 
ATOM   184 P  P     B A   A 1 8  ? -0.960  6.189   8.681   0.40 28.30 ? 8  A   A P     1 
ATOM   185 O  OP1   A A   A 1 8  ? -3.521  8.657   9.529   0.60 26.43 ? 8  A   A OP1   1 
ATOM   186 O  OP1   B A   A 1 8  ? -0.988  7.095   9.855   0.40 28.52 ? 8  A   A OP1   1 
ATOM   187 O  OP2   A A   A 1 8  ? -1.731  7.635   7.975   0.60 31.31 ? 8  A   A OP2   1 
ATOM   188 O  OP2   B A   A 1 8  ? 0.310   5.642   8.129   0.40 28.40 ? 8  A   A OP2   1 
ATOM   189 O  "O5'" A A   A 1 8  ? -3.643  6.215   8.636   0.60 33.40 ? 8  A   A "O5'" 1 
ATOM   190 O  "O5'" B A   A 1 8  ? -1.902  5.005   8.998   0.40 27.50 ? 8  A   A "O5'" 1 
ATOM   191 C  "C5'" A A   A 1 8  ? -2.829  5.206   9.313   0.60 31.17 ? 8  A   A "C5'" 1 
ATOM   192 C  "C5'" B A   A 1 8  ? -3.140  5.202   9.558   0.40 27.46 ? 8  A   A "C5'" 1 
ATOM   193 C  "C4'" A A   A 1 8  ? -3.615  3.921   9.580   0.60 30.57 ? 8  A   A "C4'" 1 
ATOM   194 C  "C4'" B A   A 1 8  ? -3.759  3.848   9.649   0.40 28.45 ? 8  A   A "C4'" 1 
ATOM   195 O  "O4'" . A   A 1 8  ? -3.989  3.329   8.330   1.00 27.68 ? 8  A   A "O4'" 1 
ATOM   196 C  "C3'" . A   A 1 8  ? -2.875  2.794   10.315  1.00 26.41 ? 8  A   A "C3'" 1 
ATOM   197 O  "O3'" . A   A 1 8  ? -2.952  3.030   11.700  1.00 27.49 ? 8  A   A "O3'" 1 
ATOM   198 C  "C2'" . A   A 1 8  ? -3.554  1.537   9.832   1.00 28.54 ? 8  A   A "C2'" 1 
ATOM   199 O  "O2'" . A   A 1 8  ? -4.777  1.282   10.507  1.00 27.89 ? 8  A   A "O2'" 1 
ATOM   200 C  "C1'" . A   A 1 8  ? -3.737  1.936   8.372   1.00 29.11 ? 8  A   A "C1'" 1 
ATOM   201 N  N9    . A   A 1 8  ? -2.575  1.651   7.505   1.00 27.15 ? 8  A   A N9    1 
ATOM   202 C  C8    . A   A 1 8  ? -1.590  2.453   7.013   1.00 30.19 ? 8  A   A C8    1 
ATOM   203 N  N7    . A   A 1 8  ? -0.722  1.892   6.242   1.00 28.61 ? 8  A   A N7    1 
ATOM   204 C  C5    . A   A 1 8  ? -1.151  0.583   6.250   1.00 22.73 ? 8  A   A C5    1 
ATOM   205 C  C6    . A   A 1 8  ? -0.633  -0.553  5.591   1.00 27.31 ? 8  A   A C6    1 
ATOM   206 N  N6    . A   A 1 8  ? 0.427   -0.521  4.785   1.00 26.20 ? 8  A   A N6    1 
ATOM   207 N  N1    . A   A 1 8  ? -1.284  -1.725  5.799   1.00 23.99 ? 8  A   A N1    1 
ATOM   208 C  C2    . A   A 1 8  ? -2.419  -1.746  6.551   1.00 26.88 ? 8  A   A C2    1 
ATOM   209 N  N3    . A   A 1 8  ? -2.997  -0.741  7.207   1.00 25.53 ? 8  A   A N3    1 
ATOM   210 C  C4    . A   A 1 8  ? -2.286  0.414   7.027   1.00 24.88 ? 8  A   A C4    1 
ATOM   211 P  P     . A   A 1 9  ? -1.771  2.753   12.705  1.00 30.36 ? 9  A   A P     1 
ATOM   212 O  OP1   . A   A 1 9  ? -2.153  3.289   14.032  1.00 31.85 ? 9  A   A OP1   1 
ATOM   213 O  OP2   . A   A 1 9  ? -0.537  3.182   11.966  1.00 27.77 ? 9  A   A OP2   1 
ATOM   214 O  "O5'" . A   A 1 9  ? -1.760  1.187   12.742  1.00 27.05 ? 9  A   A "O5'" 1 
ATOM   215 C  "C5'" . A   A 1 9  ? -2.764  0.445   13.293  1.00 26.15 ? 9  A   A "C5'" 1 
ATOM   216 C  "C4'" . A   A 1 9  ? -2.609  -1.005  12.943  1.00 28.37 ? 9  A   A "C4'" 1 
ATOM   217 O  "O4'" . A   A 1 9  ? -2.731  -1.192  11.540  1.00 26.83 ? 9  A   A "O4'" 1 
ATOM   218 C  "C3'" . A   A 1 9  ? -1.277  -1.668  13.257  1.00 28.86 ? 9  A   A "C3'" 1 
ATOM   219 O  "O3'" . A   A 1 9  ? -1.204  -1.979  14.642  1.00 29.92 ? 9  A   A "O3'" 1 
ATOM   220 C  "C2'" . A   A 1 9  ? -1.394  -2.893  12.365  1.00 24.86 ? 9  A   A "C2'" 1 
ATOM   221 O  "O2'" . A   A 1 9  ? -2.327  -3.829  12.859  1.00 26.49 ? 9  A   A "O2'" 1 
ATOM   222 C  "C1'" . A   A 1 9  ? -1.918  -2.251  11.095  1.00 29.62 ? 9  A   A "C1'" 1 
ATOM   223 N  N9    . A   A 1 9  ? -0.891  -1.708  10.217  1.00 26.18 ? 9  A   A N9    1 
ATOM   224 C  C8    . A   A 1 9  ? -0.363  -0.437  10.135  1.00 26.97 ? 9  A   A C8    1 
ATOM   225 N  N7    . A   A 1 9  ? 0.558   -0.275  9.212   1.00 24.90 ? 9  A   A N7    1 
ATOM   226 C  C5    . A   A 1 9  ? 0.712   -1.539  8.707   1.00 26.57 ? 9  A   A C5    1 
ATOM   227 C  C6    . A   A 1 9  ? 1.550   -2.056  7.690   1.00 23.59 ? 9  A   A C6    1 
ATOM   228 N  N6    . A   A 1 9  ? 2.428   -1.321  6.978   1.00 21.75 ? 9  A   A N6    1 
ATOM   229 N  N1    . A   A 1 9  ? 1.455   -3.400  7.427   1.00 24.31 ? 9  A   A N1    1 
ATOM   230 C  C2    . A   A 1 9  ? 0.548   -4.133  8.125   1.00 21.69 ? 9  A   A C2    1 
ATOM   231 N  N3    . A   A 1 9  ? -0.319  -3.719  9.075   1.00 22.69 ? 9  A   A N3    1 
ATOM   232 C  C4    . A   A 1 9  ? -0.180  -2.428  9.327   1.00 23.23 ? 9  A   A C4    1 
ATOM   233 P  P     . A   A 1 10 ? 0.210   -2.148  15.351  1.00 29.45 ? 10 A   A P     1 
ATOM   234 O  OP1   . A   A 1 10 ? -0.079  -2.405  16.790  1.00 34.43 ? 10 A   A OP1   1 
ATOM   235 O  OP2   . A   A 1 10 ? 1.119   -1.058  14.918  1.00 29.27 ? 10 A   A OP2   1 
ATOM   236 O  "O5'" . A   A 1 10 ? 0.716   -3.514  14.696  1.00 26.76 ? 10 A   A "O5'" 1 
ATOM   237 C  "C5'" . A   A 1 10 ? 0.221   -4.768  15.050  1.00 27.93 ? 10 A   A "C5'" 1 
ATOM   238 C  "C4'" . A   A 1 10 ? 0.890   -5.813  14.165  1.00 25.38 ? 10 A   A "C4'" 1 
ATOM   239 O  "O4'" . A   A 1 10 ? 0.636   -5.542  12.774  1.00 24.89 ? 10 A   A "O4'" 1 
ATOM   240 C  "C3'" . A   A 1 10 ? 2.397   -5.812  14.252  1.00 22.33 ? 10 A   A "C3'" 1 
ATOM   241 O  "O3'" . A   A 1 10 ? 2.842   -6.480  15.460  1.00 24.80 ? 10 A   A "O3'" 1 
ATOM   242 C  "C2'" . A   A 1 10 ? 2.704   -6.542  12.958  1.00 24.23 ? 10 A   A "C2'" 1 
ATOM   243 O  "O2'" . A   A 1 10 ? 2.421   -7.903  13.063  1.00 22.07 ? 10 A   A "O2'" 1 
ATOM   244 C  "C1'" . A   A 1 10 ? 1.773   -5.846  11.978  1.00 21.87 ? 10 A   A "C1'" 1 
ATOM   245 N  N9    . A   A 1 10 ? 2.396   -4.632  11.466  1.00 21.79 ? 10 A   A N9    1 
ATOM   246 C  C8    . A   A 1 10 ? 2.314   -3.328  11.870  1.00 24.94 ? 10 A   A C8    1 
ATOM   247 N  N7    . A   A 1 10 ? 3.006   -2.467  11.157  1.00 24.84 ? 10 A   A N7    1 
ATOM   248 C  C5    . A   A 1 10 ? 3.629   -3.245  10.234  1.00 20.23 ? 10 A   A C5    1 
ATOM   249 C  C6    . A   A 1 10 ? 4.498   -2.941  9.122   1.00 19.71 ? 10 A   A C6    1 
ATOM   250 N  N6    . A   A 1 10 ? 4.981   -1.736  8.799   1.00 22.31 ? 10 A   A N6    1 
ATOM   251 N  N1    . A   A 1 10 ? 4.939   -3.972  8.386   1.00 21.35 ? 10 A   A N1    1 
ATOM   252 C  C2    . A   A 1 10 ? 4.472   -5.221  8.656   1.00 22.70 ? 10 A   A C2    1 
ATOM   253 N  N3    . A   A 1 10 ? 3.651   -5.611  9.658   1.00 20.50 ? 10 A   A N3    1 
ATOM   254 C  C4    . A   A 1 10 ? 3.253   -4.574  10.399  1.00 17.41 ? 10 A   A C4    1 
ATOM   255 P  P     . G   A 1 11 ? 4.122   -5.961  16.231  1.00 26.82 ? 11 G   A P     1 
ATOM   256 O  OP1   . G   A 1 11 ? 4.047   -6.625  17.598  1.00 29.35 ? 11 G   A OP1   1 
ATOM   257 O  OP2   . G   A 1 11 ? 4.281   -4.489  16.171  1.00 26.45 ? 11 G   A OP2   1 
ATOM   258 O  "O5'" . G   A 1 11 ? 5.289   -6.589  15.330  1.00 23.67 ? 11 G   A "O5'" 1 
ATOM   259 C  "C5'" . G   A 1 11 ? 5.474   -7.965  15.310  1.00 22.22 ? 11 G   A "C5'" 1 
ATOM   260 C  "C4'" . G   A 1 11 ? 6.361   -8.326  14.147  1.00 20.66 ? 11 G   A "C4'" 1 
ATOM   261 O  "O4'" . G   A 1 11 ? 5.788   -7.853  12.907  1.00 22.78 ? 11 G   A "O4'" 1 
ATOM   262 C  "C3'" . G   A 1 11 ? 7.757   -7.698  14.102  1.00 21.92 ? 11 G   A "C3'" 1 
ATOM   263 O  "O3'" . G   A 1 11 ? 8.596   -8.396  14.998  1.00 20.74 ? 11 G   A "O3'" 1 
ATOM   264 C  "C2'" . G   A 1 11 ? 8.090   -7.911  12.638  1.00 21.03 ? 11 G   A "C2'" 1 
ATOM   265 O  "O2'" . G   A 1 11 ? 8.399   -9.250  12.310  1.00 25.06 ? 11 G   A "O2'" 1 
ATOM   266 C  "C1'" . G   A 1 11 ? 6.789   -7.468  11.994  1.00 21.63 ? 11 G   A "C1'" 1 
ATOM   267 N  N9    . G   A 1 11 ? 6.756   -6.037  11.792  1.00 21.23 ? 11 G   A N9    1 
ATOM   268 C  C8    . G   A 1 11 ? 6.211   -5.072  12.571  1.00 20.65 ? 11 G   A C8    1 
ATOM   269 N  N7    . G   A 1 11 ? 6.373   -3.854  12.132  1.00 23.21 ? 11 G   A N7    1 
ATOM   270 C  C5    . G   A 1 11 ? 7.196   -4.009  11.074  1.00 22.67 ? 11 G   A C5    1 
ATOM   271 C  C6    . G   A 1 11 ? 7.741   -3.051  10.178  1.00 24.17 ? 11 G   A C6    1 
ATOM   272 O  O6    . G   A 1 11 ? 7.678   -1.827  10.216  1.00 21.85 ? 11 G   A O6    1 
ATOM   273 N  N1    . G   A 1 11 ? 8.490   -3.647  9.190   1.00 21.45 ? 11 G   A N1    1 
ATOM   274 C  C2    . G   A 1 11 ? 8.735   -5.014  9.036   1.00 20.88 ? 11 G   A C2    1 
ATOM   275 N  N2    . G   A 1 11 ? 9.532   -5.426  8.043   1.00 22.51 ? 11 G   A N2    1 
ATOM   276 N  N3    . G   A 1 11 ? 8.171   -5.918  9.866   1.00 20.43 ? 11 G   A N3    1 
ATOM   277 C  C4    . G   A 1 11 ? 7.442   -5.375  10.832  1.00 21.59 ? 11 G   A C4    1 
ATOM   278 P  P     . G   A 1 12 ? 9.846   -7.624  15.634  1.00 24.10 ? 12 G   A P     1 
ATOM   279 O  OP1   . G   A 1 12 ? 10.437  -8.625  16.597  1.00 28.47 ? 12 G   A OP1   1 
ATOM   280 O  OP2   . G   A 1 12 ? 9.490   -6.273  16.047  1.00 24.55 ? 12 G   A OP2   1 
ATOM   281 O  "O5'" . G   A 1 12 ? 10.847  -7.449  14.429  1.00 24.40 ? 12 G   A "O5'" 1 
ATOM   282 C  "C5'" . G   A 1 12 ? 11.439  -8.523  13.744  1.00 25.37 ? 12 G   A "C5'" 1 
ATOM   283 C  "C4'" . G   A 1 12 ? 12.251  -8.018  12.570  1.00 27.51 ? 12 G   A "C4'" 1 
ATOM   284 O  "O4'" . G   A 1 12 ? 11.391  -7.327  11.637  1.00 25.25 ? 12 G   A "O4'" 1 
ATOM   285 C  "C3'" . G   A 1 12 ? 13.343  -7.015  12.884  1.00 26.73 ? 12 G   A "C3'" 1 
ATOM   286 O  "O3'" . G   A 1 12 ? 14.549  -7.623  13.369  1.00 29.28 ? 12 G   A "O3'" 1 
ATOM   287 C  "C2'" . G   A 1 12 ? 13.531  -6.366  11.525  1.00 26.55 ? 12 G   A "C2'" 1 
ATOM   288 O  "O2'" . G   A 1 12 ? 14.343  -7.147  10.683  1.00 29.42 ? 12 G   A "O2'" 1 
ATOM   289 C  "C1'" . G   A 1 12 ? 12.090  -6.239  11.053  1.00 25.28 ? 12 G   A "C1'" 1 
ATOM   290 N  N9    . G   A 1 12 ? 11.476  -4.957  11.393  1.00 22.00 ? 12 G   A N9    1 
ATOM   291 C  C8    . G   A 1 12 ? 10.636  -4.643  12.420  1.00 22.51 ? 12 G   A C8    1 
ATOM   292 N  N7    . G   A 1 12 ? 10.289  -3.408  12.491  1.00 24.98 ? 12 G   A N7    1 
ATOM   293 C  C5    . G   A 1 12 ? 10.891  -2.856  11.373  1.00 24.06 ? 12 G   A C5    1 
ATOM   294 C  C6    . G   A 1 12 ? 10.876  -1.526  10.884  1.00 23.20 ? 12 G   A C6    1 
ATOM   295 O  O6    . G   A 1 12 ? 10.298  -0.581  11.384  1.00 27.66 ? 12 G   A O6    1 
ATOM   296 N  N1    . G   A 1 12 ? 11.669  -1.361  9.761   1.00 25.85 ? 12 G   A N1    1 
ATOM   297 C  C2    . G   A 1 12 ? 12.395  -2.365  9.158   1.00 22.07 ? 12 G   A C2    1 
ATOM   298 N  N2    . G   A 1 12 ? 13.102  -2.053  8.039   1.00 26.14 ? 12 G   A N2    1 
ATOM   299 N  N3    . G   A 1 12 ? 12.450  -3.637  9.604   1.00 25.42 ? 12 G   A N3    1 
ATOM   300 C  C4    . G   A 1 12 ? 11.624  -3.814  10.690  1.00 22.65 ? 12 G   A C4    1 
ATOM   301 O  "O5'" . DC  B 2 1  ? 11.531  5.908   4.972   1.00 45.58 ? 13 DC  B "O5'" 1 
ATOM   302 C  "C5'" . DC  B 2 1  ? 12.663  5.852   4.081   1.00 40.90 ? 13 DC  B "C5'" 1 
ATOM   303 C  "C4'" . DC  B 2 1  ? 13.435  4.548   4.198   1.00 34.87 ? 13 DC  B "C4'" 1 
ATOM   304 O  "O4'" . DC  B 2 1  ? 13.920  4.330   5.545   1.00 32.24 ? 13 DC  B "O4'" 1 
ATOM   305 C  "C3'" . DC  B 2 1  ? 12.645  3.294   3.897   1.00 32.55 ? 13 DC  B "C3'" 1 
ATOM   306 O  "O3'" . DC  B 2 1  ? 12.543  3.097   2.513   1.00 34.00 ? 13 DC  B "O3'" 1 
ATOM   307 C  "C2'" . DC  B 2 1  ? 13.526  2.253   4.528   1.00 30.24 ? 13 DC  B "C2'" 1 
ATOM   308 C  "C1'" . DC  B 2 1  ? 13.819  2.952   5.836   1.00 32.62 ? 13 DC  B "C1'" 1 
ATOM   309 N  N1    . DC  B 2 1  ? 12.823  2.702   6.951   1.00 27.53 ? 13 DC  B N1    1 
ATOM   310 C  C2    . DC  B 2 1  ? 12.726  1.390   7.509   1.00 25.63 ? 13 DC  B C2    1 
ATOM   311 O  O2    . DC  B 2 1  ? 13.452  0.484   7.089   1.00 24.71 ? 13 DC  B O2    1 
ATOM   312 N  N3    . DC  B 2 1  ? 11.902  1.195   8.617   1.00 25.27 ? 13 DC  B N3    1 
ATOM   313 C  C4    . DC  B 2 1  ? 11.096  2.174   9.079   1.00 27.54 ? 13 DC  B C4    1 
ATOM   314 N  N4    . DC  B 2 1  ? 10.288  1.949   10.113  1.00 29.15 ? 13 DC  B N4    1 
ATOM   315 C  C5    . DC  B 2 1  ? 11.125  3.491   8.502   1.00 34.31 ? 13 DC  B C5    1 
ATOM   316 C  C6    . DC  B 2 1  ? 12.003  3.702   7.488   1.00 32.89 ? 13 DC  B C6    1 
ATOM   317 P  P     . DC  B 2 2  ? 11.283  2.354   1.882   1.00 33.05 ? 14 DC  B P     1 
ATOM   318 O  OP1   . DC  B 2 2  ? 11.462  2.462   0.427   1.00 36.27 ? 14 DC  B OP1   1 
ATOM   319 O  OP2   . DC  B 2 2  ? 10.007  2.737   2.518   1.00 30.98 ? 14 DC  B OP2   1 
ATOM   320 O  "O5'" . DC  B 2 2  ? 11.555  0.836   2.290   1.00 28.04 ? 14 DC  B "O5'" 1 
ATOM   321 C  "C5'" . DC  B 2 2  ? 12.692  0.171   1.874   1.00 27.45 ? 14 DC  B "C5'" 1 
ATOM   322 C  "C4'" . DC  B 2 2  ? 12.687  -1.197  2.487   1.00 26.23 ? 14 DC  B "C4'" 1 
ATOM   323 O  "O4'" . DC  B 2 2  ? 12.834  -1.098  3.904   1.00 24.20 ? 14 DC  B "O4'" 1 
ATOM   324 C  "C3'" . DC  B 2 2  ? 11.439  -2.056  2.302   1.00 23.94 ? 14 DC  B "C3'" 1 
ATOM   325 O  "O3'" . DC  B 2 2  ? 11.451  -2.666  1.040   1.00 27.27 ? 14 DC  B "O3'" 1 
ATOM   326 C  "C2'" . DC  B 2 2  ? 11.599  -3.074  3.389   1.00 24.10 ? 14 DC  B "C2'" 1 
ATOM   327 C  "C1'" . DC  B 2 2  ? 12.065  -2.144  4.491   1.00 25.75 ? 14 DC  B "C1'" 1 
ATOM   328 N  N1    . DC  B 2 2  ? 10.972  -1.553  5.394   1.00 23.38 ? 14 DC  B N1    1 
ATOM   329 C  C2    . DC  B 2 2  ? 10.420  -2.396  6.375   1.00 20.82 ? 14 DC  B C2    1 
ATOM   330 O  O2    . DC  B 2 2  ? 10.753  -3.596  6.428   1.00 23.43 ? 14 DC  B O2    1 
ATOM   331 N  N3    . DC  B 2 2  ? 9.538   -1.864  7.290   1.00 22.96 ? 14 DC  B N3    1 
ATOM   332 C  C4    . DC  B 2 2  ? 9.225   -0.540  7.273   1.00 21.63 ? 14 DC  B C4    1 
ATOM   333 N  N4    . DC  B 2 2  ? 8.352   -0.120  8.206   1.00 25.37 ? 14 DC  B N4    1 
ATOM   334 C  C5    . DC  B 2 2  ? 9.729   0.328   6.265   1.00 23.29 ? 14 DC  B C5    1 
ATOM   335 C  C6    . DC  B 2 2  ? 10.607  -0.189  5.387   1.00 21.47 ? 14 DC  B C6    1 
ATOM   336 P  P     . DT  B 2 3  ? 10.123  -2.915  0.243   1.00 28.92 ? 15 DT  B P     1 
ATOM   337 O  OP1   . DT  B 2 3  ? 10.550  -3.417  -1.089  1.00 34.16 ? 15 DT  B OP1   1 
ATOM   338 O  OP2   . DT  B 2 3  ? 9.206   -1.761  0.327   1.00 27.06 ? 15 DT  B OP2   1 
ATOM   339 O  "O5'" . DT  B 2 3  ? 9.468   -4.102  1.051   1.00 25.05 ? 15 DT  B "O5'" 1 
ATOM   340 C  "C5'" . DT  B 2 3  ? 10.095  -5.378  1.070   1.00 26.69 ? 15 DT  B "C5'" 1 
ATOM   341 C  "C4'" . DT  B 2 3  ? 9.412   -6.298  2.008   1.00 27.89 ? 15 DT  B "C4'" 1 
ATOM   342 O  "O4'" . DT  B 2 3  ? 9.573   -5.734  3.317   1.00 27.47 ? 15 DT  B "O4'" 1 
ATOM   343 C  "C3'" . DT  B 2 3  ? 7.906   -6.442  1.862   1.00 25.65 ? 15 DT  B "C3'" 1 
ATOM   344 O  "O3'" . DT  B 2 3  ? 7.645   -7.418  0.880   1.00 29.92 ? 15 DT  B "O3'" 1 
ATOM   345 C  "C2'" . DT  B 2 3  ? 7.569   -6.945  3.238   1.00 26.72 ? 15 DT  B "C2'" 1 
ATOM   346 C  "C1'" . DT  B 2 3  ? 8.449   -6.072  4.056   1.00 26.06 ? 15 DT  B "C1'" 1 
ATOM   347 N  N1    . DT  B 2 3  ? 7.769   -4.812  4.558   1.00 24.25 ? 15 DT  B N1    1 
ATOM   348 C  C2    . DT  B 2 3  ? 6.977   -4.937  5.714   1.00 23.10 ? 15 DT  B C2    1 
ATOM   349 O  O2    . DT  B 2 3  ? 6.728   -6.004  6.247   1.00 22.97 ? 15 DT  B O2    1 
ATOM   350 N  N3    . DT  B 2 3  ? 6.501   -3.751  6.169   1.00 21.64 ? 15 DT  B N3    1 
ATOM   351 C  C4    . DT  B 2 3  ? 6.699   -2.467  5.653   1.00 20.88 ? 15 DT  B C4    1 
ATOM   352 O  O4    . DT  B 2 3  ? 6.173   -1.494  6.169   1.00 22.95 ? 15 DT  B O4    1 
ATOM   353 C  C5    . DT  B 2 3  ? 7.409   -2.428  4.410   1.00 24.59 ? 15 DT  B C5    1 
ATOM   354 C  C7    . DT  B 2 3  ? 7.642   -1.120  3.731   1.00 25.81 ? 15 DT  B C7    1 
ATOM   355 C  C6    . DT  B 2 3  ? 7.963   -3.567  3.969   1.00 23.37 ? 15 DT  B C6    1 
ATOM   356 P  P     . DT  B 2 4  ? 6.324   -7.442  0.019   1.00 28.77 ? 16 DT  B P     1 
ATOM   357 O  OP1   . DT  B 2 4  ? 6.524   -8.434  -1.082  1.00 29.73 ? 16 DT  B OP1   1 
ATOM   358 O  OP2   . DT  B 2 4  ? 5.873   -6.062  -0.307  1.00 26.59 ? 16 DT  B OP2   1 
ATOM   359 O  "O5'" . DT  B 2 4  ? 5.267   -7.985  1.042   1.00 27.00 ? 16 DT  B "O5'" 1 
ATOM   360 C  "C5'" . DT  B 2 4  ? 5.335   -9.265  1.588   1.00 28.38 ? 16 DT  B "C5'" 1 
ATOM   361 C  "C4'" . DT  B 2 4  ? 4.281   -9.421  2.666   1.00 26.06 ? 16 DT  B "C4'" 1 
ATOM   362 O  "O4'" . DT  B 2 4  ? 4.657   -8.617  3.770   1.00 23.95 ? 16 DT  B "O4'" 1 
ATOM   363 C  "C3'" . DT  B 2 4  ? 2.865   -8.952  2.383   1.00 27.13 ? 16 DT  B "C3'" 1 
ATOM   364 O  "O3'" . DT  B 2 4  ? 2.174   -9.958  1.712   1.00 26.24 ? 16 DT  B "O3'" 1 
ATOM   365 C  "C2'" . DT  B 2 4  ? 2.314   -8.800  3.767   1.00 25.05 ? 16 DT  B "C2'" 1 
ATOM   366 C  "C1'" . DT  B 2 4  ? 3.526   -8.213  4.475   1.00 24.65 ? 16 DT  B "C1'" 1 
ATOM   367 N  N1    . DT  B 2 4  ? 3.528   -6.696  4.488   1.00 25.00 ? 16 DT  B N1    1 
ATOM   368 C  C2    . DT  B 2 4  ? 2.912   -6.075  5.555   1.00 20.78 ? 16 DT  B C2    1 
ATOM   369 O  O2    . DT  B 2 4  ? 2.354   -6.679  6.435   1.00 23.40 ? 16 DT  B O2    1 
ATOM   370 N  N3    . DT  B 2 4  ? 2.949   -4.705  5.484   1.00 20.96 ? 16 DT  B N3    1 
ATOM   371 C  C4    . DT  B 2 4  ? 3.580   -3.881  4.573   1.00 22.94 ? 16 DT  B C4    1 
ATOM   372 O  O4    . DT  B 2 4  ? 3.565   -2.662  4.692   1.00 24.71 ? 16 DT  B O4    1 
ATOM   373 C  C5    . DT  B 2 4  ? 4.181   -4.571  3.452   1.00 23.01 ? 16 DT  B C5    1 
ATOM   374 C  C7    . DT  B 2 4  ? 4.809   -3.847  2.299   1.00 24.27 ? 16 DT  B C7    1 
ATOM   375 C  C6    . DT  B 2 4  ? 4.109   -5.916  3.472   1.00 24.36 ? 16 DT  B C6    1 
ATOM   376 P  P     . DT  B 2 5  ? 1.013   -9.626  0.743   1.00 27.25 ? 17 DT  B P     1 
ATOM   377 O  OP1   . DT  B 2 5  ? 0.720   -10.972 0.124   1.00 30.38 ? 17 DT  B OP1   1 
ATOM   378 O  OP2   . DT  B 2 5  ? 1.327   -8.474  -0.127  1.00 27.73 ? 17 DT  B OP2   1 
ATOM   379 O  "O5'" . DT  B 2 5  ? -0.186  -9.243  1.698   1.00 28.43 ? 17 DT  B "O5'" 1 
ATOM   380 C  "C5'" . DT  B 2 5  ? -0.962  -10.183 2.410   1.00 27.07 ? 17 DT  B "C5'" 1 
ATOM   381 C  "C4'" . DT  B 2 5  ? -1.790  -9.449  3.447   1.00 25.40 ? 17 DT  B "C4'" 1 
ATOM   382 O  "O4'" . DT  B 2 5  ? -0.985  -8.635  4.326   1.00 23.40 ? 17 DT  B "O4'" 1 
ATOM   383 C  "C3'" . DT  B 2 5  ? -2.789  -8.467  2.897   1.00 25.83 ? 17 DT  B "C3'" 1 
ATOM   384 O  "O3'" . DT  B 2 5  ? -3.908  -9.185  2.476   1.00 29.23 ? 17 DT  B "O3'" 1 
ATOM   385 C  "C2'" . DT  B 2 5  ? -3.088  -7.537  4.068   1.00 25.43 ? 17 DT  B "C2'" 1 
ATOM   386 C  "C1'" . DT  B 2 5  ? -1.721  -7.485  4.682   1.00 22.39 ? 17 DT  B "C1'" 1 
ATOM   387 N  N1    . DT  B 2 5  ? -0.963  -6.258  4.267   1.00 20.78 ? 17 DT  B N1    1 
ATOM   388 C  C2    . DT  B 2 5  ? -1.175  -5.102  4.961   1.00 20.74 ? 17 DT  B C2    1 
ATOM   389 O  O2    . DT  B 2 5  ? -1.929  -5.010  5.916   1.00 26.14 ? 17 DT  B O2    1 
ATOM   390 N  N3    . DT  B 2 5  ? -0.440  -4.040  4.525   1.00 24.44 ? 17 DT  B N3    1 
ATOM   391 C  C4    . DT  B 2 5  ? 0.341   -3.934  3.379   1.00 20.00 ? 17 DT  B C4    1 
ATOM   392 O  O4    . DT  B 2 5  ? 0.952   -2.925  3.092   1.00 22.67 ? 17 DT  B O4    1 
ATOM   393 C  C5    . DT  B 2 5  ? 0.491   -5.181  2.656   1.00 21.70 ? 17 DT  B C5    1 
ATOM   394 C  C7    . DT  B 2 5  ? 1.279   -5.220  1.389   1.00 21.96 ? 17 DT  B C7    1 
ATOM   395 C  C6    . DT  B 2 5  ? -0.188  -6.242  3.095   1.00 21.69 ? 17 DT  B C6    1 
ATOM   396 P  P     . DT  B 2 6  ? -4.948  -8.502  1.460   1.00 28.34 ? 18 DT  B P     1 
ATOM   397 O  OP1   . DT  B 2 6  ? -5.916  -9.578  1.120   1.00 27.84 ? 18 DT  B OP1   1 
ATOM   398 O  OP2   . DT  B 2 6  ? -4.118  -7.916  0.401   1.00 28.47 ? 18 DT  B OP2   1 
ATOM   399 O  "O5'" . DT  B 2 6  ? -5.689  -7.406  2.249   1.00 25.48 ? 18 DT  B "O5'" 1 
ATOM   400 C  "C5'" . DT  B 2 6  ? -6.695  -7.708  3.214   1.00 28.07 ? 18 DT  B "C5'" 1 
ATOM   401 C  "C4'" . DT  B 2 6  ? -7.292  -6.432  3.728   1.00 27.03 ? 18 DT  B "C4'" 1 
ATOM   402 O  "O4'" . DT  B 2 6  ? -6.291  -5.738  4.467   1.00 25.82 ? 18 DT  B "O4'" 1 
ATOM   403 C  "C3'" . DT  B 2 6  ? -7.773  -5.434  2.706   1.00 27.34 ? 18 DT  B "C3'" 1 
ATOM   404 O  "O3'" . DT  B 2 6  ? -9.042  -5.792  2.297   1.00 31.33 ? 18 DT  B "O3'" 1 
ATOM   405 C  "C2'" . DT  B 2 6  ? -7.811  -4.157  3.469   1.00 26.38 ? 18 DT  B "C2'" 1 
ATOM   406 C  "C1'" . DT  B 2 6  ? -6.636  -4.357  4.344   1.00 25.00 ? 18 DT  B "C1'" 1 
ATOM   407 N  N1    . DT  B 2 6  ? -5.495  -3.663  3.802   1.00 24.27 ? 18 DT  B N1    1 
ATOM   408 C  C2    . DT  B 2 6  ? -5.320  -2.318  4.183   1.00 26.75 ? 18 DT  B C2    1 
ATOM   409 O  O2    . DT  B 2 6  ? -6.031  -1.680  4.949   1.00 33.29 ? 18 DT  B O2    1 
ATOM   410 N  N3    . DT  B 2 6  ? -4.240  -1.798  3.643   1.00 26.93 ? 18 DT  B N3    1 
ATOM   411 C  C4    . DT  B 2 6  ? -3.325  -2.370  2.771   1.00 21.56 ? 18 DT  B C4    1 
ATOM   412 O  O4    . DT  B 2 6  ? -2.387  -1.817  2.319   1.00 30.52 ? 18 DT  B O4    1 
ATOM   413 C  C5    . DT  B 2 6  ? -3.612  -3.720  2.328   1.00 26.61 ? 18 DT  B C5    1 
ATOM   414 C  C7    . DT  B 2 6  ? -2.781  -4.476  1.349   1.00 27.14 ? 18 DT  B C7    1 
ATOM   415 C  C6    . DT  B 2 6  ? -4.657  -4.256  2.876   1.00 22.18 ? 18 DT  B C6    1 
ATOM   416 P  P     . DC  B 2 7  ? -9.457  -5.531  0.779   1.00 29.80 ? 19 DC  B P     1 
ATOM   417 O  OP1   . DC  B 2 7  ? -10.800 -6.151  0.661   1.00 36.54 ? 19 DC  B OP1   1 
ATOM   418 O  OP2   . DC  B 2 7  ? -8.370  -5.900  -0.152  1.00 30.94 ? 19 DC  B OP2   1 
ATOM   419 O  "O5'" . DC  B 2 7  ? -9.623  -3.947  0.648   1.00 29.49 ? 19 DC  B "O5'" 1 
ATOM   420 C  "C5'" . DC  B 2 7  ? -10.665 -3.316  1.307   1.00 31.47 ? 19 DC  B "C5'" 1 
ATOM   421 C  "C4'" . DC  B 2 7  ? -10.401 -1.843  1.302   1.00 29.63 ? 19 DC  B "C4'" 1 
ATOM   422 O  "O4'" . DC  B 2 7  ? -9.226  -1.588  2.041   1.00 32.26 ? 19 DC  B "O4'" 1 
ATOM   423 C  "C3'" . DC  B 2 7  ? -10.155 -1.187  -0.046  1.00 29.45 ? 19 DC  B "C3'" 1 
ATOM   424 O  "O3'" . DC  B 2 7  ? -11.381 -0.894  -0.643  1.00 31.56 ? 19 DC  B "O3'" 1 
ATOM   425 C  "C2'" . DC  B 2 7  ? -9.470  0.063   0.370   1.00 28.15 ? 19 DC  B "C2'" 1 
ATOM   426 C  "C1'" . DC  B 2 7  ? -8.579  -0.477  1.446   1.00 31.54 ? 19 DC  B "C1'" 1 
ATOM   427 N  N1    . DC  B 2 7  ? -7.243  -0.727  0.967   1.00 26.49 ? 19 DC  B N1    1 
ATOM   428 C  C2    . DC  B 2 7  ? -6.358  0.371   0.863   1.00 26.77 ? 19 DC  B C2    1 
ATOM   429 O  O2    . DC  B 2 7  ? -6.739  1.480   1.241   1.00 31.30 ? 19 DC  B O2    1 
ATOM   430 N  N3    . DC  B 2 7  ? -5.094  0.226   0.386   1.00 24.21 ? 19 DC  B N3    1 
ATOM   431 C  C4    . DC  B 2 7  ? -4.690  -0.962  -0.083  1.00 23.99 ? 19 DC  B C4    1 
ATOM   432 N  N4    . DC  B 2 7  ? -3.423  -1.075  -0.548  1.00 26.84 ? 19 DC  B N4    1 
ATOM   433 C  C5    . DC  B 2 7  ? -5.600  -2.073  -0.037  1.00 21.45 ? 19 DC  B C5    1 
ATOM   434 C  C6    . DC  B 2 7  ? -6.850  -1.915  0.444   1.00 27.43 ? 19 DC  B C6    1 
ATOM   435 P  P     . DT  B 2 8  ? -11.498 -0.647  -2.188  1.00 30.38 ? 20 DT  B P     1 
ATOM   436 O  OP1   . DT  B 2 8  ? -12.978 -0.542  -2.403  1.00 34.10 ? 20 DT  B OP1   1 
ATOM   437 O  OP2   . DT  B 2 8  ? -10.641 -1.528  -3.041  1.00 31.37 ? 20 DT  B OP2   1 
ATOM   438 O  "O5'" . DT  B 2 8  ? -10.884 0.783   -2.376  1.00 28.94 ? 20 DT  B "O5'" 1 
ATOM   439 C  "C5'" . DT  B 2 8  ? -11.604 1.949   -1.947  1.00 27.70 ? 20 DT  B "C5'" 1 
ATOM   440 C  "C4'" . DT  B 2 8  ? -10.736 3.185   -2.045  1.00 24.34 ? 20 DT  B "C4'" 1 
ATOM   441 O  "O4'" . DT  B 2 8  ? -9.531  2.928   -1.314  1.00 22.43 ? 20 DT  B "O4'" 1 
ATOM   442 C  "C3'" . DT  B 2 8  ? -10.250 3.627   -3.412  1.00 26.28 ? 20 DT  B "C3'" 1 
ATOM   443 O  "O3'" . DT  B 2 8  ? -11.274 4.380   -4.019  1.00 25.83 ? 20 DT  B "O3'" 1 
ATOM   444 C  "C2'" . DT  B 2 8  ? -9.039  4.484   -3.007  1.00 27.14 ? 20 DT  B "C2'" 1 
ATOM   445 C  "C1'" . DT  B 2 8  ? -8.460  3.663   -1.892  1.00 22.13 ? 20 DT  B "C1'" 1 
ATOM   446 N  N1    . DT  B 2 8  ? -7.349  2.737   -2.316  1.00 21.02 ? 20 DT  B N1    1 
ATOM   447 C  C2    . DT  B 2 8  ? -6.078  3.312   -2.475  1.00 20.71 ? 20 DT  B C2    1 
ATOM   448 O  O2    . DT  B 2 8  ? -5.848  4.504   -2.401  1.00 27.45 ? 20 DT  B O2    1 
ATOM   449 N  N3    . DT  B 2 8  ? -5.128  2.425   -2.895  1.00 22.40 ? 20 DT  B N3    1 
ATOM   450 C  C4    . DT  B 2 8  ? -5.251  1.084   -3.127  1.00 23.02 ? 20 DT  B C4    1 
ATOM   451 O  O4    . DT  B 2 8  ? -4.257  0.398   -3.399  1.00 26.71 ? 20 DT  B O4    1 
ATOM   452 C  C5    . DT  B 2 8  ? -6.582  0.518   -2.951  1.00 23.43 ? 20 DT  B C5    1 
ATOM   453 C  C7    . DT  B 2 8  ? -6.875  -0.940  -3.177  1.00 24.78 ? 20 DT  B C7    1 
ATOM   454 C  C6    . DT  B 2 8  ? -7.555  1.368   -2.583  1.00 23.43 ? 20 DT  B C6    1 
ATOM   455 P  P     . DT  B 2 9  ? -11.313 4.566   -5.567  1.00 28.86 ? 21 DT  B P     1 
ATOM   456 O  OP1   . DT  B 2 9  ? -12.584 5.295   -5.916  1.00 28.94 ? 21 DT  B OP1   1 
ATOM   457 O  OP2   . DT  B 2 9  ? -11.040 3.258   -6.243  1.00 29.00 ? 21 DT  B OP2   1 
ATOM   458 O  "O5'" . DT  B 2 9  ? -10.161 5.530   -5.968  1.00 24.80 ? 21 DT  B "O5'" 1 
ATOM   459 C  "C5'" . DT  B 2 9  ? -10.037 6.841   -5.482  1.00 28.01 ? 21 DT  B "C5'" 1 
ATOM   460 C  "C4'" . DT  B 2 9  ? -8.681  7.419   -5.854  1.00 27.66 ? 21 DT  B "C4'" 1 
ATOM   461 O  "O4'" . DT  B 2 9  ? -7.658  6.661   -5.161  1.00 25.99 ? 21 DT  B "O4'" 1 
ATOM   462 C  "C3'" . DT  B 2 9  ? -8.253  7.350   -7.315  1.00 31.00 ? 21 DT  B "C3'" 1 
ATOM   463 O  "O3'" . DT  B 2 9  ? -8.729  8.487   -7.950  1.00 27.49 ? 21 DT  B "O3'" 1 
ATOM   464 C  "C2'" . DT  B 2 9  ? -6.751  7.342   -7.200  1.00 30.32 ? 21 DT  B "C2'" 1 
ATOM   465 C  "C1'" . DT  B 2 9  ? -6.537  6.575   -5.957  1.00 31.66 ? 21 DT  B "C1'" 1 
ATOM   466 N  N1    . DT  B 2 9  ? -6.227  5.125   -6.165  1.00 26.12 ? 21 DT  B N1    1 
ATOM   467 C  C2    . DT  B 2 9  ? -4.896  4.845   -6.395  1.00 29.00 ? 21 DT  B C2    1 
ATOM   468 O  O2    . DT  B 2 9  ? -4.011  5.689   -6.467  1.00 29.59 ? 21 DT  B O2    1 
ATOM   469 N  N3    . DT  B 2 9  ? -4.655  3.511   -6.509  1.00 22.60 ? 21 DT  B N3    1 
ATOM   470 C  C4    . DT  B 2 9  ? -5.553  2.451   -6.449  1.00 22.32 ? 21 DT  B C4    1 
ATOM   471 O  O4    . DT  B 2 9  ? -5.124  1.296   -6.541  1.00 23.05 ? 21 DT  B O4    1 
ATOM   472 C  C5    . DT  B 2 9  ? -6.937  2.798   -6.256  1.00 23.22 ? 21 DT  B C5    1 
ATOM   473 C  C7    . DT  B 2 9  ? -8.003  1.738   -6.249  1.00 24.53 ? 21 DT  B C7    1 
ATOM   474 C  C6    . DT  B 2 9  ? -7.216  4.094   -6.170  1.00 24.26 ? 21 DT  B C6    1 
ATOM   475 P  P     . DT  B 2 10 ? -8.927  8.636   -9.526  1.00 30.31 ? 22 DT  B P     1 
ATOM   476 O  OP1   . DT  B 2 10 ? -9.534  9.977   -9.675  1.00 32.93 ? 22 DT  B OP1   1 
ATOM   477 O  OP2   . DT  B 2 10 ? -9.615  7.402   -9.977  1.00 32.47 ? 22 DT  B OP2   1 
ATOM   478 O  "O5'" . DT  B 2 10 ? -7.460  8.663   -10.093 1.00 26.99 ? 22 DT  B "O5'" 1 
ATOM   479 C  "C5'" . DT  B 2 10 ? -6.512  9.649   -9.777  1.00 26.96 ? 22 DT  B "C5'" 1 
ATOM   480 C  "C4'" . DT  B 2 10 ? -5.213  9.303   -10.455 1.00 28.63 ? 22 DT  B "C4'" 1 
ATOM   481 O  "O4'" . DT  B 2 10 ? -4.792  7.997   -10.042 1.00 26.00 ? 22 DT  B "O4'" 1 
ATOM   482 C  "C3'" . DT  B 2 10 ? -5.331  9.239   -11.978 1.00 28.12 ? 22 DT  B "C3'" 1 
ATOM   483 O  "O3'" . DT  B 2 10 ? -4.280  9.927   -12.557 1.00 32.64 ? 22 DT  B "O3'" 1 
ATOM   484 C  "C2'" . DT  B 2 10 ? -5.414  7.750   -12.303 1.00 26.14 ? 22 DT  B "C2'" 1 
ATOM   485 C  "C1'" . DT  B 2 10 ? -4.577  7.221   -11.176 1.00 26.93 ? 22 DT  B "C1'" 1 
ATOM   486 N  N1    . DT  B 2 10 ? -4.855  5.837   -10.743 1.00 24.25 ? 22 DT  B N1    1 
ATOM   487 C  C2    . DT  B 2 10 ? -3.794  4.913   -10.690 1.00 26.23 ? 22 DT  B C2    1 
ATOM   488 O  O2    . DT  B 2 10 ? -2.635  5.146   -10.985 1.00 28.83 ? 22 DT  B O2    1 
ATOM   489 N  N3    . DT  B 2 10 ? -4.201  3.666   -10.257 1.00 23.86 ? 22 DT  B N3    1 
ATOM   490 C  C4    . DT  B 2 10 ? -5.488  3.263   -9.901  1.00 25.45 ? 22 DT  B C4    1 
ATOM   491 O  O4    . DT  B 2 10 ? -5.732  2.130   -9.555  1.00 22.88 ? 22 DT  B O4    1 
ATOM   492 C  C5    . DT  B 2 10 ? -6.524  4.272   -9.960  1.00 24.53 ? 22 DT  B C5    1 
ATOM   493 C  C7    . DT  B 2 10 ? -7.947  3.946   -9.620  1.00 28.33 ? 22 DT  B C7    1 
ATOM   494 C  C6    . DT  B 2 10 ? -6.179  5.487   -10.384 1.00 25.01 ? 22 DT  B C6    1 
ATOM   495 P  P     . DT  B 2 11 ? -4.260  10.227  -14.140 1.00 33.90 ? 23 DT  B P     1 
ATOM   496 O  OP1   . DT  B 2 11 ? -3.563  11.514  -14.357 1.00 36.92 ? 23 DT  B OP1   1 
ATOM   497 O  OP2   . DT  B 2 11 ? -5.578  10.004  -14.798 1.00 32.41 ? 23 DT  B OP2   1 
ATOM   498 O  "O5'" . DT  B 2 11 ? -3.397  8.984   -14.619 1.00 31.76 ? 23 DT  B "O5'" 1 
ATOM   499 C  "C5'" . DT  B 2 11 ? -1.994  8.949   -14.303 1.00 28.34 ? 23 DT  B "C5'" 1 
ATOM   500 C  "C4'" . DT  B 2 11 ? -1.394  7.649   -14.766 1.00 29.08 ? 23 DT  B "C4'" 1 
ATOM   501 O  "O4'" . DT  B 2 11 ? -2.041  6.620   -14.037 1.00 26.37 ? 23 DT  B "O4'" 1 
ATOM   502 C  "C3'" . DT  B 2 11 ? -1.718  7.302   -16.216 1.00 30.90 ? 23 DT  B "C3'" 1 
ATOM   503 O  "O3'" . DT  B 2 11 ? -0.623  7.636   -17.020 1.00 32.64 ? 23 DT  B "O3'" 1 
ATOM   504 C  "C2'" . DT  B 2 11 ? -2.008  5.809   -16.226 1.00 28.57 ? 23 DT  B "C2'" 1 
ATOM   505 C  "C1'" . DT  B 2 11 ? -1.915  5.438   -14.773 1.00 28.37 ? 23 DT  B "C1'" 1 
ATOM   506 N  N1    . DT  B 2 11 ? -2.956  4.474   -14.290 1.00 26.02 ? 23 DT  B N1    1 
ATOM   507 C  C2    . DT  B 2 11 ? -2.585  3.181   -13.909 1.00 24.00 ? 23 DT  B C2    1 
ATOM   508 O  O2    . DT  B 2 11 ? -1.461  2.722   -13.974 1.00 25.82 ? 23 DT  B O2    1 
ATOM   509 N  N3    . DT  B 2 11 ? -3.655  2.408   -13.474 1.00 24.17 ? 23 DT  B N3    1 
ATOM   510 C  C4    . DT  B 2 11 ? -5.006  2.772   -13.320 1.00 22.31 ? 23 DT  B C4    1 
ATOM   511 O  O4    . DT  B 2 11 ? -5.880  1.983   -12.945 1.00 26.92 ? 23 DT  B O4    1 
ATOM   512 C  C5    . DT  B 2 11 ? -5.330  4.093   -13.837 1.00 25.78 ? 23 DT  B C5    1 
ATOM   513 C  C7    . DT  B 2 11 ? -6.757  4.611   -13.797 1.00 24.71 ? 23 DT  B C7    1 
ATOM   514 C  C6    . DT  B 2 11 ? -4.294  4.856   -14.238 1.00 25.02 ? 23 DT  B C6    1 
ATOM   515 P  P     . DA  B 2 12 ? -0.818  7.774   -18.603 1.00 36.29 ? 24 DA  B P     1 
ATOM   516 O  OP1   . DA  B 2 12 ? 0.465   8.420   -18.976 1.00 37.10 ? 24 DA  B OP1   1 
ATOM   517 O  OP2   . DA  B 2 12 ? -2.178  8.302   -18.985 1.00 33.93 ? 24 DA  B OP2   1 
ATOM   518 O  "O5'" . DA  B 2 12 ? -0.925  6.292   -19.159 1.00 31.65 ? 24 DA  B "O5'" 1 
ATOM   519 C  "C5'" . DA  B 2 12 ? 0.260   5.521   -19.170 1.00 29.87 ? 24 DA  B "C5'" 1 
ATOM   520 C  "C4'" . DA  B 2 12 ? -0.071  4.099   -19.460 1.00 25.27 ? 24 DA  B "C4'" 1 
ATOM   521 O  "O4'" . DA  B 2 12 ? -0.494  3.472   -18.207 1.00 26.60 ? 24 DA  B "O4'" 1 
ATOM   522 C  "C3'" . DA  B 2 12 ? -1.151  3.763   -20.462 1.00 29.71 ? 24 DA  B "C3'" 1 
ATOM   523 O  "O3'" . DA  B 2 12 ? -0.657  3.826   -21.792 1.00 30.59 ? 24 DA  B "O3'" 1 
ATOM   524 C  "C2'" . DA  B 2 12 ? -1.513  2.366   -20.007 1.00 25.91 ? 24 DA  B "C2'" 1 
ATOM   525 C  "C1'" . DA  B 2 12 ? -0.846  2.213   -18.594 1.00 26.81 ? 24 DA  B "C1'" 1 
ATOM   526 N  N9    . DA  B 2 12 ? -1.718  1.522   -17.674 1.00 24.15 ? 24 DA  B N9    1 
ATOM   527 C  C8    . DA  B 2 12 ? -1.461  0.310   -17.129 1.00 24.93 ? 24 DA  B C8    1 
ATOM   528 N  N7    . DA  B 2 12 ? -2.437  -0.227  -16.445 1.00 25.42 ? 24 DA  B N7    1 
ATOM   529 C  C5    . DA  B 2 12 ? -3.430  0.723   -16.563 1.00 25.28 ? 24 DA  B C5    1 
ATOM   530 C  C6    . DA  B 2 12 ? -4.752  0.765   -16.092 1.00 23.33 ? 24 DA  B C6    1 
ATOM   531 N  N6    . DA  B 2 12 ? -5.312  -0.218  -15.387 1.00 27.88 ? 24 DA  B N6    1 
ATOM   532 N  N1    . DA  B 2 12 ? -5.525  1.851   -16.434 1.00 25.31 ? 24 DA  B N1    1 
ATOM   533 C  C2    . DA  B 2 12 ? -4.998  2.882   -17.153 1.00 28.21 ? 24 DA  B C2    1 
ATOM   534 N  N3    . DA  B 2 12 ? -3.718  2.942   -17.651 1.00 22.13 ? 24 DA  B N3    1 
ATOM   535 C  C4    . DA  B 2 12 ? -3.006  1.836   -17.314 1.00 25.94 ? 24 DA  B C4    1 
HETATM 536 MG MG    . MG  C 3 .  ? 5.112   -3.083  20.159  0.80 29.22 ? 13 MG  A MG    1 
HETATM 537 MG MG    . MG  D 3 .  ? 6.461   0.262   13.320  1.00 22.22 ? 14 MG  A MG    1 
HETATM 538 MG MG    . MG  E 3 .  ? -13.170 -7.974  3.168   1.00 18.55 ? 1  MG  B MG    1 
HETATM 539 O  O     . HOH F 4 .  ? 0.264   6.563   -8.825  1.00 43.17 ? 15 HOH A O     1 
HETATM 540 O  O     . HOH F 4 .  ? 2.851   4.964   1.469   1.00 43.76 ? 16 HOH A O     1 
HETATM 541 O  O     . HOH F 4 .  ? 2.434   0.111   12.366  1.00 41.23 ? 17 HOH A O     1 
HETATM 542 O  O     . HOH F 4 .  ? 2.302   1.987   -12.419 1.00 27.51 ? 18 HOH A O     1 
HETATM 543 O  O     . HOH F 4 .  ? 3.111   1.422   7.017   1.00 37.21 ? 19 HOH A O     1 
HETATM 544 O  O     . HOH F 4 .  ? 8.993   -11.394 13.949  1.00 30.88 ? 20 HOH A O     1 
HETATM 545 O  O     . HOH F 4 .  ? 1.136   -2.061  -14.447 1.00 25.52 ? 21 HOH A O     1 
HETATM 546 O  O     . HOH F 4 .  ? 12.928  -9.563  17.125  1.00 38.21 ? 22 HOH A O     1 
HETATM 547 O  O     . HOH F 4 .  ? 8.429   -6.250  18.457  1.00 37.09 ? 23 HOH A O     1 
HETATM 548 O  O     . HOH F 4 .  ? -2.224  -5.750  9.253   1.00 28.02 ? 24 HOH A O     1 
HETATM 549 O  O     . HOH F 4 .  ? -6.004  2.076   12.920  1.00 34.64 ? 25 HOH A O     1 
HETATM 550 O  O     . HOH F 4 .  ? 8.766   -3.869  14.861  1.00 33.63 ? 26 HOH A O     1 
HETATM 551 O  O     . HOH F 4 .  ? 1.416   -2.088  -6.201  1.00 33.95 ? 27 HOH A O     1 
HETATM 552 O  O     . HOH F 4 .  ? 4.582   1.019   9.940   1.00 40.16 ? 28 HOH A O     1 
HETATM 553 O  O     . HOH F 4 .  ? -5.430  10.535  7.296   1.00 45.66 ? 29 HOH A O     1 
HETATM 554 O  O     . HOH F 4 .  ? 6.352   -2.797  15.654  0.50 23.77 ? 30 HOH A O     1 
HETATM 555 O  O     . HOH F 4 .  ? 2.584   7.575   -8.646  1.00 36.34 ? 31 HOH A O     1 
HETATM 556 O  O     . HOH F 4 .  ? -5.586  -1.182  10.225  1.00 38.13 ? 32 HOH A O     1 
HETATM 557 O  O     . HOH F 4 .  ? -0.868  10.038  -3.464  1.00 39.17 ? 33 HOH A O     1 
HETATM 558 O  O     . HOH F 4 .  ? -1.419  -1.929  -5.643  1.00 34.67 ? 36 HOH A O     1 
HETATM 559 O  O     . HOH F 4 .  ? 2.039   0.464   -14.871 1.00 31.27 ? 37 HOH A O     1 
HETATM 560 O  O     . HOH F 4 .  ? 5.336   -1.162  12.926  1.00 31.60 ? 44 HOH A O     1 
HETATM 561 O  O     . HOH F 4 .  ? 5.920   0.145   15.278  1.00 35.11 ? 45 HOH A O     1 
HETATM 562 O  O     . HOH F 4 .  ? 7.759   -0.881  13.404  1.00 39.18 ? 46 HOH A O     1 
HETATM 563 O  O     . HOH F 4 .  ? 3.662   -1.947  15.236  1.00 39.94 ? 48 HOH A O     1 
HETATM 564 O  O     . HOH F 4 .  ? 5.468   2.046   -0.536  1.00 27.27 ? 50 HOH A O     1 
HETATM 565 O  O     . HOH F 4 .  ? 6.244   -7.800  18.784  1.00 44.17 ? 55 HOH A O     1 
HETATM 566 O  O     . HOH F 4 .  ? 5.362   1.741   13.158  1.00 40.35 ? 57 HOH A O     1 
HETATM 567 O  O     . HOH F 4 .  ? 4.740   -7.734  -10.366 1.00 38.12 ? 60 HOH A O     1 
HETATM 568 O  O     . HOH F 4 .  ? -0.656  2.915   16.283  1.00 42.25 ? 61 HOH A O     1 
HETATM 569 O  O     . HOH F 4 .  ? 5.926   -3.877  21.780  1.00 42.36 ? 63 HOH A O     1 
HETATM 570 O  O     . HOH F 4 .  ? 6.770   -2.180  19.727  1.00 46.55 ? 64 HOH A O     1 
HETATM 571 O  O     . HOH F 4 .  ? -3.529  -7.135  -3.962  1.00 47.52 ? 65 HOH A O     1 
HETATM 572 O  O     . HOH F 4 .  ? 6.914   -1.513  17.002  0.50 21.74 ? 66 HOH A O     1 
HETATM 573 O  O     . HOH F 4 .  ? 9.013   -11.612 18.614  0.50 28.33 ? 68 HOH A O     1 
HETATM 574 O  O     . HOH F 4 .  ? 0.621   13.757  3.257   1.00 34.11 ? 70 HOH A O     1 
HETATM 575 O  O     . HOH F 4 .  ? -3.827  11.664  12.293  1.00 45.82 ? 71 HOH A O     1 
HETATM 576 O  O     . HOH F 4 .  ? -1.567  -3.763  -7.564  1.00 40.46 ? 75 HOH A O     1 
HETATM 577 O  O     . HOH F 4 .  ? -0.258  6.087   6.313   0.60 30.62 ? 76 HOH A O     1 
HETATM 578 O  O     . HOH G 4 .  ? -8.979  6.315   -12.257 1.00 29.41 ? 2  HOH B O     1 
HETATM 579 O  O     . HOH G 4 .  ? -5.668  -5.542  -0.409  1.00 32.18 ? 4  HOH B O     1 
HETATM 580 O  O     . HOH G 4 .  ? 7.569   2.614   7.589   1.00 33.27 ? 5  HOH B O     1 
HETATM 581 O  O     . HOH G 4 .  ? -8.564  1.636   -12.967 1.00 37.39 ? 10 HOH B O     1 
HETATM 582 O  O     . HOH G 4 .  ? -4.303  5.100   -19.426 1.00 30.01 ? 11 HOH B O     1 
HETATM 583 O  O     . HOH G 4 .  ? -5.061  3.110   -21.392 1.00 27.23 ? 25 HOH B O     1 
HETATM 584 O  O     . HOH G 4 .  ? -4.308  -4.994  7.275   1.00 31.63 ? 26 HOH B O     1 
HETATM 585 O  O     . HOH G 4 .  ? 6.073   1.157   5.805   1.00 34.37 ? 27 HOH B O     1 
HETATM 586 O  O     . HOH G 4 .  ? -8.842  11.628  -11.979 1.00 37.92 ? 28 HOH B O     1 
HETATM 587 O  O     . HOH G 4 .  ? -5.881  7.250   -16.022 1.00 33.53 ? 29 HOH B O     1 
HETATM 588 O  O     . HOH G 4 .  ? -8.565  10.557  -14.534 1.00 37.51 ? 30 HOH B O     1 
HETATM 589 O  O     . HOH G 4 .  ? -7.584  0.298   -9.786  1.00 39.63 ? 31 HOH B O     1 
HETATM 590 O  O     . HOH G 4 .  ? -3.165  3.411   -23.357 1.00 35.64 ? 32 HOH B O     1 
HETATM 591 O  O     . HOH G 4 .  ? 0.969   2.942   -15.350 1.00 36.48 ? 33 HOH B O     1 
HETATM 592 O  O     . HOH G 4 .  ? -6.891  -4.587  7.617   1.00 34.91 ? 34 HOH B O     1 
HETATM 593 O  O     . HOH G 4 .  ? -6.214  -1.188  -6.855  1.00 35.25 ? 35 HOH B O     1 
HETATM 594 O  O     . HOH G 4 .  ? -0.404  -2.793  -1.259  1.00 37.54 ? 38 HOH B O     1 
HETATM 595 O  O     . HOH G 4 .  ? -3.412  -3.676  -2.060  1.00 36.20 ? 39 HOH B O     1 
HETATM 596 O  O     . HOH G 4 .  ? -3.831  -2.075  -4.388  1.00 36.61 ? 40 HOH B O     1 
HETATM 597 O  O     . HOH G 4 .  ? -8.987  -4.016  -2.789  1.00 39.02 ? 41 HOH B O     1 
HETATM 598 O  O     . HOH G 4 .  ? -15.153 -8.246  3.079   1.00 40.20 ? 42 HOH B O     1 
HETATM 599 O  O     . HOH G 4 .  ? -11.127 -7.874  3.164   1.00 36.98 ? 43 HOH B O     1 
HETATM 600 O  O     . HOH G 4 .  ? -9.249  -10.380 3.544   1.00 34.47 ? 47 HOH B O     1 
HETATM 601 O  O     . HOH G 4 .  ? 7.195   4.008   10.739  1.00 41.86 ? 49 HOH B O     1 
HETATM 602 O  O     . HOH G 4 .  ? 3.750   -0.622  2.898   1.00 30.88 ? 51 HOH B O     1 
HETATM 603 O  O     . HOH G 4 .  ? 1.692   5.574   -15.174 1.00 46.02 ? 52 HOH B O     1 
HETATM 604 O  O     . HOH G 4 .  ? 11.991  6.870   8.413   1.00 38.01 ? 53 HOH B O     1 
HETATM 605 O  O     . HOH G 4 .  ? -10.435 13.903  -12.310 1.00 43.69 ? 54 HOH B O     1 
HETATM 606 O  O     . HOH G 4 .  ? -12.988 -9.640  3.911   1.00 39.86 ? 56 HOH B O     1 
HETATM 607 O  O     . HOH G 4 .  ? 3.023   -8.135  -2.381  1.00 46.13 ? 58 HOH B O     1 
HETATM 608 O  O     . HOH G 4 .  ? -13.156 -8.744  1.335   1.00 41.57 ? 59 HOH B O     1 
HETATM 609 O  O     . HOH G 4 .  ? 0.083   5.791   -11.811 1.00 39.13 ? 62 HOH B O     1 
HETATM 610 O  O     . HOH G 4 .  ? -0.095  11.667  -16.393 1.00 42.82 ? 67 HOH B O     1 
HETATM 611 O  O     . HOH G 4 .  ? -13.472 -6.207  2.311   1.00 47.41 ? 69 HOH B O     1 
HETATM 612 O  O     . HOH G 4 .  ? 0.981   -7.063  -4.001  1.00 42.82 ? 72 HOH B O     1 
HETATM 613 O  O     . HOH G 4 .  ? -5.452  10.756  -19.940 0.50 49.27 ? 73 HOH B O     1 
HETATM 614 O  O     . HOH G 4 .  ? -10.103 3.921   -12.696 1.00 42.85 ? 74 HOH B O     1 
# 
loop_
_atom_site_anisotrop.id 
_atom_site_anisotrop.type_symbol 
_atom_site_anisotrop.pdbx_label_atom_id 
_atom_site_anisotrop.pdbx_label_alt_id 
_atom_site_anisotrop.pdbx_label_comp_id 
_atom_site_anisotrop.pdbx_label_asym_id 
_atom_site_anisotrop.pdbx_label_seq_id 
_atom_site_anisotrop.pdbx_PDB_ins_code 
_atom_site_anisotrop.U[1][1] 
_atom_site_anisotrop.U[2][2] 
_atom_site_anisotrop.U[3][3] 
_atom_site_anisotrop.U[1][2] 
_atom_site_anisotrop.U[1][3] 
_atom_site_anisotrop.U[2][3] 
_atom_site_anisotrop.pdbx_auth_seq_id 
_atom_site_anisotrop.pdbx_auth_comp_id 
_atom_site_anisotrop.pdbx_auth_asym_id 
_atom_site_anisotrop.pdbx_auth_atom_id 
1   O "O5'" . U   A 1  ? 0.6332 0.7383 0.6732 -0.0115 0.0593  -0.0224 1  U   A "O5'" 
2   C "C5'" . U   A 1  ? 0.6115 0.6824 0.6269 -0.0219 0.0806  -0.0160 1  U   A "C5'" 
3   C "C4'" . U   A 1  ? 0.5992 0.6491 0.6038 -0.0275 0.0809  -0.0120 1  U   A "C4'" 
4   O "O4'" . U   A 1  ? 0.5698 0.6442 0.5946 -0.0336 0.0663  -0.0243 1  U   A "O4'" 
5   C "C3'" . U   A 1  ? 0.5440 0.5734 0.5350 -0.0116 0.0703  0.0031  1  U   A "C3'" 
6   O "O3'" A U   A 1  ? 0.5500 0.5521 0.5176 -0.0030 0.0817  0.0168  1  U   A "O3'" 
7   O "O3'" B U   A 1  ? 0.5919 0.5931 0.5585 -0.0046 0.0842  0.0161  1  U   A "O3'" 
8   C "C2'" . U   A 1  ? 0.5648 0.5796 0.5520 -0.0225 0.0710  0.0004  1  U   A "C2'" 
9   O "O2'" . U   A 1  ? 0.5715 0.5533 0.5372 -0.0340 0.0948  0.0047  1  U   A "O2'" 
10  C "C1'" . U   A 1  ? 0.5978 0.6490 0.6090 -0.0321 0.0597  -0.0175 1  U   A "C1'" 
11  N N1    . U   A 1  ? 0.5793 0.6494 0.6016 -0.0199 0.0336  -0.0220 1  U   A N1    
12  C C2    . U   A 1  ? 0.6027 0.6510 0.6112 -0.0216 0.0257  -0.0209 1  U   A C2    
13  O O2    . U   A 1  ? 0.6054 0.6239 0.5981 -0.0320 0.0387  -0.0160 1  U   A O2    
14  N N3    . U   A 1  ? 0.6260 0.6818 0.6345 -0.0094 0.0042  -0.0254 1  U   A N3    
15  C C4    . U   A 1  ? 0.6222 0.7069 0.6446 0.0052  -0.0098 -0.0307 1  U   A C4    
16  O O4    . U   A 1  ? 0.6137 0.6945 0.6266 0.0171  -0.0265 -0.0340 1  U   A O4    
17  C C5    . U   A 1  ? 0.6089 0.7203 0.6511 0.0051  -0.0004 -0.0320 1  U   A C5    
18  C C6    . U   A 1  ? 0.6127 0.7156 0.6536 -0.0079 0.0202  -0.0283 1  U   A C6    
19  P P     A A   A 2  ? 0.4979 0.5017 0.4622 0.0183  0.0670  0.0281  2  A   A P     
20  P P     B A   A 2  ? 0.6094 0.5912 0.5611 0.0149  0.0787  0.0324  2  A   A P     
21  O OP1   A A   A 2  ? 0.5781 0.5526 0.5157 0.0283  0.0782  0.0417  2  A   A OP1   
22  O OP1   B A   A 2  ? 0.6250 0.5677 0.5495 0.0141  0.0991  0.0419  2  A   A OP1   
23  O OP2   A A   A 2  ? 0.4278 0.4619 0.4072 0.0227  0.0537  0.0214  2  A   A OP2   
24  O OP2   B A   A 2  ? 0.5962 0.5941 0.5489 0.0282  0.0672  0.0357  2  A   A OP2   
25  O "O5'" A A   A 2  ? 0.4794 0.4779 0.4507 0.0198  0.0580  0.0286  2  A   A "O5'" 
26  O "O5'" B A   A 2  ? 0.4945 0.4836 0.4612 0.0166  0.0641  0.0298  2  A   A "O5'" 
27  C "C5'" A A   A 2  ? 0.4854 0.4545 0.4459 0.0162  0.0693  0.0343  2  A   A "C5'" 
28  C "C5'" B A   A 2  ? 0.5041 0.4672 0.4622 0.0144  0.0723  0.0348  2  A   A "C5'" 
29  C "C4'" . A   A 2  ? 0.4417 0.4072 0.4100 0.0192  0.0593  0.0327  2  A   A "C4'" 
30  O "O4'" . A   A 2  ? 0.3900 0.3625 0.3636 0.0080  0.0504  0.0210  2  A   A "O4'" 
31  C "C3'" . A   A 2  ? 0.4173 0.4015 0.3956 0.0336  0.0450  0.0331  2  A   A "C3'" 
32  O "O3'" . A   A 2  ? 0.3971 0.3741 0.3733 0.0467  0.0491  0.0430  2  A   A "O3'" 
33  C "C2'" . A   A 2  ? 0.3811 0.3592 0.3626 0.0291  0.0380  0.0248  2  A   A "C2'" 
34  O "O2'" . A   A 2  ? 0.4174 0.3690 0.3956 0.0276  0.0477  0.0280  2  A   A "O2'" 
35  C "C1'" . A   A 2  ? 0.4046 0.3862 0.3838 0.0171  0.0356  0.0172  2  A   A "C1'" 
36  N N9    . A   A 2  ? 0.3770 0.3866 0.3643 0.0197  0.0236  0.0097  2  A   A N9    
37  C C8    . A   A 2  ? 0.4262 0.4569 0.4224 0.0152  0.0258  0.0057  2  A   A C8    
38  N N7    . A   A 2  ? 0.3642 0.4184 0.3704 0.0197  0.0147  -0.0022 2  A   A N7    
39  C C5    . A   A 2  ? 0.3354 0.3781 0.3324 0.0275  0.0040  -0.0034 2  A   A C5    
40  C C6    . A   A 2  ? 0.3023 0.3519 0.2962 0.0370  -0.0093 -0.0106 2  A   A C6    
41  N N6    . A   A 2  ? 0.3261 0.4039 0.3337 0.0421  -0.0154 -0.0169 2  A   A N6    
42  N N1    . A   A 2  ? 0.3134 0.3365 0.2877 0.0420  -0.0128 -0.0114 2  A   A N1    
43  C C2    . A   A 2  ? 0.3303 0.3293 0.2977 0.0360  -0.0040 -0.0069 2  A   A C2    
44  N N3    . A   A 2  ? 0.2925 0.2882 0.2675 0.0290  0.0069  0.0002  2  A   A N3    
45  C C4    . A   A 2  ? 0.3214 0.3367 0.3075 0.0256  0.0102  0.0025  2  A   A C4    
46  P P     . A   A 3  ? 0.4110 0.4113 0.3911 0.0616  0.0379  0.0460  3  A   A P     
47  O OP1   . A   A 3  ? 0.3990 0.3895 0.3764 0.0768  0.0423  0.0565  3  A   A OP1   
48  O OP2   . A   A 3  ? 0.4395 0.4509 0.4119 0.0590  0.0359  0.0450  3  A   A OP2   
49  O "O5'" . A   A 3  ? 0.3923 0.4098 0.3872 0.0607  0.0264  0.0352  3  A   A "O5'" 
50  C "C5'" . A   A 3  ? 0.3805 0.3898 0.3851 0.0600  0.0289  0.0305  3  A   A "C5'" 
51  C "C4'" . A   A 3  ? 0.3642 0.3785 0.3702 0.0540  0.0226  0.0174  3  A   A "C4'" 
52  O "O4'" . A   A 3  ? 0.3357 0.3381 0.3294 0.0455  0.0210  0.0136  3  A   A "O4'" 
53  C "C3'" . A   A 3  ? 0.3205 0.3609 0.3281 0.0584  0.0131  0.0131  3  A   A "C3'" 
54  O "O3'" . A   A 3  ? 0.3241 0.3813 0.3462 0.0645  0.0116  0.0102  3  A   A "O3'" 
55  C "C2'" . A   A 3  ? 0.3197 0.3489 0.3159 0.0511  0.0121  0.0021  3  A   A "C2'" 
56  O "O2'" . A   A 3  ? 0.3517 0.3641 0.3464 0.0458  0.0180  -0.0084 3  A   A "O2'" 
57  C "C1'" . A   A 3  ? 0.3154 0.3286 0.3040 0.0466  0.0132  0.0058  3  A   A "C1'" 
58  N N9    . A   A 3  ? 0.3193 0.3479 0.3071 0.0478  0.0088  0.0086  3  A   A N9    
59  C C8    . A   A 3  ? 0.3364 0.3721 0.3275 0.0470  0.0127  0.0161  3  A   A C8    
60  N N7    . A   A 3  ? 0.3356 0.3843 0.3283 0.0454  0.0108  0.0133  3  A   A N7    
61  C C5    . A   A 3  ? 0.2895 0.3401 0.2789 0.0482  0.0029  0.0052  3  A   A C5    
62  C C6    . A   A 3  ? 0.2727 0.3357 0.2630 0.0516  -0.0024 -0.0009 3  A   A C6    
63  N N6    . A   A 3  ? 0.3060 0.3878 0.3082 0.0497  -0.0004 -0.0021 3  A   A N6    
64  N N1    . A   A 3  ? 0.3100 0.3622 0.2866 0.0578  -0.0080 -0.0075 3  A   A N1    
65  C C2    . A   A 3  ? 0.2858 0.3164 0.2495 0.0562  -0.0056 -0.0094 3  A   A C2    
66  N N3    . A   A 3  ? 0.3060 0.3282 0.2744 0.0511  -0.0002 -0.0060 3  A   A N3    
67  C C4    . A   A 3  ? 0.2877 0.3225 0.2698 0.0491  0.0027  0.0023  3  A   A C4    
68  P P     . A   A 4  ? 0.3643 0.4529 0.3893 0.0728  0.0011  0.0115  4  A   A P     
69  O OP1   . A   A 4  ? 0.3641 0.4726 0.4111 0.0806  -0.0013 0.0076  4  A   A OP1   
70  O OP2   . A   A 4  ? 0.3233 0.4090 0.3324 0.0781  -0.0012 0.0241  4  A   A OP2   
71  O "O5'" . A   A 4  ? 0.3214 0.4149 0.3378 0.0633  -0.0002 -0.0017 4  A   A "O5'" 
72  C "C5'" . A   A 4  ? 0.3464 0.4328 0.3646 0.0539  0.0064  -0.0176 4  A   A "C5'" 
73  C "C4'" . A   A 4  ? 0.3703 0.4443 0.3654 0.0473  0.0087  -0.0253 4  A   A "C4'" 
74  O "O4'" . A   A 4  ? 0.3597 0.4115 0.3410 0.0487  0.0085  -0.0187 4  A   A "O4'" 
75  C "C3'" . A   A 4  ? 0.3636 0.4576 0.3504 0.0490  0.0027  -0.0231 4  A   A "C3'" 
76  O "O3'" . A   A 4  ? 0.3806 0.4966 0.3729 0.0438  0.0023  -0.0344 4  A   A "O3'" 
77  C "C2'" . A   A 4  ? 0.3618 0.4334 0.3253 0.0468  0.0073  -0.0260 4  A   A "C2'" 
78  O "O2'" . A   A 4  ? 0.4024 0.4517 0.3472 0.0395  0.0171  -0.0406 4  A   A "O2'" 
79  C "C1'" . A   A 4  ? 0.3813 0.4370 0.3486 0.0506  0.0058  -0.0179 4  A   A "C1'" 
80  N N9    . A   A 4  ? 0.2817 0.3489 0.2554 0.0556  0.0011  -0.0060 4  A   A N9    
81  C C8    . A   A 4  ? 0.2597 0.3346 0.2447 0.0585  -0.0001 0.0042  4  A   A C8    
82  N N7    . A   A 4  ? 0.2831 0.3600 0.2666 0.0594  0.0008  0.0109  4  A   A N7    
83  C C5    . A   A 4  ? 0.2678 0.3443 0.2453 0.0583  0.0002  0.0043  4  A   A C5    
84  C C6    . A   A 4  ? 0.2612 0.3441 0.2409 0.0587  0.0014  0.0041  4  A   A C6    
85  N N6    . A   A 4  ? 0.2776 0.3659 0.2641 0.0560  0.0060  0.0088  4  A   A N6    
86  N N1    . A   A 4  ? 0.2979 0.3797 0.2713 0.0625  -0.0001 -0.0029 4  A   A N1    
87  C C2    . A   A 4  ? 0.2739 0.3409 0.2319 0.0641  -0.0005 -0.0089 4  A   A C2    
88  N N3    . A   A 4  ? 0.3368 0.3942 0.2899 0.0599  0.0011  -0.0115 4  A   A N3    
89  C C4    . A   A 4  ? 0.2714 0.3391 0.2393 0.0577  0.0002  -0.0046 4  A   A C4    
90  P P     . A   A 5  ? 0.3950 0.5007 0.4118 0.0389  -0.0810 -0.0893 5  A   A P     
91  O OP1   . A   A 5  ? 0.4003 0.5076 0.4120 0.0356  -0.0848 -0.0974 5  A   A OP1   
92  O OP2   . A   A 5  ? 0.3823 0.4802 0.3987 0.0423  -0.0850 -0.0876 5  A   A OP2   
93  O "O5'" . A   A 5  ? 0.3625 0.4561 0.3688 0.0393  -0.0675 -0.0793 5  A   A "O5'" 
94  C "C5'" . A   A 5  ? 0.3643 0.4573 0.3696 0.0386  -0.0542 -0.0763 5  A   A "C5'" 
95  C "C4'" . A   A 5  ? 0.3855 0.4666 0.3841 0.0422  -0.0376 -0.0616 5  A   A "C4'" 
96  O "O4'" . A   A 5  ? 0.4063 0.5107 0.4156 0.0474  -0.0374 -0.0505 5  A   A "O4'" 
97  C "C3'" . A   A 5  ? 0.4100 0.4660 0.3927 0.0399  -0.0371 -0.0599 5  A   A "C3'" 
98  O "O3'" . A   A 5  ? 0.4542 0.4907 0.4231 0.0313  -0.0284 -0.0674 5  A   A "O3'" 
99  C "C2'" . A   A 5  ? 0.3989 0.4549 0.3822 0.0466  -0.0237 -0.0423 5  A   A "C2'" 
100 O "O2'" . A   A 5  ? 0.4174 0.4646 0.4002 0.0492  0.0000  -0.0321 5  A   A "O2'" 
101 C "C1'" . A   A 5  ? 0.3807 0.4727 0.3801 0.0500  -0.0322 -0.0402 5  A   A "C1'" 
102 N N9    . A   A 5  ? 0.3410 0.4358 0.3394 0.0476  -0.0457 -0.0463 5  A   A N9    
103 C C8    . A   A 5  ? 0.3331 0.4279 0.3354 0.0442  -0.0589 -0.0598 5  A   A C8    
104 N N7    . A   A 5  ? 0.3802 0.4711 0.3795 0.0437  -0.0616 -0.0617 5  A   A N7    
105 C C5    . A   A 5  ? 0.3244 0.4146 0.3155 0.0458  -0.0532 -0.0495 5  A   A C5    
106 C C6    . A   A 5  ? 0.2987 0.3868 0.2818 0.0454  -0.0509 -0.0462 5  A   A C6    
107 N N6    . A   A 5  ? 0.3427 0.4252 0.3244 0.0420  -0.0541 -0.0565 5  A   A N6    
108 N N1    . A   A 5  ? 0.2988 0.3906 0.2750 0.0491  -0.0414 -0.0306 5  A   A N1    
109 C C2    . A   A 5  ? 0.3118 0.4039 0.2903 0.0541  -0.0311 -0.0181 5  A   A C2    
110 N N3    . A   A 5  ? 0.3182 0.4104 0.3044 0.0543  -0.0293 -0.0216 5  A   A N3    
111 C C4    . A   A 5  ? 0.3347 0.4272 0.3259 0.0492  -0.0429 -0.0383 5  A   A C4    
112 P P     . G   A 6  ? 0.4656 0.4888 0.4196 0.0239  -0.0351 -0.0729 6  G   A P     
113 O OP1   . G   A 6  ? 0.4883 0.5054 0.4298 0.0092  -0.0227 -0.0849 6  G   A OP1   
114 O OP2   . G   A 6  ? 0.4241 0.4610 0.3836 0.0292  -0.0564 -0.0750 6  G   A OP2   
115 O "O5'" . G   A 6  ? 0.4075 0.4098 0.3558 0.0276  -0.0229 -0.0590 6  G   A "O5'" 
116 C "C5'" . G   A 6  ? 0.4652 0.4481 0.4087 0.0256  0.0028  -0.0510 6  G   A "C5'" 
117 C "C4'" . G   A 6  ? 0.4336 0.4038 0.3740 0.0326  0.0083  -0.0349 6  G   A "C4'" 
118 O "O4'" . G   A 6  ? 0.4193 0.4141 0.3712 0.0442  -0.0029 -0.0256 6  G   A "O4'" 
119 C "C3'" A G   A 6  ? 0.3974 0.3514 0.3257 0.0276  -0.0017 -0.0379 6  G   A "C3'" 
120 C "C3'" B G   A 6  ? 0.4271 0.3828 0.3554 0.0265  -0.0037 -0.0403 6  G   A "C3'" 
121 O "O3'" A G   A 6  ? 0.4531 0.3824 0.3691 0.0148  0.0158  -0.0419 6  G   A "O3'" 
122 O "O3'" B G   A 6  ? 0.4744 0.4098 0.3891 0.0102  0.0102  -0.0495 6  G   A "O3'" 
123 C "C2'" A G   A 6  ? 0.4265 0.3789 0.3564 0.0385  0.0001  -0.0212 6  G   A "C2'" 
124 C "C2'" B G   A 6  ? 0.4403 0.3917 0.3694 0.0371  -0.0011 -0.0235 6  G   A "C2'" 
125 O "O2'" A G   A 6  ? 0.4629 0.4012 0.3915 0.0427  0.0260  -0.0041 6  G   A "O2'" 
126 O "O2'" B G   A 6  ? 0.4808 0.4119 0.4059 0.0385  0.0255  -0.0090 6  G   A "O2'" 
127 C "C1'" . G   A 6  ? 0.4224 0.4083 0.3671 0.0464  -0.0099 -0.0202 6  G   A "C1'" 
128 N N9    . G   A 6  ? 0.3640 0.3620 0.3113 0.0469  -0.0316 -0.0303 6  G   A N9    
129 C C8    . G   A 6  ? 0.3879 0.3997 0.3428 0.0449  -0.0445 -0.0430 6  G   A C8    
130 N N7    . G   A 6  ? 0.3423 0.3597 0.3003 0.0472  -0.0560 -0.0477 6  G   A N7    
131 C C5    . G   A 6  ? 0.3192 0.3273 0.2694 0.0494  -0.0527 -0.0403 6  G   A C5    
132 C C6    . G   A 6  ? 0.3791 0.3862 0.3274 0.0510  -0.0576 -0.0433 6  G   A C6    
133 O O6    . G   A 6  ? 0.3495 0.3603 0.3038 0.0515  -0.0628 -0.0523 6  G   A O6    
134 N N1    . G   A 6  ? 0.3342 0.3317 0.2718 0.0522  -0.0521 -0.0345 6  G   A N1    
135 C C2    . G   A 6  ? 0.3379 0.3272 0.2695 0.0533  -0.0415 -0.0215 6  G   A C2    
136 N N2    . G   A 6  ? 0.3684 0.3484 0.2897 0.0553  -0.0372 -0.0124 6  G   A N2    
137 N N3    . G   A 6  ? 0.3381 0.3252 0.2731 0.0523  -0.0327 -0.0177 6  G   A N3    
138 C C4    . G   A 6  ? 0.3494 0.3468 0.2931 0.0497  -0.0392 -0.0285 6  G   A C4    
139 P P     A A   A 7  ? 0.3905 0.3093 0.2932 0.0030  0.0065  -0.0503 7  A   A P     
140 P P     B A   A 7  ? 0.4564 0.4007 0.3608 -0.0050 -0.0030 -0.0658 7  A   A P     
141 O OP1   A A   A 7  ? 0.3809 0.2795 0.2717 -0.0169 0.0332  -0.0587 7  A   A OP1   
142 O OP1   B A   A 7  ? 0.4887 0.4198 0.3807 -0.0263 0.0219  -0.0768 7  A   A OP1   
143 O OP2   A A   A 7  ? 0.3755 0.3213 0.2824 0.0057  -0.0203 -0.0588 7  A   A OP2   
144 O OP2   B A   A 7  ? 0.4531 0.4282 0.3656 0.0007  -0.0264 -0.0719 7  A   A OP2   
145 O "O5'" A A   A 7  ? 0.4094 0.3087 0.3080 0.0110  0.0055  -0.0365 7  A   A "O5'" 
146 O "O5'" B A   A 7  ? 0.4377 0.3684 0.3360 -0.0021 -0.0125 -0.0587 7  A   A "O5'" 
147 C "C5'" A A   A 7  ? 0.3877 0.2614 0.2825 0.0128  0.0287  -0.0225 7  A   A "C5'" 
148 C "C5'" B A   A 7  ? 0.4308 0.3305 0.3214 -0.0052 0.0062  -0.0502 7  A   A "C5'" 
149 C "C4'" A A   A 7  ? 0.3980 0.2641 0.2886 0.0215  0.0166  -0.0126 7  A   A "C4'" 
150 C "C4'" B A   A 7  ? 0.4219 0.3141 0.3128 0.0079  -0.0073 -0.0390 7  A   A "C4'" 
151 O "O4'" A A   A 7  ? 0.4214 0.3142 0.3214 0.0365  0.0013  -0.0062 7  A   A "O4'" 
152 O "O4'" B A   A 7  ? 0.4001 0.3100 0.3028 0.0240  -0.0164 -0.0316 7  A   A "O4'" 
153 C "C3'" A A   A 7  ? 0.4074 0.2684 0.2894 0.0144  -0.0030 -0.0235 7  A   A "C3'" 
154 C "C3'" B A   A 7  ? 0.3966 0.2974 0.2841 0.0076  -0.0295 -0.0447 7  A   A "C3'" 
155 O "O3'" A A   A 7  ? 0.4207 0.2561 0.2910 -0.0020 0.0108  -0.0275 7  A   A "O3'" 
156 O "O3'" B A   A 7  ? 0.3722 0.2601 0.2478 -0.0088 -0.0227 -0.0498 7  A   A "O3'" 
157 C "C2'" A A   A 7  ? 0.3582 0.2184 0.2397 0.0280  -0.0143 -0.0137 7  A   A "C2'" 
158 C "C2'" B A   A 7  ? 0.3866 0.2817 0.2768 0.0234  -0.0386 -0.0349 7  A   A "C2'" 
159 O "O2'" A A   A 7  ? 0.3663 0.2032 0.2410 0.0291  0.0026  0.0002  7  A   A "O2'" 
160 O "O2'" B A   A 7  ? 0.4091 0.2782 0.2904 0.0233  -0.0299 -0.0259 7  A   A "O2'" 
161 C "C1'" A A   A 7  ? 0.3872 0.2776 0.2815 0.0385  -0.0182 -0.0108 7  A   A "C1'" 
162 C "C1'" B A   A 7  ? 0.3730 0.2866 0.2753 0.0314  -0.0350 -0.0316 7  A   A "C1'" 
163 N N9    A A   A 7  ? 0.3508 0.2616 0.2522 0.0400  -0.0370 -0.0234 7  A   A N9    
164 N N9    B A   A 7  ? 0.3715 0.3092 0.2839 0.0360  -0.0500 -0.0396 7  A   A N9    
165 C C8    A A   A 7  ? 0.3521 0.2795 0.2612 0.0365  -0.0402 -0.0323 7  A   A C8    
166 C C8    B A   A 7  ? 0.3621 0.3181 0.2810 0.0325  -0.0531 -0.0477 7  A   A C8    
167 N N7    A A   A 7  ? 0.3482 0.2922 0.2648 0.0412  -0.0546 -0.0392 7  A   A N7    
168 N N7    B A   A 7  ? 0.3542 0.3271 0.2827 0.0397  -0.0655 -0.0511 7  A   A N7    
169 C C5    A A   A 7  ? 0.3678 0.3040 0.2809 0.0470  -0.0599 -0.0366 7  A   A C5    
170 C C5    B A   A 7  ? 0.3681 0.3319 0.2959 0.0469  -0.0683 -0.0469 7  A   A C5    
171 C C6    A A   A 7  ? 0.3508 0.2917 0.2684 0.0534  -0.0681 -0.0416 7  A   A C6    
172 C C6    B A   A 7  ? 0.3784 0.3463 0.3127 0.0544  -0.0736 -0.0493 7  A   A C6    
173 N N6    A A   A 7  ? 0.3653 0.3213 0.2941 0.0566  -0.0730 -0.0475 7  A   A N6    
174 N N6    B A   A 7  ? 0.3807 0.3639 0.3271 0.0580  -0.0769 -0.0540 7  A   A N6    
175 N N1    A A   A 7  ? 0.3596 0.2881 0.2696 0.0562  -0.0673 -0.0401 7  A   A N1    
176 N N1    B A   A 7  ? 0.3748 0.3297 0.3028 0.0568  -0.0711 -0.0471 7  A   A N1    
177 C C2    A A   A 7  ? 0.3332 0.2482 0.2324 0.0542  -0.0621 -0.0323 7  A   A C2    
178 C C2    B A   A 7  ? 0.4010 0.3410 0.3175 0.0540  -0.0669 -0.0407 7  A   A C2    
179 N N3    A A   A 7  ? 0.4065 0.3141 0.3020 0.0501  -0.0535 -0.0243 7  A   A N3    
180 N N3    B A   A 7  ? 0.3794 0.3116 0.2904 0.0486  -0.0609 -0.0357 7  A   A N3    
181 C C4    A A   A 7  ? 0.3567 0.2748 0.2598 0.0463  -0.0510 -0.0275 7  A   A C4    
182 C C4    B A   A 7  ? 0.4006 0.3447 0.3176 0.0446  -0.0608 -0.0402 7  A   A C4    
183 P P     A A   A 8  ? 0.5215 0.3681 0.3851 -0.0182 -0.0021 -0.0432 8  A   A P     
184 P P     B A   A 8  ? 0.4296 0.3432 0.3022 -0.0171 -0.0387 -0.0581 8  A   A P     
185 O OP1   A A   A 8  ? 0.4439 0.2643 0.2957 -0.0388 0.0182  -0.0471 8  A   A OP1   
186 O OP1   B A   A 8  ? 0.4396 0.3444 0.2997 -0.0412 -0.0236 -0.0658 8  A   A OP1   
187 O OP2   A A   A 8  ? 0.4802 0.3595 0.3496 -0.0218 -0.0091 -0.0540 8  A   A OP2   
188 O OP2   B A   A 8  ? 0.4158 0.3656 0.2977 -0.0114 -0.0509 -0.0622 8  A   A OP2   
189 O "O5'" A A   A 8  ? 0.5164 0.3703 0.3820 -0.0024 -0.0293 -0.0389 8  A   A "O5'" 
190 O "O5'" B A   A 8  ? 0.4229 0.3255 0.2965 -0.0010 -0.0541 -0.0491 8  A   A "O5'" 
191 C "C5'" A A   A 8  ? 0.4792 0.3583 0.3468 -0.0019 -0.0490 -0.0450 8  A   A "C5'" 
192 C "C5'" B A   A 8  ? 0.4356 0.3072 0.3006 -0.0026 -0.0485 -0.0438 8  A   A "C5'" 
193 C "C4'" A A   A 8  ? 0.4740 0.3453 0.3421 0.0136  -0.0641 -0.0390 8  A   A "C4'" 
194 C "C4'" B A   A 8  ? 0.4484 0.3168 0.3156 0.0145  -0.0648 -0.0384 8  A   A "C4'" 
195 O "O4'" . A   A 8  ? 0.4343 0.3072 0.3100 0.0289  -0.0665 -0.0352 8  A   A "O4'" 
196 C "C3'" . A   A 8  ? 0.4118 0.3071 0.2845 0.0197  -0.0796 -0.0397 8  A   A "C3'" 
197 O "O3'" . A   A 8  ? 0.4280 0.3238 0.2926 0.0070  -0.0807 -0.0409 8  A   A "O3'" 
198 C "C2'" . A   A 8  ? 0.4411 0.3252 0.3182 0.0388  -0.0863 -0.0352 8  A   A "C2'" 
199 O "O2'" . A   A 8  ? 0.4454 0.3017 0.3125 0.0404  -0.0872 -0.0326 8  A   A "O2'" 
200 C "C1'" . A   A 8  ? 0.4470 0.3304 0.3287 0.0411  -0.0788 -0.0360 8  A   A "C1'" 
201 N N9    . A   A 8  ? 0.4090 0.3189 0.3033 0.0454  -0.0811 -0.0391 8  A   A N9    
202 C C8    . A   A 8  ? 0.4401 0.3681 0.3389 0.0381  -0.0777 -0.0429 8  A   A C8    
203 N N7    . A   A 8  ? 0.4094 0.3579 0.3198 0.0450  -0.0819 -0.0449 8  A   A N7    
204 C C5    . A   A 8  ? 0.3356 0.2776 0.2502 0.0575  -0.0855 -0.0422 8  A   A C5    
205 C C6    . A   A 8  ? 0.3861 0.3382 0.3134 0.0684  -0.0856 -0.0427 8  A   A C6    
206 N N6    . A   A 8  ? 0.3613 0.3343 0.2997 0.0690  -0.0862 -0.0451 8  A   A N6    
207 N N1    . A   A 8  ? 0.3491 0.2857 0.2767 0.0778  -0.0821 -0.0413 8  A   A N1    
208 C C2    . A   A 8  ? 0.3972 0.3115 0.3126 0.0768  -0.0822 -0.0400 8  A   A C2    
209 N N3    . A   A 8  ? 0.3875 0.2916 0.2907 0.0677  -0.0851 -0.0384 8  A   A N3    
210 C C4    . A   A 8  ? 0.3741 0.2928 0.2782 0.0579  -0.0852 -0.0393 8  A   A C4    
211 P P     . A   A 9  ? 0.4504 0.3758 0.3270 0.0395  -0.0708 -0.0529 9  A   A P     
212 O OP1   . A   A 9  ? 0.4616 0.4070 0.3414 0.0439  -0.0766 -0.0616 9  A   A OP1   
213 O OP2   . A   A 9  ? 0.4261 0.3323 0.2963 0.0316  -0.0703 -0.0464 9  A   A OP2   
214 O "O5'" . A   A 9  ? 0.3980 0.3415 0.2881 0.0382  -0.0597 -0.0431 9  A   A "O5'" 
215 C "C5'" . A   A 9  ? 0.3770 0.3402 0.2760 0.0433  -0.0573 -0.0446 9  A   A "C5'" 
216 C "C4'" . A   A 9  ? 0.3977 0.3694 0.3109 0.0409  -0.0482 -0.0339 9  A   A "C4'" 
217 O "O4'" . A   A 9  ? 0.3862 0.3372 0.2960 0.0414  -0.0471 -0.0344 9  A   A "O4'" 
218 C "C3'" . A   A 9  ? 0.3974 0.3787 0.3202 0.0335  -0.0422 -0.0223 9  A   A "C3'" 
219 O "O3'" . A   A 9  ? 0.3989 0.4073 0.3306 0.0330  -0.0408 -0.0184 9  A   A "O3'" 
220 C "C2'" . A   A 9  ? 0.3433 0.3227 0.2785 0.0333  -0.0365 -0.0166 9  A   A "C2'" 
221 O "O2'" . A   A 9  ? 0.3531 0.3508 0.3026 0.0368  -0.0342 -0.0140 9  A   A "O2'" 
222 C "C1'" . A   A 9  ? 0.4162 0.3711 0.3381 0.0366  -0.0401 -0.0246 9  A   A "C1'" 
223 N N9    . A   A 9  ? 0.3817 0.3189 0.2938 0.0313  -0.0406 -0.0233 9  A   A N9    
224 C C8    . A   A 9  ? 0.4023 0.3240 0.2984 0.0282  -0.0459 -0.0262 9  A   A C8    
225 N N7    . A   A 9  ? 0.3819 0.2914 0.2726 0.0222  -0.0446 -0.0225 9  A   A N7    
226 C C5    . A   A 9  ? 0.3952 0.3145 0.2998 0.0219  -0.0380 -0.0180 9  A   A C5    
227 C C6    . A   A 9  ? 0.3565 0.2746 0.2649 0.0172  -0.0340 -0.0143 9  A   A C6    
228 N N6    . A   A 9  ? 0.3415 0.2477 0.2373 0.0106  -0.0352 -0.0129 9  A   A N6    
229 N N1    . A   A 9  ? 0.3546 0.2866 0.2824 0.0192  -0.0293 -0.0124 9  A   A N1    
230 C C2    . A   A 9  ? 0.3129 0.2567 0.2542 0.0249  -0.0284 -0.0123 9  A   A C2    
231 N N3    . A   A 9  ? 0.3260 0.2727 0.2632 0.0289  -0.0311 -0.0146 9  A   A N3    
232 C C4    . A   A 9  ? 0.3429 0.2779 0.2617 0.0275  -0.0359 -0.0182 9  A   A C4    
233 P P     . A   A 10 ? 0.3876 0.4070 0.3244 0.0265  -0.0376 -0.0101 10 A   A P     
234 O OP1   . A   A 10 ? 0.4377 0.4879 0.3824 0.0279  -0.0373 -0.0074 10 A   A OP1   
235 O OP2   . A   A 10 ? 0.3964 0.3957 0.3200 0.0233  -0.0408 -0.0146 10 A   A OP2   
236 O "O5'" . A   A 10 ? 0.3487 0.3677 0.3003 0.0225  -0.0311 0.0004  10 A   A "O5'" 
237 C "C5'" . A   A 10 ? 0.3516 0.3884 0.3212 0.0232  -0.0278 0.0084  10 A   A "C5'" 
238 C "C4'" . A   A 10 ? 0.3169 0.3471 0.3002 0.0197  -0.0242 0.0146  10 A   A "C4'" 
239 O "O4'" . A   A 10 ? 0.3205 0.3289 0.2962 0.0218  -0.0250 0.0074  10 A   A "O4'" 
240 C "C3'" . A   A 10 ? 0.2786 0.3077 0.2622 0.0133  -0.0226 0.0187  10 A   A "C3'" 
241 O "O3'" . A   A 10 ? 0.2980 0.3497 0.2946 0.0105  -0.0211 0.0283  10 A   A "O3'" 
242 C "C2'" . A   A 10 ? 0.3032 0.3214 0.2960 0.0121  -0.0210 0.0185  10 A   A "C2'" 
243 O "O2'" . A   A 10 ? 0.2636 0.2949 0.2800 0.0129  -0.0198 0.0255  10 A   A "O2'" 
244 C "C1'" . A   A 10 ? 0.2837 0.2842 0.2629 0.0170  -0.0229 0.0094  10 A   A "C1'" 
245 N N9    . A   A 10 ? 0.2953 0.2783 0.2541 0.0142  -0.0249 0.0039  10 A   A N9    
246 C C8    . A   A 10 ? 0.3440 0.3188 0.2848 0.0146  -0.0288 -0.0012 10 A   A C8    
247 N N7    . A   A 10 ? 0.3529 0.3105 0.2800 0.0106  -0.0304 -0.0038 10 A   A N7    
248 C C5    . A   A 10 ? 0.2921 0.2490 0.2271 0.0071  -0.0267 -0.0008 10 A   A C5    
249 C C6    . A   A 10 ? 0.2920 0.2376 0.2192 0.0015  -0.0260 -0.0014 10 A   A C6    
250 N N6    . A   A 10 ? 0.3357 0.2663 0.2453 -0.0029 -0.0290 -0.0030 10 A   A N6    
251 N N1    . A   A 10 ? 0.3057 0.2590 0.2464 -0.0001 -0.0226 0.0000  10 A   A N1    
252 C C2    . A   A 10 ? 0.3110 0.2786 0.2728 0.0041  -0.0207 0.0021  10 A   A C2    
253 N N3    . A   A 10 ? 0.2772 0.2540 0.2475 0.0087  -0.0212 0.0047  10 A   A N3    
254 C C4    . A   A 10 ? 0.2446 0.2166 0.1999 0.0099  -0.0238 0.0029  10 A   A C4    
255 P P     . G   A 11 ? 0.3237 0.3809 0.3142 0.0060  -0.0206 0.0297  11 G   A P     
256 O OP1   . G   A 11 ? 0.3425 0.4272 0.3454 0.0056  -0.0198 0.0395  11 G   A OP1   
257 O OP2   . G   A 11 ? 0.3302 0.3745 0.3000 0.0068  -0.0233 0.0198  11 G   A OP2   
258 O "O5'" . G   A 11 ? 0.2846 0.3315 0.2829 0.0008  -0.0186 0.0316  11 G   A "O5'" 
259 C "C5'" . G   A 11 ? 0.2555 0.3124 0.2762 -0.0006 -0.0177 0.0397  11 G   A "C5'" 
260 C "C4'" . G   A 11 ? 0.2381 0.2833 0.2634 -0.0039 -0.0172 0.0361  11 G   A "C4'" 
261 O "O4'" . G   A 11 ? 0.2738 0.3023 0.2893 -0.0012 -0.0175 0.0278  11 G   A "O4'" 
262 C "C3'" . G   A 11 ? 0.2595 0.2993 0.2740 -0.0094 -0.0161 0.0326  11 G   A "C3'" 
263 O "O3'" . G   A 11 ? 0.2354 0.2897 0.2630 -0.0124 -0.0158 0.0395  11 G   A "O3'" 
264 C "C2'" . G   A 11 ? 0.2515 0.2797 0.2676 -0.0109 -0.0159 0.0265  11 G   A "C2'" 
265 O "O2'" . G   A 11 ? 0.2914 0.3287 0.3319 -0.0114 -0.0169 0.0289  11 G   A "O2'" 
266 C "C1'" . G   A 11 ? 0.2655 0.2832 0.2728 -0.0055 -0.0168 0.0225  11 G   A "C1'" 
267 N N9    . G   A 11 ? 0.2737 0.2766 0.2563 -0.0062 -0.0174 0.0170  11 G   A N9    
268 C C8    . G   A 11 ? 0.2717 0.2722 0.2407 -0.0038 -0.0193 0.0157  11 G   A C8    
269 N N7    . G   A 11 ? 0.3157 0.3003 0.2658 -0.0054 -0.0213 0.0103  11 G   A N7    
270 C C5    . G   A 11 ? 0.3114 0.2890 0.2609 -0.0104 -0.0196 0.0094  11 G   A C5    
271 C C6    . G   A 11 ? 0.3410 0.3029 0.2743 -0.0152 -0.0206 0.0060  11 G   A C6    
272 O O6    . G   A 11 ? 0.3214 0.2700 0.2385 -0.0163 -0.0241 0.0037  11 G   A O6    
273 N N1    . G   A 11 ? 0.3037 0.2683 0.2427 -0.0197 -0.0181 0.0058  11 G   A N1    
274 C C2    . G   A 11 ? 0.2846 0.2640 0.2444 -0.0189 -0.0159 0.0068  11 G   A C2    
275 N N2    . G   A 11 ? 0.3024 0.2860 0.2668 -0.0233 -0.0145 0.0041  11 G   A N2    
276 N N3    . G   A 11 ? 0.2694 0.2605 0.2460 -0.0140 -0.0159 0.0104  11 G   A N3    
277 C C4    . G   A 11 ? 0.2868 0.2769 0.2565 -0.0105 -0.0172 0.0123  11 G   A C4    
278 P P     . G   A 12 ? 0.2815 0.3369 0.2970 -0.0167 -0.0145 0.0373  12 G   A P     
279 O OP1   . G   A 12 ? 0.3250 0.3982 0.3583 -0.0184 -0.0150 0.0460  12 G   A OP1   
280 O OP2   . G   A 12 ? 0.2957 0.3460 0.2909 -0.0148 -0.0147 0.0326  12 G   A OP2   
281 O "O5'" . G   A 12 ? 0.2913 0.3336 0.3021 -0.0216 -0.0136 0.0299  12 G   A "O5'" 
282 C "C5'" . G   A 12 ? 0.2965 0.3423 0.3248 -0.0240 -0.0144 0.0294  12 G   A "C5'" 
283 C "C4'" . G   A 12 ? 0.3306 0.3661 0.3484 -0.0287 -0.0132 0.0207  12 G   A "C4'" 
284 O "O4'" . G   A 12 ? 0.3108 0.3332 0.3153 -0.0265 -0.0131 0.0169  12 G   A "O4'" 
285 C "C3'" . G   A 12 ? 0.3277 0.3589 0.3288 -0.0342 -0.0112 0.0175  12 G   A "C3'" 
286 O "O3'" . G   A 12 ? 0.3528 0.3948 0.3648 -0.0378 -0.0110 0.0174  12 G   A "O3'" 
287 C "C2'" . G   A 12 ? 0.3339 0.3529 0.3219 -0.0379 -0.0105 0.0110  12 G   A "C2'" 
288 O "O2'" . G   A 12 ? 0.3638 0.3904 0.3635 -0.0416 -0.0106 0.0064  12 G   A "O2'" 
289 C "C1'" . G   A 12 ? 0.3213 0.3327 0.3062 -0.0319 -0.0119 0.0119  12 G   A "C1'" 
290 N N9    . G   A 12 ? 0.2905 0.2894 0.2557 -0.0303 -0.0127 0.0120  12 G   A N9    
291 C C8    . G   A 12 ? 0.2972 0.2978 0.2602 -0.0250 -0.0141 0.0146  12 G   A C8    
292 N N7    . G   A 12 ? 0.3381 0.3268 0.2843 -0.0244 -0.0162 0.0118  12 G   A N7    
293 C C5    . G   A 12 ? 0.3342 0.3101 0.2696 -0.0302 -0.0161 0.0088  12 G   A C5    
294 C C6    . G   A 12 ? 0.3352 0.2937 0.2524 -0.0330 -0.0190 0.0062  12 G   A C6    
295 O O6    . G   A 12 ? 0.3975 0.3477 0.3057 -0.0298 -0.0230 0.0044  12 G   A O6    
296 N N1    . G   A 12 ? 0.3728 0.3254 0.2839 -0.0404 -0.0177 0.0056  12 G   A N1    
297 C C2    . G   A 12 ? 0.3174 0.2818 0.2393 -0.0439 -0.0140 0.0052  12 G   A C2    
298 N N2    . G   A 12 ? 0.3727 0.3339 0.2866 -0.0514 -0.0131 0.0039  12 G   A N2    
299 N N3    . G   A 12 ? 0.3481 0.3284 0.2891 -0.0406 -0.0122 0.0058  12 G   A N3    
300 C C4    . G   A 12 ? 0.3100 0.2940 0.2566 -0.0339 -0.0134 0.0086  12 G   A C4    
301 O "O5'" . DC  B 1  ? 0.6245 0.5013 0.6060 -0.0033 -0.0300 0.0377  13 DC  B "O5'" 
302 C "C5'" . DC  B 1  ? 0.5663 0.4453 0.5423 -0.0056 -0.0291 0.0515  13 DC  B "C5'" 
303 C "C4'" . DC  B 1  ? 0.4964 0.3761 0.4525 -0.0079 -0.0219 0.0466  13 DC  B "C4'" 
304 O "O4'" . DC  B 1  ? 0.4658 0.3364 0.4226 -0.0083 -0.0228 0.0368  13 DC  B "O4'" 
305 C "C3'" . DC  B 1  ? 0.4706 0.3576 0.4086 -0.0086 -0.0178 0.0404  13 DC  B "C3'" 
306 O "O3'" . DC  B 1  ? 0.4880 0.3862 0.4173 -0.0113 -0.0156 0.0481  13 DC  B "O3'" 
307 C "C2'" . DC  B 1  ? 0.4439 0.3272 0.3778 -0.0107 -0.0145 0.0342  13 DC  B "C2'" 
308 C "C1'" . DC  B 1  ? 0.4751 0.3476 0.4167 -0.0106 -0.0195 0.0308  13 DC  B "C1'" 
309 N N1    . DC  B 1  ? 0.4140 0.2849 0.3469 -0.0120 -0.0204 0.0203  13 DC  B N1    
310 C C2    . DC  B 1  ? 0.3937 0.2655 0.3144 -0.0162 -0.0198 0.0170  13 DC  B C2    
311 O O2    . DC  B 1  ? 0.3809 0.2536 0.3041 -0.0174 -0.0196 0.0209  13 DC  B O2    
312 N N3    . DC  B 1  ? 0.3925 0.2649 0.3026 -0.0206 -0.0197 0.0089  13 DC  B N3    
313 C C4    . DC  B 1  ? 0.4197 0.2934 0.3333 -0.0200 -0.0175 -0.0003 13 DC  B C4    
314 N N4    . DC  B 1  ? 0.4424 0.3198 0.3450 -0.0263 -0.0140 -0.0106 13 DC  B N4    
315 C C5    . DC  B 1  ? 0.4992 0.3714 0.4328 -0.0143 -0.0188 0.0005  13 DC  B C5    
316 C C6    . DC  B 1  ? 0.4794 0.3497 0.4205 -0.0107 -0.0214 0.0129  13 DC  B C6    
317 P P     . DC  B 2  ? 0.4774 0.3847 0.3937 -0.0115 -0.0158 0.0444  14 DC  B P     
318 O OP1   . DC  B 2  ? 0.5176 0.4376 0.4226 -0.0174 -0.0150 0.0545  14 DC  B OP1   
319 O OP2   . DC  B 2  ? 0.4496 0.3523 0.3751 -0.0075 -0.0214 0.0402  14 DC  B OP2   
320 O "O5'" . DC  B 2  ? 0.4157 0.3244 0.3253 -0.0117 -0.0091 0.0315  14 DC  B "O5'" 
321 C "C5'" . DC  B 2  ? 0.4063 0.3197 0.3168 -0.0150 -0.0024 0.0288  14 DC  B "C5'" 
322 C "C4'" . DC  B 2  ? 0.3895 0.3017 0.3053 -0.0146 -0.0007 0.0177  14 DC  B "C4'" 
323 O "O4'" . DC  B 2  ? 0.3660 0.2654 0.2878 -0.0137 -0.0060 0.0183  14 DC  B "O4'" 
324 C "C3'" . DC  B 2  ? 0.3604 0.2790 0.2702 -0.0133 -0.0014 0.0108  14 DC  B "C3'" 
325 O "O3'" . DC  B 2  ? 0.3992 0.3324 0.3045 -0.0161 0.0041  0.0046  14 DC  B "O3'" 
326 C "C2'" . DC  B 2  ? 0.3606 0.2730 0.2820 -0.0137 -0.0034 0.0058  14 DC  B "C2'" 
327 C "C1'" . DC  B 2  ? 0.3858 0.2857 0.3068 -0.0140 -0.0078 0.0126  14 DC  B "C1'" 
328 N N1    . DC  B 2  ? 0.3603 0.2554 0.2725 -0.0131 -0.0108 0.0123  14 DC  B N1    
329 C C2    . DC  B 2  ? 0.3289 0.2230 0.2390 -0.0165 -0.0125 0.0093  14 DC  B C2    
330 O O2    . DC  B 2  ? 0.3586 0.2544 0.2768 -0.0191 -0.0140 0.0093  14 DC  B O2    
331 N N3    . DC  B 2  ? 0.3592 0.2513 0.2618 -0.0183 -0.0120 0.0059  14 DC  B N3    
332 C C4    . DC  B 2  ? 0.3421 0.2326 0.2468 -0.0153 -0.0110 0.0035  14 DC  B C4    
333 N N4    . DC  B 2  ? 0.3899 0.2810 0.2929 -0.0181 -0.0082 -0.0048 14 DC  B N4    
334 C C5    . DC  B 2  ? 0.3609 0.2509 0.2728 -0.0108 -0.0125 0.0092  14 DC  B C5    
335 C C6    . DC  B 2  ? 0.3372 0.2296 0.2490 -0.0107 -0.0120 0.0145  14 DC  B C6    
336 P P     . DT  B 3  ? 0.4210 0.3638 0.3137 -0.0160 0.0015  0.0019  15 DT  B P     
337 O OP1   . DT  B 3  ? 0.4843 0.4445 0.3690 -0.0223 0.0088  -0.0061 15 DT  B OP1   
338 O OP2   . DT  B 3  ? 0.4014 0.3386 0.2878 -0.0138 -0.0066 0.0131  15 DT  B OP2   
339 O "O5'" . DT  B 3  ? 0.3691 0.3087 0.2741 -0.0126 -0.0001 -0.0074 15 DT  B "O5'" 
340 C "C5'" . DT  B 3  ? 0.3822 0.3265 0.3052 -0.0141 0.0039  -0.0184 15 DT  B "C5'" 
341 C "C4'" . DT  B 3  ? 0.3945 0.3338 0.3311 -0.0121 -0.0008 -0.0206 15 DT  B "C4'" 
342 O "O4'" . DT  B 3  ? 0.3945 0.3202 0.3288 -0.0124 -0.0050 -0.0103 15 DT  B "O4'" 
343 C "C3'" . DT  B 3  ? 0.3674 0.3099 0.2969 -0.0092 -0.0040 -0.0222 15 DT  B "C3'" 
344 O "O3'" . DT  B 3  ? 0.4147 0.3702 0.3521 -0.0096 -0.0022 -0.0349 15 DT  B "O3'" 
345 C "C2'" . DT  B 3  ? 0.3804 0.3142 0.3207 -0.0097 -0.0076 -0.0181 15 DT  B "C2'" 
346 C "C1'" . DT  B 3  ? 0.3777 0.3012 0.3110 -0.0119 -0.0081 -0.0094 15 DT  B "C1'" 
347 N N1    . DT  B 3  ? 0.3619 0.2795 0.2800 -0.0106 -0.0084 -0.0046 15 DT  B N1    
348 C C2    . DT  B 3  ? 0.3488 0.2631 0.2655 -0.0132 -0.0088 -0.0041 15 DT  B C2    
349 O O2    . DT  B 3  ? 0.3442 0.2602 0.2683 -0.0166 -0.0102 -0.0039 15 DT  B O2    
350 N N3    . DT  B 3  ? 0.3339 0.2445 0.2436 -0.0126 -0.0071 -0.0046 15 DT  B N3    
351 C C4    . DT  B 3  ? 0.3254 0.2336 0.2342 -0.0092 -0.0079 -0.0029 15 DT  B C4    
352 O O4    . DT  B 3  ? 0.3514 0.2569 0.2635 -0.0089 -0.0068 -0.0058 15 DT  B O4    
353 C C5    . DT  B 3  ? 0.3716 0.2833 0.2794 -0.0072 -0.0094 0.0013  15 DT  B C5    
354 C C7    . DT  B 3  ? 0.3873 0.2980 0.2952 -0.0056 -0.0119 0.0079  15 DT  B C7    
355 C C6    . DT  B 3  ? 0.3537 0.2704 0.2638 -0.0085 -0.0081 -0.0011 15 DT  B C6    
356 P P     . DT  B 4  ? 0.4010 0.3646 0.3275 -0.0081 -0.0056 -0.0391 16 DT  B P     
357 O OP1   . DT  B 4  ? 0.4051 0.3852 0.3390 -0.0110 -0.0020 -0.0562 16 DT  B OP1   
358 O OP2   . DT  B 4  ? 0.3814 0.3420 0.2867 -0.0081 -0.0097 -0.0273 16 DT  B OP2   
359 O "O5'" . DT  B 4  ? 0.3760 0.3327 0.3170 -0.0044 -0.0100 -0.0372 16 DT  B "O5'" 
360 C "C5'" . DT  B 4  ? 0.3847 0.3422 0.3512 -0.0047 -0.0104 -0.0425 16 DT  B "C5'" 
361 C "C4'" . DT  B 4  ? 0.3555 0.3065 0.3279 -0.0039 -0.0133 -0.0356 16 DT  B "C4'" 
362 O "O4'" . DT  B 4  ? 0.3362 0.2769 0.2966 -0.0067 -0.0121 -0.0247 16 DT  B "O4'" 
363 C "C3'" . DT  B 4  ? 0.3712 0.3232 0.3364 -0.0004 -0.0152 -0.0363 16 DT  B "C3'" 
364 O "O3'" . DT  B 4  ? 0.3517 0.3123 0.3330 0.0017  -0.0183 -0.0459 16 DT  B "O3'" 
365 C "C2'" . DT  B 4  ? 0.3464 0.2911 0.3142 -0.0025 -0.0131 -0.0289 16 DT  B "C2'" 
366 C "C1'" . DT  B 4  ? 0.3476 0.2853 0.3033 -0.0066 -0.0111 -0.0216 16 DT  B "C1'" 
367 N N1    . DT  B 4  ? 0.3595 0.2921 0.2983 -0.0053 -0.0092 -0.0189 16 DT  B N1    
368 C C2    . DT  B 4  ? 0.3082 0.2367 0.2443 -0.0079 -0.0055 -0.0179 16 DT  B C2    
369 O O2    . DT  B 4  ? 0.3393 0.2695 0.2801 -0.0123 -0.0026 -0.0180 16 DT  B O2    
370 N N3    . DT  B 4  ? 0.3137 0.2382 0.2442 -0.0061 -0.0050 -0.0177 16 DT  B N3    
371 C C4    . DT  B 4  ? 0.3409 0.2640 0.2665 -0.0031 -0.0088 -0.0138 16 DT  B C4    
372 O O4    . DT  B 4  ? 0.3641 0.2831 0.2917 -0.0022 -0.0095 -0.0123 16 DT  B O4    
373 C C5    . DT  B 4  ? 0.3413 0.2700 0.2628 -0.0022 -0.0115 -0.0131 16 DT  B C5    
374 C C7    . DT  B 4  ? 0.3594 0.2910 0.2716 -0.0023 -0.0144 -0.0083 16 DT  B C7    
375 C C6    . DT  B 4  ? 0.3543 0.2876 0.2835 -0.0031 -0.0109 -0.0179 16 DT  B C6    
376 P P     . DT  B 5  ? 0.3677 0.3222 0.3452 -0.0018 -0.0353 -0.0323 17 DT  B P     
377 O OP1   . DT  B 5  ? 0.4027 0.3601 0.3913 0.0005  -0.0412 -0.0429 17 DT  B OP1   
378 O OP2   . DT  B 5  ? 0.3771 0.3353 0.3412 0.0054  -0.0343 -0.0282 17 DT  B OP2   
379 O "O5'" . DT  B 5  ? 0.3801 0.3354 0.3645 -0.0058 -0.0351 -0.0309 17 DT  B "O5'" 
380 C "C5'" . DT  B 5  ? 0.3557 0.3140 0.3588 -0.0098 -0.0363 -0.0315 17 DT  B "C5'" 
381 C "C4'" . DT  B 5  ? 0.3336 0.2949 0.3366 -0.0103 -0.0338 -0.0251 17 DT  B "C4'" 
382 O "O4'" . DT  B 5  ? 0.3132 0.2709 0.3049 -0.0102 -0.0299 -0.0194 17 DT  B "O4'" 
383 C "C3'" . DT  B 5  ? 0.3413 0.3045 0.3353 -0.0066 -0.0362 -0.0276 17 DT  B "C3'" 
384 O "O3'" . DT  B 5  ? 0.3779 0.3458 0.3866 -0.0064 -0.0407 -0.0315 17 DT  B "O3'" 
385 C "C2'" . DT  B 5  ? 0.3381 0.3024 0.3257 -0.0053 -0.0334 -0.0210 17 DT  B "C2'" 
386 C "C1'" . DT  B 5  ? 0.3027 0.2618 0.2860 -0.0066 -0.0307 -0.0183 17 DT  B "C1'" 
387 N N1    . DT  B 5  ? 0.2890 0.2409 0.2594 -0.0049 -0.0321 -0.0185 17 DT  B N1    
388 C C2    . DT  B 5  ? 0.2910 0.2413 0.2556 -0.0014 -0.0342 -0.0175 17 DT  B C2    
389 O O2    . DT  B 5  ? 0.3577 0.3134 0.3220 0.0020  -0.0343 -0.0169 17 DT  B O2    
390 N N3    . DT  B 5  ? 0.3411 0.2848 0.3024 -0.0003 -0.0369 -0.0164 17 DT  B N3    
391 C C4    . DT  B 5  ? 0.2850 0.2272 0.2475 -0.0008 -0.0360 -0.0132 17 DT  B C4    
392 O O4    . DT  B 5  ? 0.3188 0.2579 0.2845 0.0010  -0.0384 -0.0085 17 DT  B O4    
393 C C5    . DT  B 5  ? 0.3051 0.2512 0.2681 -0.0023 -0.0331 -0.0150 17 DT  B C5    
394 C C7    . DT  B 5  ? 0.3078 0.2571 0.2690 0.0013  -0.0319 -0.0115 17 DT  B C7    
395 C C6    . DT  B 5  ? 0.3024 0.2517 0.2698 -0.0046 -0.0322 -0.0191 17 DT  B C6    
396 P P     . DT  B 6  ? 0.3683 0.3388 0.3696 -0.0023 -0.0444 -0.0372 18 DT  B P     
397 O OP1   . DT  B 6  ? 0.3533 0.3274 0.3770 -0.0028 -0.0513 -0.0421 18 DT  B OP1   
398 O OP2   . DT  B 6  ? 0.3758 0.3454 0.3605 0.0022  -0.0440 -0.0416 18 DT  B OP2   
399 O "O5'" . DT  B 6  ? 0.3343 0.3065 0.3273 -0.0018 -0.0409 -0.0299 18 DT  B "O5'" 
400 C "C5'" . DT  B 6  ? 0.3607 0.3391 0.3665 -0.0022 -0.0403 -0.0224 18 DT  B "C5'" 
401 C "C4'" . DT  B 6  ? 0.3522 0.3321 0.3427 0.0014  -0.0379 -0.0179 18 DT  B "C4'" 
402 O "O4'" . DT  B 6  ? 0.3422 0.3181 0.3205 0.0032  -0.0355 -0.0165 18 DT  B "O4'" 
403 C "C3'" . DT  B 6  ? 0.3613 0.3393 0.3382 0.0030  -0.0392 -0.0232 18 DT  B "C3'" 
404 O "O3'" . DT  B 6  ? 0.4071 0.3900 0.3932 0.0030  -0.0417 -0.0233 18 DT  B "O3'" 
405 C "C2'" . DT  B 6  ? 0.3542 0.3311 0.3169 0.0066  -0.0373 -0.0195 18 DT  B "C2'" 
406 C "C1'" . DT  B 6  ? 0.3375 0.3113 0.3008 0.0066  -0.0364 -0.0179 18 DT  B "C1'" 
407 N N1    . DT  B 6  ? 0.3332 0.2993 0.2895 0.0058  -0.0372 -0.0213 18 DT  B N1    
408 C C2    . DT  B 6  ? 0.3685 0.3310 0.3169 0.0094  -0.0394 -0.0213 18 DT  B C2    
409 O O2    . DT  B 6  ? 0.4524 0.4169 0.3954 0.0143  -0.0411 -0.0207 18 DT  B O2    
410 N N3    . DT  B 6  ? 0.3721 0.3288 0.3219 0.0083  -0.0405 -0.0213 18 DT  B N3    
411 C C4    . DT  B 6  ? 0.3032 0.2593 0.2568 0.0057  -0.0386 -0.0203 18 DT  B C4    
412 O O4    . DT  B 6  ? 0.4163 0.3699 0.3731 0.0063  -0.0392 -0.0168 18 DT  B O4    
413 C C5    . DT  B 6  ? 0.3647 0.3251 0.3212 0.0036  -0.0367 -0.0231 18 DT  B C5    
414 C C7    . DT  B 6  ? 0.3704 0.3320 0.3288 0.0038  -0.0358 -0.0244 18 DT  B C7    
415 C C6    . DT  B 6  ? 0.3063 0.2703 0.2660 0.0031  -0.0367 -0.0239 18 DT  B C6    
416 P P     . DC  B 7  ? 0.3891 0.3731 0.3699 0.0046  -0.0449 -0.0326 19 DC  B P     
417 O OP1   . DC  B 7  ? 0.4678 0.4560 0.4644 0.0039  -0.0492 -0.0317 19 DC  B OP1   
418 O OP2   . DC  B 7  ? 0.4048 0.3874 0.3832 0.0063  -0.0465 -0.0407 19 DC  B OP2   
419 O "O5'" . DC  B 7  ? 0.3915 0.3759 0.3530 0.0071  -0.0408 -0.0303 19 DC  B "O5'" 
420 C "C5'" . DC  B 7  ? 0.4172 0.4037 0.3747 0.0079  -0.0393 -0.0241 19 DC  B "C5'" 
421 C "C4'" . DC  B 7  ? 0.3995 0.3842 0.3421 0.0102  -0.0369 -0.0233 19 DC  B "C4'" 
422 O "O4'" . DC  B 7  ? 0.4352 0.4141 0.3762 0.0108  -0.0371 -0.0222 19 DC  B "O4'" 
423 C "C3'" . DC  B 7  ? 0.3973 0.3857 0.3356 0.0117  -0.0355 -0.0270 19 DC  B "C3'" 
424 O "O3'" . DC  B 7  ? 0.4231 0.4177 0.3585 0.0127  -0.0347 -0.0274 19 DC  B "O3'" 
425 C "C2'" . DC  B 7  ? 0.3834 0.3681 0.3176 0.0131  -0.0347 -0.0234 19 DC  B "C2'" 
426 C "C1'" . DC  B 7  ? 0.4279 0.4053 0.3651 0.0119  -0.0368 -0.0229 19 DC  B "C1'" 
427 N N1    . DC  B 7  ? 0.3629 0.3383 0.3048 0.0113  -0.0367 -0.0233 19 DC  B N1    
428 C C2    . DC  B 7  ? 0.3663 0.3393 0.3116 0.0128  -0.0375 -0.0196 19 DC  B C2    
429 O O2    . DC  B 7  ? 0.4243 0.3954 0.3695 0.0144  -0.0396 -0.0183 19 DC  B O2    
430 N N3    . DC  B 7  ? 0.3319 0.3044 0.2835 0.0132  -0.0370 -0.0163 19 DC  B N3    
431 C C4    . DC  B 7  ? 0.3287 0.3036 0.2793 0.0129  -0.0354 -0.0187 19 DC  B C4    
432 N N4    . DC  B 7  ? 0.3628 0.3387 0.3180 0.0147  -0.0345 -0.0140 19 DC  B N4    
433 C C5    . DC  B 7  ? 0.2967 0.2733 0.2448 0.0113  -0.0358 -0.0254 19 DC  B C5    
434 C C6    . DC  B 7  ? 0.3730 0.3502 0.3190 0.0102  -0.0364 -0.0264 19 DC  B C6    
435 P P     . DT  B 8  ? 0.4053 0.4104 0.3386 0.0167  -0.0333 -0.0319 20 DT  B P     
436 O OP1   . DT  B 8  ? 0.4517 0.4608 0.3830 0.0162  -0.0333 -0.0320 20 DT  B OP1   
437 O OP2   . DT  B 8  ? 0.4150 0.4243 0.3525 0.0205  -0.0356 -0.0384 20 DT  B OP2   
438 O "O5'" . DT  B 8  ? 0.3871 0.3952 0.3171 0.0189  -0.0290 -0.0257 20 DT  B "O5'" 
439 C "C5'" . DT  B 8  ? 0.3730 0.3802 0.2990 0.0179  -0.0272 -0.0210 20 DT  B "C5'" 
440 C "C4'" . DT  B 8  ? 0.3278 0.3363 0.2606 0.0198  -0.0260 -0.0150 20 DT  B "C4'" 
441 O "O4'" . DT  B 8  ? 0.3050 0.3038 0.2432 0.0186  -0.0297 -0.0148 20 DT  B "O4'" 
442 C "C3'" . DT  B 8  ? 0.3443 0.3690 0.2849 0.0252  -0.0212 -0.0099 20 DT  B "C3'" 
443 O "O3'" . DT  B 8  ? 0.3357 0.3713 0.2741 0.0269  -0.0169 -0.0074 20 DT  B "O3'" 
444 C "C2'" . DT  B 8  ? 0.3518 0.3718 0.3074 0.0252  -0.0233 -0.0021 20 DT  B "C2'" 
445 C "C1'" . DT  B 8  ? 0.2952 0.2991 0.2465 0.0213  -0.0288 -0.0078 20 DT  B "C1'" 
446 N N1    . DT  B 8  ? 0.2794 0.2853 0.2337 0.0230  -0.0282 -0.0074 20 DT  B N1    
447 C C2    . DT  B 8  ? 0.2701 0.2773 0.2394 0.0251  -0.0287 0.0020  20 DT  B C2    
448 O O2    . DT  B 8  ? 0.3501 0.3580 0.3348 0.0257  -0.0302 0.0097  20 DT  B O2    
449 N N3    . DT  B 8  ? 0.2904 0.3008 0.2596 0.0276  -0.0275 0.0031  20 DT  B N3    
450 C C4    . DT  B 8  ? 0.3021 0.3129 0.2593 0.0282  -0.0273 -0.0056 20 DT  B C4    
451 O O4    . DT  B 8  ? 0.3481 0.3602 0.3063 0.0309  -0.0271 -0.0042 20 DT  B O4    
452 C C5    . DT  B 8  ? 0.3116 0.3201 0.2585 0.0254  -0.0285 -0.0158 20 DT  B C5    
453 C C7    . DT  B 8  ? 0.3304 0.3387 0.2723 0.0259  -0.0310 -0.0261 20 DT  B C7    
454 C C6    . DT  B 8  ? 0.3126 0.3197 0.2580 0.0231  -0.0282 -0.0151 20 DT  B C6    
455 P P     . DT  B 9  ? 0.3637 0.4162 0.3164 0.0456  -0.0187 0.0043  21 DT  B P     
456 O OP1   . DT  B 9  ? 0.3618 0.4275 0.3102 0.0524  -0.0180 0.0085  21 DT  B OP1   
457 O OP2   . DT  B 9  ? 0.3698 0.4150 0.3169 0.0395  -0.0228 0.0043  21 DT  B OP2   
458 O "O5'" . DT  B 9  ? 0.3178 0.3538 0.2708 0.0504  -0.0095 0.0011  21 DT  B "O5'" 
459 C "C5'" . DT  B 9  ? 0.3589 0.3915 0.3137 0.0545  -0.0004 -0.0011 21 DT  B "C5'" 
460 C "C4'" . DT  B 9  ? 0.3610 0.3767 0.3130 0.0536  0.0086  -0.0070 21 DT  B "C4'" 
461 O "O4'" . DT  B 9  ? 0.3353 0.3578 0.2940 0.0462  0.0056  -0.0116 21 DT  B "O4'" 
462 C "C3'" . DT  B 9  ? 0.4111 0.4123 0.3544 0.0567  0.0097  -0.0062 21 DT  B "C3'" 
463 O "O3'" . DT  B 9  ? 0.3728 0.3636 0.3079 0.0651  0.0180  -0.0029 21 DT  B "O3'" 
464 C "C2'" . DT  B 9  ? 0.4043 0.3989 0.3485 0.0509  0.0140  -0.0142 21 DT  B "C2'" 
465 C "C1'" . DT  B 9  ? 0.4125 0.4238 0.3665 0.0457  0.0086  -0.0155 21 DT  B "C1'" 
466 N N1    . DT  B 9  ? 0.3406 0.3548 0.2966 0.0444  -0.0005 -0.0132 21 DT  B N1    
467 C C2    . DT  B 9  ? 0.3783 0.3901 0.3334 0.0434  0.0016  -0.0179 21 DT  B C2    
468 O O2    . DT  B 9  ? 0.3869 0.3974 0.3397 0.0415  0.0096  -0.0248 21 DT  B O2    
469 N N3    . DT  B 9  ? 0.2970 0.3085 0.2530 0.0444  -0.0047 -0.0147 21 DT  B N3    
470 C C4    . DT  B 9  ? 0.2945 0.3041 0.2494 0.0438  -0.0112 -0.0086 21 DT  B C4    
471 O O4    . DT  B 9  ? 0.3065 0.3100 0.2591 0.0448  -0.0133 -0.0066 21 DT  B O4    
472 C C5    . DT  B 9  ? 0.3044 0.3189 0.2588 0.0420  -0.0137 -0.0053 21 DT  B C5    
473 C C7    . DT  B 9  ? 0.3223 0.3373 0.2723 0.0379  -0.0195 -0.0008 21 DT  B C7    
474 C C6    . DT  B 9  ? 0.3160 0.3338 0.2717 0.0438  -0.0090 -0.0071 21 DT  B C6    
475 P P     . DT  B 10 ? 0.4146 0.3969 0.3398 0.0717  0.0188  0.0025  22 DT  B P     
476 O OP1   . DT  B 10 ? 0.4539 0.4265 0.3707 0.0834  0.0300  0.0077  22 DT  B OP1   
477 O OP2   . DT  B 10 ? 0.4352 0.4352 0.3632 0.0690  0.0070  0.0064  22 DT  B OP2   
478 O "O5'" . DT  B 10 ? 0.3793 0.3450 0.3011 0.0657  0.0229  -0.0052 22 DT  B "O5'" 
479 C "C5'" . DT  B 10 ? 0.3861 0.3356 0.3025 0.0627  0.0351  -0.0128 22 DT  B "C5'" 
480 C "C4'" . DT  B 10 ? 0.4105 0.3533 0.3240 0.0559  0.0348  -0.0203 22 DT  B "C4'" 
481 O "O4'" . DT  B 10 ? 0.3684 0.3270 0.2923 0.0506  0.0240  -0.0224 22 DT  B "O4'" 
482 C "C3'" . DT  B 10 ? 0.4091 0.3437 0.3156 0.0599  0.0328  -0.0158 22 DT  B "C3'" 
483 O "O3'" . DT  B 10 ? 0.4755 0.3928 0.3717 0.0558  0.0417  -0.0230 22 DT  B "O3'" 
484 C "C2'" . DT  B 10 ? 0.3762 0.3256 0.2914 0.0564  0.0194  -0.0144 22 DT  B "C2'" 
485 C "C1'" . DT  B 10 ? 0.3815 0.3376 0.3040 0.0504  0.0177  -0.0213 22 DT  B "C1'" 
486 N N1    . DT  B 10 ? 0.3405 0.3092 0.2714 0.0486  0.0076  -0.0186 22 DT  B N1    
487 C C2    . DT  B 10 ? 0.3640 0.3344 0.2979 0.0455  0.0046  -0.0232 22 DT  B C2    
488 O O2    . DT  B 10 ? 0.3989 0.3661 0.3301 0.0437  0.0083  -0.0302 22 DT  B O2    
489 N N3    . DT  B 10 ? 0.3307 0.3067 0.2691 0.0452  -0.0022 -0.0190 22 DT  B N3    
490 C C4    . DT  B 10 ? 0.3485 0.3303 0.2880 0.0446  -0.0065 -0.0128 22 DT  B C4    
491 O O4    . DT  B 10 ? 0.3155 0.2981 0.2555 0.0425  -0.0106 -0.0103 22 DT  B O4    
492 C C5    . DT  B 10 ? 0.3361 0.3222 0.2738 0.0472  -0.0045 -0.0093 22 DT  B C5    
493 C C7    . DT  B 10 ? 0.3800 0.3785 0.3179 0.0467  -0.0093 -0.0036 22 DT  B C7    
494 C C6    . DT  B 10 ? 0.3460 0.3244 0.2797 0.0505  0.0026  -0.0114 22 DT  B C6    
495 P P     . DT  B 11 ? 0.4987 0.4040 0.3850 0.0592  0.0432  -0.0192 23 DT  B P     
496 O OP1   . DT  B 11 ? 0.5509 0.4309 0.4210 0.0573  0.0587  -0.0248 23 DT  B OP1   
497 O OP2   . DT  B 11 ? 0.4757 0.3921 0.3636 0.0690  0.0376  -0.0063 23 DT  B OP2   
498 O "O5'" . DT  B 11 ? 0.4656 0.3816 0.3596 0.0508  0.0326  -0.0257 23 DT  B "O5'" 
499 C "C5'" . DT  B 11 ? 0.4234 0.3374 0.3159 0.0420  0.0353  -0.0381 23 DT  B "C5'" 
500 C "C4'" . DT  B 11 ? 0.4264 0.3515 0.3268 0.0383  0.0249  -0.0413 23 DT  B "C4'" 
501 O "O4'" . DT  B 11 ? 0.3842 0.3222 0.2955 0.0411  0.0169  -0.0358 23 DT  B "O4'" 
502 C "C3'" . DT  B 11 ? 0.4509 0.3733 0.3498 0.0387  0.0204  -0.0374 23 DT  B "C3'" 
503 O "O3'" . DT  B 11 ? 0.4781 0.3925 0.3696 0.0329  0.0236  -0.0460 23 DT  B "O3'" 
504 C "C2'" . DT  B 11 ? 0.4139 0.3484 0.3232 0.0376  0.0105  -0.0351 23 DT  B "C2'" 
505 C "C1'" . DT  B 11 ? 0.4069 0.3484 0.3223 0.0393  0.0094  -0.0356 23 DT  B "C1'" 
506 N N1    . DT  B 11 ? 0.3723 0.3219 0.2943 0.0409  0.0033  -0.0283 23 DT  B N1    
507 C C2    . DT  B 11 ? 0.3445 0.2963 0.2711 0.0398  -0.0009 -0.0294 23 DT  B C2    
508 O O2    . DT  B 11 ? 0.3678 0.3182 0.2950 0.0397  -0.0007 -0.0350 23 DT  B O2    
509 N N3    . DT  B 11 ? 0.3445 0.3005 0.2732 0.0392  -0.0046 -0.0231 23 DT  B N3    
510 C C4    . DT  B 11 ? 0.3187 0.2824 0.2465 0.0395  -0.0057 -0.0169 23 DT  B C4    
511 O O4    . DT  B 11 ? 0.3751 0.3444 0.3032 0.0367  -0.0088 -0.0132 23 DT  B O4    
512 C C5    . DT  B 11 ? 0.3636 0.3278 0.2879 0.0433  -0.0019 -0.0149 23 DT  B C5    
513 C C7    . DT  B 11 ? 0.3468 0.3229 0.2691 0.0475  -0.0021 -0.0070 23 DT  B C7    
514 C C6    . DT  B 11 ? 0.3583 0.3128 0.2794 0.0440  0.0030  -0.0204 23 DT  B C6    
515 P P     . DA  B 12 ? 0.5274 0.4371 0.4141 0.0318  0.0226  -0.0431 24 DA  B P     
516 O OP1   . DA  B 12 ? 0.5448 0.4439 0.4209 0.0245  0.0286  -0.0545 24 DA  B OP1   
517 O OP2   . DA  B 12 ? 0.4982 0.4085 0.3821 0.0401  0.0245  -0.0299 24 DA  B OP2   
518 O "O5'" . DA  B 12 ? 0.4605 0.3837 0.3583 0.0284  0.0123  -0.0430 24 DA  B "O5'" 
519 C "C5'" . DA  B 12 ? 0.4360 0.3613 0.3374 0.0233  0.0093  -0.0531 24 DA  B "C5'" 
520 C "C4'" . DA  B 12 ? 0.3725 0.3049 0.2827 0.0216  0.0029  -0.0514 24 DA  B "C4'" 
521 O "O4'" . DA  B 12 ? 0.3866 0.3222 0.3019 0.0262  0.0013  -0.0472 24 DA  B "O4'" 
522 C "C3'" . DA  B 12 ? 0.4260 0.3649 0.3378 0.0182  0.0008  -0.0449 24 DA  B "C3'" 
523 O "O3'" . DA  B 12 ? 0.4374 0.3771 0.3475 0.0114  0.0006  -0.0499 24 DA  B "O3'" 
524 C "C2'" . DA  B 12 ? 0.3751 0.3165 0.2926 0.0164  -0.0020 -0.0442 24 DA  B "C2'" 
525 C "C1'" . DA  B 12 ? 0.3876 0.3242 0.3068 0.0230  -0.0018 -0.0460 24 DA  B "C1'" 
526 N N9    . DA  B 12 ? 0.3524 0.2909 0.2741 0.0251  -0.0031 -0.0397 24 DA  B N9    
527 C C8    . DA  B 12 ? 0.3636 0.2966 0.2868 0.0261  -0.0032 -0.0401 24 DA  B C8    
528 N N7    . DA  B 12 ? 0.3697 0.3036 0.2926 0.0256  -0.0038 -0.0342 24 DA  B N7    
529 C C5    . DA  B 12 ? 0.3645 0.3090 0.2870 0.0249  -0.0049 -0.0297 24 DA  B C5    
530 C C6    . DA  B 12 ? 0.3367 0.2913 0.2583 0.0240  -0.0062 -0.0233 24 DA  B C6    
531 N N6    . DA  B 12 ? 0.3954 0.3485 0.3154 0.0208  -0.0067 -0.0213 24 DA  B N6    
532 N N1    . DA  B 12 ? 0.3583 0.3246 0.2785 0.0267  -0.0062 -0.0187 24 DA  B N1    
533 C C2    . DA  B 12 ? 0.3965 0.3601 0.3152 0.0299  -0.0038 -0.0199 24 DA  B C2    
534 N N3    . DA  B 12 ? 0.3232 0.2758 0.2417 0.0284  -0.0025 -0.0271 24 DA  B N3    
535 C C4    . DA  B 12 ? 0.3728 0.3188 0.2940 0.0260  -0.0037 -0.0320 24 DA  B C4    
539 O O     . HOH F .  ? 0.5723 0.5896 0.4781 0.0620  0.0112  -0.0289 15 HOH A O     
540 O O     . HOH F .  ? 0.5689 0.5826 0.5110 0.0294  -0.0631 -0.0674 16 HOH A O     
541 O O     . HOH F .  ? 0.5733 0.5185 0.4746 0.0146  -0.0433 -0.0164 17 HOH A O     
542 O O     . HOH F .  ? 0.3716 0.3509 0.3228 0.0435  0.0122  -0.0198 18 HOH A O     
543 O O     . HOH F .  ? 0.5593 0.4324 0.4218 0.0023  -0.0472 -0.0138 19 HOH A O     
544 O O     . HOH F .  ? 0.3407 0.4074 0.4249 -0.0133 -0.0208 0.0457  20 HOH A O     
545 O O     . HOH F .  ? 0.3554 0.2986 0.3156 0.0260  0.0209  -0.0003 21 HOH A O     
546 O O     . HOH F .  ? 0.4393 0.5236 0.4889 -0.0263 -0.0154 0.0474  22 HOH A O     
547 O O     . HOH F .  ? 0.4413 0.5269 0.4410 -0.0085 -0.0159 0.0418  23 HOH A O     
548 O O     . HOH F .  ? 0.3748 0.3440 0.3457 0.0395  -0.0274 -0.0141 24 HOH A O     
549 O O     . HOH F .  ? 0.5498 0.3706 0.3957 0.0197  -0.0871 -0.0316 25 HOH A O     
550 O O     . HOH F .  ? 0.4342 0.4503 0.3933 -0.0131 -0.0181 0.0178  26 HOH A O     
551 O O     . HOH F .  ? 0.4136 0.4801 0.3962 0.0676  0.0075  0.0318  27 HOH A O     
552 O O     . HOH F .  ? 0.5789 0.4859 0.4609 -0.0018 -0.0424 -0.0103 28 HOH A O     
553 O O     . HOH F .  ? 0.6986 0.4742 0.5619 -0.0102 0.0745  -0.0066 29 HOH A O     
554 O O     . HOH F .  ? 0.3121 0.3310 0.2599 -0.0011 -0.0245 0.0116  30 HOH A O     
555 O O     . HOH F .  ? 0.4946 0.5016 0.3844 0.0434  0.0277  -0.0476 31 HOH A O     
556 O O     . HOH F .  ? 0.5787 0.4199 0.4500 0.0676  -0.0918 -0.0318 32 HOH A O     
557 O O     . HOH F .  ? 0.4942 0.5224 0.4716 0.0623  0.0400  0.0052  33 HOH A O     
558 O O     . HOH F .  ? 0.4238 0.4917 0.4016 0.0540  0.0182  0.0264  36 HOH A O     
559 O O     . HOH F .  ? 0.4439 0.3657 0.3785 0.0317  0.0180  -0.0181 37 HOH A O     
560 O O     . HOH F .  ? 0.4385 0.4046 0.3573 0.0000  -0.0314 -0.0013 44 HOH A O     
561 O O     . HOH F .  ? 0.4771 0.4636 0.3931 0.0018  -0.0364 -0.0064 45 HOH A O     
562 O O     . HOH F .  ? 0.5332 0.5032 0.4519 -0.0115 -0.0277 0.0025  46 HOH A O     
563 O O     . HOH F .  ? 0.5245 0.5327 0.4600 0.0110  -0.0320 0.0002  48 HOH A O     
565 O O     . HOH F .  ? 0.5162 0.6228 0.5391 -0.0031 -0.0172 0.0551  55 HOH A O     
566 O O     . HOH F .  ? 0.5675 0.5060 0.4595 0.0002  -0.0453 -0.0142 57 HOH A O     
567 O O     . HOH F .  ? 0.5005 0.4552 0.4926 0.0791  0.0617  0.0593  60 HOH A O     
568 O O     . HOH F .  ? 0.5722 0.5647 0.4683 0.0391  -0.0703 -0.0542 61 HOH A O     
569 O O     . HOH F .  ? 0.4958 0.6391 0.4746 0.0077  -0.0231 0.0304  63 HOH A O     
570 O O     . HOH F .  ? 0.5760 0.6607 0.5317 0.0048  -0.0264 0.0128  64 HOH A O     
571 O O     . HOH F .  ? 0.6423 0.6133 0.5500 0.0291  0.0904  0.0404  65 HOH A O     
572 O O     . HOH F .  ? 0.2861 0.3145 0.2252 -0.0003 -0.0279 0.0059  66 HOH A O     
576 O O     . HOH F .  ? 0.5039 0.5460 0.4873 0.0431  0.0296  0.0274  75 HOH A O     
577 O O     . HOH F .  ? 0.4468 0.3787 0.3380 0.0019  -0.0404 -0.0562 76 HOH A O     
578 O O     . HOH G .  ? 0.4000 0.3957 0.3217 0.0630  0.0019  0.0058  2  HOH B O     
579 O O     . HOH G .  ? 0.4269 0.4043 0.3915 0.0084  -0.0417 -0.0394 4  HOH B O     
580 O O     . HOH G .  ? 0.4785 0.3678 0.4178 -0.0090 -0.0102 -0.0109 5  HOH B O     
581 O O     . HOH G .  ? 0.5005 0.4972 0.4228 0.0307  -0.0131 -0.0046 10 HOH B O     
582 O O     . HOH G .  ? 0.4249 0.3823 0.3329 0.0340  0.0036  -0.0194 11 HOH B O     
583 O O     . HOH G .  ? 0.3785 0.3640 0.2919 0.0147  -0.0018 -0.0218 25 HOH B O     
584 O O     . HOH G .  ? 0.4782 0.3364 0.3871 0.0991  -0.0598 -0.0449 26 HOH B O     
585 O O     . HOH G .  ? 0.4902 0.3902 0.4256 -0.0040 -0.0120 -0.0037 27 HOH B O     
586 O O     . HOH G .  ? 0.5392 0.4712 0.4300 0.0969  0.0493  0.0133  28 HOH B O     
587 O O     . HOH G .  ? 0.4727 0.4240 0.3773 0.0575  0.0138  -0.0059 29 HOH B O     
588 O O     . HOH G .  ? 0.5309 0.4754 0.4186 0.0944  0.0371  0.0184  30 HOH B O     
589 O O     . HOH G .  ? 0.4323 0.5842 0.4890 0.0485  -0.0120 -0.0307 31 HOH B O     
590 O O     . HOH G .  ? 0.4890 0.4632 0.4019 0.0049  -0.0007 -0.0345 32 HOH B O     
591 O O     . HOH G .  ? 0.5056 0.4535 0.4270 0.0361  0.0025  -0.0517 33 HOH B O     
592 O O     . HOH G .  ? 0.4565 0.4487 0.4213 0.0215  -0.0331 -0.0032 34 HOH B O     
593 O O     . HOH G .  ? 0.4733 0.4542 0.4118 0.0392  -0.0172 0.0010  35 HOH B O     
594 O O     . HOH G .  ? 0.4972 0.4729 0.4560 0.0179  -0.0318 -0.0062 38 HOH B O     
595 O O     . HOH G .  ? 0.4794 0.4667 0.4291 0.0204  -0.0350 -0.0276 39 HOH B O     
596 O O     . HOH G .  ? 0.4755 0.4944 0.4209 0.0389  -0.0297 -0.0194 40 HOH B O     
597 O O     . HOH G .  ? 0.5098 0.5098 0.4628 0.0195  -0.0441 -0.0484 41 HOH B O     
598 O O     . HOH G .  ? 0.4760 0.4902 0.5612 0.0034  -0.0555 0.0166  42 HOH B O     
599 O O     . HOH G .  ? 0.4561 0.4531 0.4957 0.0010  -0.0474 -0.0077 43 HOH B O     
600 O O     . HOH G .  ? 0.4107 0.4059 0.4931 -0.0055 -0.0510 -0.0098 47 HOH B O     
601 O O     . HOH G .  ? 0.5843 0.4766 0.5294 -0.0234 0.0022  -0.0502 49 HOH B O     
602 O O     . HOH G .  ? 0.4403 0.3586 0.3744 0.0011  -0.0228 0.0026  51 HOH B O     
603 O O     . HOH G .  ? 0.6318 0.5776 0.5391 0.0293  0.0153  -0.0622 52 HOH B O     
604 O O     . HOH G .  ? 0.5285 0.3915 0.5239 -0.0069 -0.0289 0.0001  53 HOH B O     
605 O O     . HOH G .  ? 0.6272 0.5377 0.4951 0.1308  0.0737  0.0333  54 HOH B O     
606 O O     . HOH G .  ? 0.4654 0.4789 0.5698 0.0005  -0.0537 0.0149  56 HOH B O     
607 O O     . HOH G .  ? 0.6171 0.6050 0.5305 -0.0073 -0.0230 -0.0541 58 HOH B O     
608 O O     . HOH G .  ? 0.5034 0.5009 0.5751 -0.0004 -0.0631 -0.0179 59 HOH B O     
609 O O     . HOH G .  ? 0.5450 0.5081 0.4334 0.0648  0.0049  -0.0330 62 HOH B O     
610 O O     . HOH G .  ? 0.6396 0.4998 0.4876 0.0296  0.0645  -0.0546 67 HOH B O     
611 O O     . HOH G .  ? 0.5942 0.5944 0.6126 0.0048  -0.0477 -0.0060 69 HOH B O     
612 O O     . HOH G .  ? 0.5808 0.5755 0.4705 -0.0117 -0.0468 -0.0419 72 HOH B O     
614 O O     . HOH G .  ? 0.5615 0.5831 0.4834 0.0472  -0.0110 0.0060  74 HOH B O     
# 
loop_
_pdbx_poly_seq_scheme.asym_id 
_pdbx_poly_seq_scheme.entity_id 
_pdbx_poly_seq_scheme.seq_id 
_pdbx_poly_seq_scheme.mon_id 
_pdbx_poly_seq_scheme.ndb_seq_num 
_pdbx_poly_seq_scheme.pdb_seq_num 
_pdbx_poly_seq_scheme.auth_seq_num 
_pdbx_poly_seq_scheme.pdb_mon_id 
_pdbx_poly_seq_scheme.auth_mon_id 
_pdbx_poly_seq_scheme.pdb_strand_id 
_pdbx_poly_seq_scheme.pdb_ins_code 
_pdbx_poly_seq_scheme.hetero 
A 1 1  U  1  1  1  U  U  A . n 
A 1 2  A  2  2  2  A  A  A . n 
A 1 3  A  3  3  3  A  A  A . n 
A 1 4  A  4  4  4  A  A  A . n 
A 1 5  A  5  5  5  A  A  A . n 
A 1 6  G  6  6  6  G  G  A . n 
A 1 7  A  7  7  7  A  A  A . n 
A 1 8  A  8  8  8  A  A  A . n 
A 1 9  A  9  9  9  A  A  A . n 
A 1 10 A  10 10 10 A  A  A . n 
A 1 11 G  11 11 11 G  G  A . n 
A 1 12 G  12 12 12 G  G  A . n 
B 2 1  DC 1  13 13 DC DC B . n 
B 2 2  DC 2  14 14 DC DC B . n 
B 2 3  DT 3  15 15 DT DT B . n 
B 2 4  DT 4  16 16 DT DT B . n 
B 2 5  DT 5  17 17 DT DT B . n 
B 2 6  DT 6  18 18 DT DT B . n 
B 2 7  DC 7  19 19 DC DC B . n 
B 2 8  DT 8  20 20 DT DT B . n 
B 2 9  DT 9  21 21 DT DT B . n 
B 2 10 DT 10 22 22 DT DT B . n 
B 2 11 DT 11 23 23 DT DT B . n 
B 2 12 DA 12 24 24 DA DA B . n 
# 
loop_
_pdbx_nonpoly_scheme.asym_id 
_pdbx_nonpoly_scheme.entity_id 
_pdbx_nonpoly_scheme.mon_id 
_pdbx_nonpoly_scheme.ndb_seq_num 
_pdbx_nonpoly_scheme.pdb_seq_num 
_pdbx_nonpoly_scheme.auth_seq_num 
_pdbx_nonpoly_scheme.pdb_mon_id 
_pdbx_nonpoly_scheme.auth_mon_id 
_pdbx_nonpoly_scheme.pdb_strand_id 
_pdbx_nonpoly_scheme.pdb_ins_code 
C 3 MG  1  13 1  MG  MG  A . 
D 3 MG  1  14 1  MG  MG  A . 
E 3 MG  1  1  1  MG  MG  B . 
F 4 HOH 1  15 15 HOH HOH A . 
F 4 HOH 2  16 16 HOH HOH A . 
F 4 HOH 3  17 17 HOH HOH A . 
F 4 HOH 4  18 1  HOH HOH A . 
F 4 HOH 5  19 19 HOH HOH A . 
F 4 HOH 6  20 20 HOH HOH A . 
F 4 HOH 7  21 3  HOH HOH A . 
F 4 HOH 8  22 6  HOH HOH A . 
F 4 HOH 9  23 7  HOH HOH A . 
F 4 HOH 10 24 8  HOH HOH A . 
F 4 HOH 11 25 9  HOH HOH A . 
F 4 HOH 12 26 12 HOH HOH A . 
F 4 HOH 13 27 27 HOH HOH A . 
F 4 HOH 14 28 28 HOH HOH A . 
F 4 HOH 15 29 29 HOH HOH A . 
F 4 HOH 16 30 30 HOH HOH A . 
F 4 HOH 17 31 31 HOH HOH A . 
F 4 HOH 18 32 13 HOH HOH A . 
F 4 HOH 19 33 14 HOH HOH A . 
F 4 HOH 20 36 36 HOH HOH A . 
F 4 HOH 21 37 37 HOH HOH A . 
F 4 HOH 22 44 44 HOH HOH A . 
F 4 HOH 23 45 45 HOH HOH A . 
F 4 HOH 24 46 46 HOH HOH A . 
F 4 HOH 25 48 48 HOH HOH A . 
F 4 HOH 26 50 50 HOH HOH A . 
F 4 HOH 27 55 55 HOH HOH A . 
F 4 HOH 28 57 57 HOH HOH A . 
F 4 HOH 29 60 60 HOH HOH A . 
F 4 HOH 30 61 61 HOH HOH A . 
F 4 HOH 31 63 63 HOH HOH A . 
F 4 HOH 32 64 64 HOH HOH A . 
F 4 HOH 33 65 65 HOH HOH A . 
F 4 HOH 34 66 66 HOH HOH A . 
F 4 HOH 35 68 68 HOH HOH A . 
F 4 HOH 36 70 70 HOH HOH A . 
F 4 HOH 37 71 71 HOH HOH A . 
F 4 HOH 38 75 75 HOH HOH A . 
F 4 HOH 39 76 76 HOH HOH A . 
G 4 HOH 1  2  2  HOH HOH B . 
G 4 HOH 2  4  4  HOH HOH B . 
G 4 HOH 3  5  5  HOH HOH B . 
G 4 HOH 4  10 10 HOH HOH B . 
G 4 HOH 5  11 11 HOH HOH B . 
G 4 HOH 6  25 25 HOH HOH B . 
G 4 HOH 7  26 26 HOH HOH B . 
G 4 HOH 8  27 18 HOH HOH B . 
G 4 HOH 9  28 21 HOH HOH B . 
G 4 HOH 10 29 22 HOH HOH B . 
G 4 HOH 11 30 23 HOH HOH B . 
G 4 HOH 12 31 24 HOH HOH B . 
G 4 HOH 13 32 32 HOH HOH B . 
G 4 HOH 14 33 33 HOH HOH B . 
G 4 HOH 15 34 34 HOH HOH B . 
G 4 HOH 16 35 35 HOH HOH B . 
G 4 HOH 17 38 38 HOH HOH B . 
G 4 HOH 18 39 39 HOH HOH B . 
G 4 HOH 19 40 40 HOH HOH B . 
G 4 HOH 20 41 41 HOH HOH B . 
G 4 HOH 21 42 42 HOH HOH B . 
G 4 HOH 22 43 43 HOH HOH B . 
G 4 HOH 23 47 47 HOH HOH B . 
G 4 HOH 24 49 49 HOH HOH B . 
G 4 HOH 25 51 51 HOH HOH B . 
G 4 HOH 26 52 52 HOH HOH B . 
G 4 HOH 27 53 53 HOH HOH B . 
G 4 HOH 28 54 54 HOH HOH B . 
G 4 HOH 29 56 56 HOH HOH B . 
G 4 HOH 30 58 58 HOH HOH B . 
G 4 HOH 31 59 59 HOH HOH B . 
G 4 HOH 32 62 62 HOH HOH B . 
G 4 HOH 33 67 67 HOH HOH B . 
G 4 HOH 34 69 69 HOH HOH B . 
G 4 HOH 35 72 72 HOH HOH B . 
G 4 HOH 36 73 73 HOH HOH B . 
G 4 HOH 37 74 74 HOH HOH B . 
# 
_pdbx_struct_assembly.id                   1 
_pdbx_struct_assembly.details              author_and_software_defined_assembly 
_pdbx_struct_assembly.method_details       PISA 
_pdbx_struct_assembly.oligomeric_details   dimeric 
_pdbx_struct_assembly.oligomeric_count     2 
# 
_pdbx_struct_assembly_gen.assembly_id       1 
_pdbx_struct_assembly_gen.oper_expression   1 
_pdbx_struct_assembly_gen.asym_id_list      A,B,C,D,E,F,G 
# 
loop_
_pdbx_struct_assembly_prop.biol_id 
_pdbx_struct_assembly_prop.type 
_pdbx_struct_assembly_prop.value 
_pdbx_struct_assembly_prop.details 
1 'ABSA (A^2)' 1200 ? 
1 MORE         -16  ? 
1 'SSA (A^2)'  4570 ? 
# 
_pdbx_struct_oper_list.id                   1 
_pdbx_struct_oper_list.type                 'identity operation' 
_pdbx_struct_oper_list.name                 1_555 
_pdbx_struct_oper_list.symmetry_operation   x,y,z 
_pdbx_struct_oper_list.matrix[1][1]         1.0000000000 
_pdbx_struct_oper_list.matrix[1][2]         0.0000000000 
_pdbx_struct_oper_list.matrix[1][3]         0.0000000000 
_pdbx_struct_oper_list.vector[1]            0.0000000000 
_pdbx_struct_oper_list.matrix[2][1]         0.0000000000 
_pdbx_struct_oper_list.matrix[2][2]         1.0000000000 
_pdbx_struct_oper_list.matrix[2][3]         0.0000000000 
_pdbx_struct_oper_list.vector[2]            0.0000000000 
_pdbx_struct_oper_list.matrix[3][1]         0.0000000000 
_pdbx_struct_oper_list.matrix[3][2]         0.0000000000 
_pdbx_struct_oper_list.matrix[3][3]         1.0000000000 
_pdbx_struct_oper_list.vector[3]            0.0000000000 
# 
_pdbx_struct_special_symmetry.id              1 
_pdbx_struct_special_symmetry.PDB_model_num   1 
_pdbx_struct_special_symmetry.auth_asym_id    B 
_pdbx_struct_special_symmetry.auth_comp_id    HOH 
_pdbx_struct_special_symmetry.auth_seq_id     73 
_pdbx_struct_special_symmetry.PDB_ins_code    ? 
_pdbx_struct_special_symmetry.label_asym_id   G 
_pdbx_struct_special_symmetry.label_comp_id   HOH 
_pdbx_struct_special_symmetry.label_seq_id    . 
# 
loop_
_pdbx_struct_conn_angle.id 
_pdbx_struct_conn_angle.ptnr1_label_atom_id 
_pdbx_struct_conn_angle.ptnr1_label_alt_id 
_pdbx_struct_conn_angle.ptnr1_label_asym_id 
_pdbx_struct_conn_angle.ptnr1_label_comp_id 
_pdbx_struct_conn_angle.ptnr1_label_seq_id 
_pdbx_struct_conn_angle.ptnr1_auth_atom_id 
_pdbx_struct_conn_angle.ptnr1_auth_asym_id 
_pdbx_struct_conn_angle.ptnr1_auth_comp_id 
_pdbx_struct_conn_angle.ptnr1_auth_seq_id 
_pdbx_struct_conn_angle.ptnr1_PDB_ins_code 
_pdbx_struct_conn_angle.ptnr1_symmetry 
_pdbx_struct_conn_angle.ptnr2_label_atom_id 
_pdbx_struct_conn_angle.ptnr2_label_alt_id 
_pdbx_struct_conn_angle.ptnr2_label_asym_id 
_pdbx_struct_conn_angle.ptnr2_label_comp_id 
_pdbx_struct_conn_angle.ptnr2_label_seq_id 
_pdbx_struct_conn_angle.ptnr2_auth_atom_id 
_pdbx_struct_conn_angle.ptnr2_auth_asym_id 
_pdbx_struct_conn_angle.ptnr2_auth_comp_id 
_pdbx_struct_conn_angle.ptnr2_auth_seq_id 
_pdbx_struct_conn_angle.ptnr2_PDB_ins_code 
_pdbx_struct_conn_angle.ptnr2_symmetry 
_pdbx_struct_conn_angle.ptnr3_label_atom_id 
_pdbx_struct_conn_angle.ptnr3_label_alt_id 
_pdbx_struct_conn_angle.ptnr3_label_asym_id 
_pdbx_struct_conn_angle.ptnr3_label_comp_id 
_pdbx_struct_conn_angle.ptnr3_label_seq_id 
_pdbx_struct_conn_angle.ptnr3_auth_atom_id 
_pdbx_struct_conn_angle.ptnr3_auth_asym_id 
_pdbx_struct_conn_angle.ptnr3_auth_comp_id 
_pdbx_struct_conn_angle.ptnr3_auth_seq_id 
_pdbx_struct_conn_angle.ptnr3_PDB_ins_code 
_pdbx_struct_conn_angle.ptnr3_symmetry 
_pdbx_struct_conn_angle.value 
_pdbx_struct_conn_angle.value_esd 
1  O ? F HOH . ? A HOH 63 ? 1_555 MG ? C MG . ? A MG 13 ? 1_555 O ? F HOH . ? A HOH 64 ? 1_555 91.0  ? 
2  O ? F HOH . ? A HOH 44 ? 1_555 MG ? D MG . ? A MG 14 ? 1_555 O ? F HOH . ? A HOH 45 ? 1_555 89.9  ? 
3  O ? F HOH . ? A HOH 44 ? 1_555 MG ? D MG . ? A MG 14 ? 1_555 O ? F HOH . ? A HOH 46 ? 1_555 87.6  ? 
4  O ? F HOH . ? A HOH 45 ? 1_555 MG ? D MG . ? A MG 14 ? 1_555 O ? F HOH . ? A HOH 46 ? 1_555 96.6  ? 
5  O ? F HOH . ? A HOH 44 ? 1_555 MG ? D MG . ? A MG 14 ? 1_555 O ? F HOH . ? A HOH 57 ? 1_555 103.5 ? 
6  O ? F HOH . ? A HOH 45 ? 1_555 MG ? D MG . ? A MG 14 ? 1_555 O ? F HOH . ? A HOH 57 ? 1_555 88.4  ? 
7  O ? F HOH . ? A HOH 46 ? 1_555 MG ? D MG . ? A MG 14 ? 1_555 O ? F HOH . ? A HOH 57 ? 1_555 167.8 ? 
8  O ? G HOH . ? B HOH 42 ? 1_555 MG ? E MG . ? B MG 1  ? 1_555 O ? G HOH . ? B HOH 43 ? 1_555 174.3 ? 
9  O ? G HOH . ? B HOH 42 ? 1_555 MG ? E MG . ? B MG 1  ? 1_555 O ? G HOH . ? B HOH 56 ? 1_555 89.6  ? 
10 O ? G HOH . ? B HOH 43 ? 1_555 MG ? E MG . ? B MG 1  ? 1_555 O ? G HOH . ? B HOH 56 ? 1_555 86.9  ? 
11 O ? G HOH . ? B HOH 42 ? 1_555 MG ? E MG . ? B MG 1  ? 1_555 O ? G HOH . ? B HOH 59 ? 1_555 85.0  ? 
12 O ? G HOH . ? B HOH 43 ? 1_555 MG ? E MG . ? B MG 1  ? 1_555 O ? G HOH . ? B HOH 59 ? 1_555 90.6  ? 
13 O ? G HOH . ? B HOH 56 ? 1_555 MG ? E MG . ? B MG 1  ? 1_555 O ? G HOH . ? B HOH 59 ? 1_555 91.2  ? 
14 O ? G HOH . ? B HOH 42 ? 1_555 MG ? E MG . ? B MG 1  ? 1_555 O ? G HOH . ? B HOH 69 ? 1_555 87.2  ? 
15 O ? G HOH . ? B HOH 43 ? 1_555 MG ? E MG . ? B MG 1  ? 1_555 O ? G HOH . ? B HOH 69 ? 1_555 96.2  ? 
16 O ? G HOH . ? B HOH 56 ? 1_555 MG ? E MG . ? B MG 1  ? 1_555 O ? G HOH . ? B HOH 69 ? 1_555 176.4 ? 
17 O ? G HOH . ? B HOH 59 ? 1_555 MG ? E MG . ? B MG 1  ? 1_555 O ? G HOH . ? B HOH 69 ? 1_555 87.0  ? 
# 
loop_
_pdbx_audit_revision_history.ordinal 
_pdbx_audit_revision_history.data_content_type 
_pdbx_audit_revision_history.major_revision 
_pdbx_audit_revision_history.minor_revision 
_pdbx_audit_revision_history.revision_date 
1 'Structure model' 1 0 2012-02-08 
2 'Structure model' 1 1 2012-03-28 
3 'Structure model' 1 2 2023-09-13 
# 
_pdbx_audit_revision_details.ordinal             1 
_pdbx_audit_revision_details.revision_ordinal    1 
_pdbx_audit_revision_details.data_content_type   'Structure model' 
_pdbx_audit_revision_details.provider            repository 
_pdbx_audit_revision_details.type                'Initial release' 
_pdbx_audit_revision_details.description         ? 
_pdbx_audit_revision_details.details             ? 
# 
loop_
_pdbx_audit_revision_group.ordinal 
_pdbx_audit_revision_group.revision_ordinal 
_pdbx_audit_revision_group.data_content_type 
_pdbx_audit_revision_group.group 
1 2 'Structure model' 'Database references'    
2 3 'Structure model' 'Data collection'        
3 3 'Structure model' 'Database references'    
4 3 'Structure model' 'Derived calculations'   
5 3 'Structure model' 'Refinement description' 
# 
loop_
_pdbx_audit_revision_category.ordinal 
_pdbx_audit_revision_category.revision_ordinal 
_pdbx_audit_revision_category.data_content_type 
_pdbx_audit_revision_category.category 
1 3 'Structure model' chem_comp_atom                
2 3 'Structure model' chem_comp_bond                
3 3 'Structure model' database_2                    
4 3 'Structure model' diffrn_source                 
5 3 'Structure model' pdbx_initial_refinement_model 
6 3 'Structure model' pdbx_struct_conn_angle        
7 3 'Structure model' struct_conn                   
8 3 'Structure model' struct_site                   
# 
loop_
_pdbx_audit_revision_item.ordinal 
_pdbx_audit_revision_item.revision_ordinal 
_pdbx_audit_revision_item.data_content_type 
_pdbx_audit_revision_item.item 
1  3 'Structure model' '_database_2.pdbx_DOI'                        
2  3 'Structure model' '_database_2.pdbx_database_accession'         
3  3 'Structure model' '_diffrn_source.pdbx_synchrotron_site'        
4  3 'Structure model' '_pdbx_struct_conn_angle.ptnr1_auth_asym_id'  
5  3 'Structure model' '_pdbx_struct_conn_angle.ptnr1_auth_seq_id'   
6  3 'Structure model' '_pdbx_struct_conn_angle.ptnr1_label_asym_id' 
7  3 'Structure model' '_pdbx_struct_conn_angle.ptnr2_auth_asym_id'  
8  3 'Structure model' '_pdbx_struct_conn_angle.ptnr2_auth_seq_id'   
9  3 'Structure model' '_pdbx_struct_conn_angle.ptnr2_label_asym_id' 
10 3 'Structure model' '_pdbx_struct_conn_angle.ptnr3_auth_asym_id'  
11 3 'Structure model' '_pdbx_struct_conn_angle.ptnr3_auth_seq_id'   
12 3 'Structure model' '_pdbx_struct_conn_angle.ptnr3_label_asym_id' 
13 3 'Structure model' '_pdbx_struct_conn_angle.value'               
14 3 'Structure model' '_struct_conn.pdbx_dist_value'                
15 3 'Structure model' '_struct_conn.ptnr1_auth_asym_id'             
16 3 'Structure model' '_struct_conn.ptnr1_auth_seq_id'              
17 3 'Structure model' '_struct_conn.ptnr1_label_asym_id'            
18 3 'Structure model' '_struct_conn.ptnr2_auth_asym_id'             
19 3 'Structure model' '_struct_conn.ptnr2_auth_seq_id'              
20 3 'Structure model' '_struct_conn.ptnr2_label_asym_id'            
21 3 'Structure model' '_struct_site.pdbx_auth_asym_id'              
22 3 'Structure model' '_struct_site.pdbx_auth_comp_id'              
23 3 'Structure model' '_struct_site.pdbx_auth_seq_id'               
# 
loop_
_pdbx_refine_tls.pdbx_refine_id 
_pdbx_refine_tls.id 
_pdbx_refine_tls.details 
_pdbx_refine_tls.method 
_pdbx_refine_tls.origin_x 
_pdbx_refine_tls.origin_y 
_pdbx_refine_tls.origin_z 
_pdbx_refine_tls.T[1][1] 
_pdbx_refine_tls.T[2][2] 
_pdbx_refine_tls.T[3][3] 
_pdbx_refine_tls.T[1][2] 
_pdbx_refine_tls.T[1][3] 
_pdbx_refine_tls.T[2][3] 
_pdbx_refine_tls.L[1][1] 
_pdbx_refine_tls.L[2][2] 
_pdbx_refine_tls.L[3][3] 
_pdbx_refine_tls.L[1][2] 
_pdbx_refine_tls.L[1][3] 
_pdbx_refine_tls.L[2][3] 
_pdbx_refine_tls.S[1][1] 
_pdbx_refine_tls.S[1][2] 
_pdbx_refine_tls.S[1][3] 
_pdbx_refine_tls.S[2][1] 
_pdbx_refine_tls.S[2][2] 
_pdbx_refine_tls.S[2][3] 
_pdbx_refine_tls.S[3][1] 
_pdbx_refine_tls.S[3][2] 
_pdbx_refine_tls.S[3][3] 
'X-RAY DIFFRACTION' 1 ? refined -0.6781 -2.0980 -9.9017  0.0470 0.0841 0.0384 0.0436  0.0129  0.0142  0.2965 4.0760  4.2433  0.3374  -2.1712 1.7499  -0.1984 -0.2847 -0.2098 -0.0437 0.0212  0.0422  0.1982  -0.1809 0.1772  
'X-RAY DIFFRACTION' 2 ? refined -1.0687 4.8789  2.2680   0.1086 0.0703 0.0346 0.0388  -0.0480 -0.0418 3.1429 -0.5858 2.8844  1.0765  -3.9628 -0.5569 0.2912  0.1355  0.0949  0.2441  0.0614  -0.0889 -0.1800 0.2562  -0.3526 
'X-RAY DIFFRACTION' 3 ? refined 5.1232  -4.2090 12.4631  0.0649 0.0556 0.0206 0.0010  -0.0224 0.0105  2.1007 -0.0090 0.4387  -0.1090 0.9397  0.6405  -0.0537 -0.2356 -0.1368 -0.0803 -0.0204 -0.0071 -0.2750 0.0112  0.0741  
'X-RAY DIFFRACTION' 4 ? refined 8.7081  -2.4233 3.9734   0.0982 0.0097 0.0051 -0.0086 -0.0085 0.0048  4.8606 3.2720  -0.1175 1.9120  0.8739  0.3882  -0.0038 0.2245  0.0319  -0.0504 -0.0597 -0.0317 -0.0907 -0.0549 0.0636  
'X-RAY DIFFRACTION' 5 ? refined -6.2980 -3.2840 1.0979   0.0684 0.0415 0.0211 0.0070  -0.0375 -0.0279 3.2400 0.7066  0.0367  -2.1125 0.8393  -1.0586 0.0441  0.1282  -0.1485 -0.0255 -0.0449 0.0004  -0.0122 -0.0883 0.0008  
'X-RAY DIFFRACTION' 6 ? refined -4.6427 5.5485  -12.8149 0.0893 0.0473 0.0127 0.0477  0.0060  -0.0186 1.5627 -0.5234 3.4393  0.5873  -1.7341 0.3636  0.0998  -0.0104 0.0246  -0.1069 0.1199  0.0071  -0.1344 -0.1455 -0.2196 
# 
loop_
_pdbx_refine_tls_group.pdbx_refine_id 
_pdbx_refine_tls_group.id 
_pdbx_refine_tls_group.refine_tls_id 
_pdbx_refine_tls_group.beg_auth_asym_id 
_pdbx_refine_tls_group.beg_auth_seq_id 
_pdbx_refine_tls_group.beg_label_asym_id 
_pdbx_refine_tls_group.beg_label_seq_id 
_pdbx_refine_tls_group.end_auth_asym_id 
_pdbx_refine_tls_group.end_auth_seq_id 
_pdbx_refine_tls_group.end_label_asym_id 
_pdbx_refine_tls_group.end_label_seq_id 
_pdbx_refine_tls_group.selection 
_pdbx_refine_tls_group.selection_details 
'X-RAY DIFFRACTION' 1 1 A 1  ? ? A 4  ? ? ? ? 
'X-RAY DIFFRACTION' 2 2 A 5  ? ? A 8  ? ? ? ? 
'X-RAY DIFFRACTION' 3 3 A 9  ? ? A 12 ? ? ? ? 
'X-RAY DIFFRACTION' 4 4 B 13 ? ? B 16 ? ? ? ? 
'X-RAY DIFFRACTION' 5 5 B 17 ? ? B 20 ? ? ? ? 
'X-RAY DIFFRACTION' 6 6 B 21 ? ? B 24 ? ? ? ? 
# 
loop_
_software.name 
_software.classification 
_software.version 
_software.citation_id 
_software.pdbx_ordinal 
MAR345dtb 'data collection' .        ? 1 
PHASER    phasing           .        ? 2 
REFMAC    refinement        5.5.0109 ? 3 
DENZO     'data reduction'  .        ? 4 
SCALEPACK 'data scaling'    .        ? 5 
# 
loop_
_pdbx_validate_rmsd_bond.id 
_pdbx_validate_rmsd_bond.PDB_model_num 
_pdbx_validate_rmsd_bond.auth_atom_id_1 
_pdbx_validate_rmsd_bond.auth_asym_id_1 
_pdbx_validate_rmsd_bond.auth_comp_id_1 
_pdbx_validate_rmsd_bond.auth_seq_id_1 
_pdbx_validate_rmsd_bond.PDB_ins_code_1 
_pdbx_validate_rmsd_bond.label_alt_id_1 
_pdbx_validate_rmsd_bond.auth_atom_id_2 
_pdbx_validate_rmsd_bond.auth_asym_id_2 
_pdbx_validate_rmsd_bond.auth_comp_id_2 
_pdbx_validate_rmsd_bond.auth_seq_id_2 
_pdbx_validate_rmsd_bond.PDB_ins_code_2 
_pdbx_validate_rmsd_bond.label_alt_id_2 
_pdbx_validate_rmsd_bond.bond_value 
_pdbx_validate_rmsd_bond.bond_target_value 
_pdbx_validate_rmsd_bond.bond_deviation 
_pdbx_validate_rmsd_bond.bond_standard_deviation 
_pdbx_validate_rmsd_bond.linker_flag 
1  1 N1    A U  1  ? ? C6    A U  1  ? ? 1.434 1.375 0.059  0.009 N 
2  1 "O5'" A A  2  ? B "C5'" A A  2  ? B 1.357 1.420 -0.063 0.009 N 
3  1 C6    A A  3  ? ? N1    A A  3  ? ? 1.399 1.351 0.048  0.007 N 
4  1 "C2'" A G  6  ? A "C1'" A G  6  ? ? 1.472 1.526 -0.054 0.008 N 
5  1 "O5'" A A  9  ? ? "C5'" A A  9  ? ? 1.364 1.420 -0.056 0.009 N 
6  1 C5    A G  11 ? ? N7    A G  11 ? ? 1.349 1.388 -0.039 0.006 N 
7  1 N1    B DC 14 ? ? C6    B DC 14 ? ? 1.411 1.367 0.044  0.006 N 
8  1 "O3'" B DT 18 ? ? "C3'" B DT 18 ? ? 1.380 1.419 -0.039 0.006 N 
9  1 C2    B DT 18 ? ? N3    B DT 18 ? ? 1.315 1.373 -0.058 0.008 N 
10 1 C5    B DT 18 ? ? C6    B DT 18 ? ? 1.297 1.339 -0.042 0.007 N 
11 1 C6    B DT 21 ? ? N1    B DT 21 ? ? 1.428 1.378 0.050  0.007 N 
# 
loop_
_pdbx_validate_rmsd_angle.id 
_pdbx_validate_rmsd_angle.PDB_model_num 
_pdbx_validate_rmsd_angle.auth_atom_id_1 
_pdbx_validate_rmsd_angle.auth_asym_id_1 
_pdbx_validate_rmsd_angle.auth_comp_id_1 
_pdbx_validate_rmsd_angle.auth_seq_id_1 
_pdbx_validate_rmsd_angle.PDB_ins_code_1 
_pdbx_validate_rmsd_angle.label_alt_id_1 
_pdbx_validate_rmsd_angle.auth_atom_id_2 
_pdbx_validate_rmsd_angle.auth_asym_id_2 
_pdbx_validate_rmsd_angle.auth_comp_id_2 
_pdbx_validate_rmsd_angle.auth_seq_id_2 
_pdbx_validate_rmsd_angle.PDB_ins_code_2 
_pdbx_validate_rmsd_angle.label_alt_id_2 
_pdbx_validate_rmsd_angle.auth_atom_id_3 
_pdbx_validate_rmsd_angle.auth_asym_id_3 
_pdbx_validate_rmsd_angle.auth_comp_id_3 
_pdbx_validate_rmsd_angle.auth_seq_id_3 
_pdbx_validate_rmsd_angle.PDB_ins_code_3 
_pdbx_validate_rmsd_angle.label_alt_id_3 
_pdbx_validate_rmsd_angle.angle_value 
_pdbx_validate_rmsd_angle.angle_target_value 
_pdbx_validate_rmsd_angle.angle_deviation 
_pdbx_validate_rmsd_angle.angle_standard_deviation 
_pdbx_validate_rmsd_angle.linker_flag 
1  1 "C3'" A U  1  ? ? "O3'" A U  1  ? B P     A A  2  ? B 128.28 119.70 8.58  1.20 Y 
2  1 C8    A A  2  ? ? N9    A A  2  ? ? C4    A A  2  ? ? 103.12 105.80 -2.68 0.40 N 
3  1 "C3'" A G  6  ? A "C2'" A G  6  ? A "C1'" A G  6  ? ? 96.67  101.30 -4.63 0.70 N 
4  1 "C3'" A G  6  ? B "O3'" A G  6  ? B P     A A  7  ? B 127.97 119.70 8.27  1.20 Y 
5  1 N7    A A  7  ? A C8    A A  7  ? A N9    A A  7  ? A 117.31 113.80 3.51  0.50 N 
6  1 C8    A A  7  ? A N9    A A  7  ? A C4    A A  7  ? A 103.31 105.80 -2.49 0.40 N 
7  1 C8    A A  10 ? ? N9    A A  10 ? ? C4    A A  10 ? ? 103.16 105.80 -2.64 0.40 N 
8  1 "O4'" B DC 13 ? ? "C1'" B DC 13 ? ? N1    B DC 13 ? ? 111.09 108.30 2.79  0.30 N 
9  1 C6    B DC 13 ? ? N1    B DC 13 ? ? C2    B DC 13 ? ? 117.74 120.30 -2.56 0.40 N 
10 1 C4    B DT 16 ? ? C5    B DT 16 ? ? C7    B DT 16 ? ? 122.63 119.00 3.63  0.60 N 
11 1 "O4'" B DT 17 ? ? "C1'" B DT 17 ? ? "C2'" B DT 17 ? ? 110.10 106.80 3.30  0.50 N 
12 1 "O4'" B DT 18 ? ? "C1'" B DT 18 ? ? "C2'" B DT 18 ? ? 111.96 106.80 5.16  0.50 N 
13 1 N3    B DT 18 ? ? C4    B DT 18 ? ? O4    B DT 18 ? ? 124.90 119.90 5.00  0.60 N 
14 1 C5    B DT 18 ? ? C4    B DT 18 ? ? O4    B DT 18 ? ? 118.51 124.90 -6.39 0.70 N 
15 1 C4    B DT 18 ? ? C5    B DT 18 ? ? C7    B DT 18 ? ? 124.26 119.00 5.26  0.60 N 
16 1 "O4'" B DC 19 ? ? "C1'" B DC 19 ? ? N1    B DC 19 ? ? 115.30 108.30 7.00  0.30 N 
17 1 N3    B DC 19 ? ? C4    B DC 19 ? ? C5    B DC 19 ? ? 118.96 121.90 -2.94 0.40 N 
18 1 C4    B DC 19 ? ? C5    B DC 19 ? ? C6    B DC 19 ? ? 120.51 117.40 3.11  0.50 N 
19 1 "O4'" B DT 20 ? ? "C1'" B DT 20 ? ? N1    B DT 20 ? ? 110.60 108.30 2.30  0.30 N 
20 1 "O5'" B DA 24 ? ? P     B DA 24 ? ? OP2   B DA 24 ? ? 100.27 105.70 -5.43 0.90 N 
21 1 "C1'" B DA 24 ? ? "O4'" B DA 24 ? ? "C4'" B DA 24 ? ? 103.13 110.10 -6.97 1.00 N 
22 1 "O4'" B DA 24 ? ? "C1'" B DA 24 ? ? N9    B DA 24 ? ? 114.63 108.30 6.33  0.30 N 
23 1 N1    B DA 24 ? ? C2    B DA 24 ? ? N3    B DA 24 ? ? 125.77 129.30 -3.53 0.50 N 
# 
_pdbx_validate_planes.id              1 
_pdbx_validate_planes.PDB_model_num   1 
_pdbx_validate_planes.auth_comp_id    A 
_pdbx_validate_planes.auth_asym_id    A 
_pdbx_validate_planes.auth_seq_id     2 
_pdbx_validate_planes.PDB_ins_code    ? 
_pdbx_validate_planes.label_alt_id    A 
_pdbx_validate_planes.rmsd            0.053 
_pdbx_validate_planes.type            'SIDE CHAIN' 
# 
loop_
_chem_comp_atom.comp_id 
_chem_comp_atom.atom_id 
_chem_comp_atom.type_symbol 
_chem_comp_atom.pdbx_aromatic_flag 
_chem_comp_atom.pdbx_stereo_config 
_chem_comp_atom.pdbx_ordinal 
A   OP3    O  N N 1   
A   P      P  N N 2   
A   OP1    O  N N 3   
A   OP2    O  N N 4   
A   "O5'"  O  N N 5   
A   "C5'"  C  N N 6   
A   "C4'"  C  N R 7   
A   "O4'"  O  N N 8   
A   "C3'"  C  N S 9   
A   "O3'"  O  N N 10  
A   "C2'"  C  N R 11  
A   "O2'"  O  N N 12  
A   "C1'"  C  N R 13  
A   N9     N  Y N 14  
A   C8     C  Y N 15  
A   N7     N  Y N 16  
A   C5     C  Y N 17  
A   C6     C  Y N 18  
A   N6     N  N N 19  
A   N1     N  Y N 20  
A   C2     C  Y N 21  
A   N3     N  Y N 22  
A   C4     C  Y N 23  
A   HOP3   H  N N 24  
A   HOP2   H  N N 25  
A   "H5'"  H  N N 26  
A   "H5''" H  N N 27  
A   "H4'"  H  N N 28  
A   "H3'"  H  N N 29  
A   "HO3'" H  N N 30  
A   "H2'"  H  N N 31  
A   "HO2'" H  N N 32  
A   "H1'"  H  N N 33  
A   H8     H  N N 34  
A   H61    H  N N 35  
A   H62    H  N N 36  
A   H2     H  N N 37  
DA  OP3    O  N N 38  
DA  P      P  N N 39  
DA  OP1    O  N N 40  
DA  OP2    O  N N 41  
DA  "O5'"  O  N N 42  
DA  "C5'"  C  N N 43  
DA  "C4'"  C  N R 44  
DA  "O4'"  O  N N 45  
DA  "C3'"  C  N S 46  
DA  "O3'"  O  N N 47  
DA  "C2'"  C  N N 48  
DA  "C1'"  C  N R 49  
DA  N9     N  Y N 50  
DA  C8     C  Y N 51  
DA  N7     N  Y N 52  
DA  C5     C  Y N 53  
DA  C6     C  Y N 54  
DA  N6     N  N N 55  
DA  N1     N  Y N 56  
DA  C2     C  Y N 57  
DA  N3     N  Y N 58  
DA  C4     C  Y N 59  
DA  HOP3   H  N N 60  
DA  HOP2   H  N N 61  
DA  "H5'"  H  N N 62  
DA  "H5''" H  N N 63  
DA  "H4'"  H  N N 64  
DA  "H3'"  H  N N 65  
DA  "HO3'" H  N N 66  
DA  "H2'"  H  N N 67  
DA  "H2''" H  N N 68  
DA  "H1'"  H  N N 69  
DA  H8     H  N N 70  
DA  H61    H  N N 71  
DA  H62    H  N N 72  
DA  H2     H  N N 73  
DC  OP3    O  N N 74  
DC  P      P  N N 75  
DC  OP1    O  N N 76  
DC  OP2    O  N N 77  
DC  "O5'"  O  N N 78  
DC  "C5'"  C  N N 79  
DC  "C4'"  C  N R 80  
DC  "O4'"  O  N N 81  
DC  "C3'"  C  N S 82  
DC  "O3'"  O  N N 83  
DC  "C2'"  C  N N 84  
DC  "C1'"  C  N R 85  
DC  N1     N  N N 86  
DC  C2     C  N N 87  
DC  O2     O  N N 88  
DC  N3     N  N N 89  
DC  C4     C  N N 90  
DC  N4     N  N N 91  
DC  C5     C  N N 92  
DC  C6     C  N N 93  
DC  HOP3   H  N N 94  
DC  HOP2   H  N N 95  
DC  "H5'"  H  N N 96  
DC  "H5''" H  N N 97  
DC  "H4'"  H  N N 98  
DC  "H3'"  H  N N 99  
DC  "HO3'" H  N N 100 
DC  "H2'"  H  N N 101 
DC  "H2''" H  N N 102 
DC  "H1'"  H  N N 103 
DC  H41    H  N N 104 
DC  H42    H  N N 105 
DC  H5     H  N N 106 
DC  H6     H  N N 107 
DT  OP3    O  N N 108 
DT  P      P  N N 109 
DT  OP1    O  N N 110 
DT  OP2    O  N N 111 
DT  "O5'"  O  N N 112 
DT  "C5'"  C  N N 113 
DT  "C4'"  C  N R 114 
DT  "O4'"  O  N N 115 
DT  "C3'"  C  N S 116 
DT  "O3'"  O  N N 117 
DT  "C2'"  C  N N 118 
DT  "C1'"  C  N R 119 
DT  N1     N  N N 120 
DT  C2     C  N N 121 
DT  O2     O  N N 122 
DT  N3     N  N N 123 
DT  C4     C  N N 124 
DT  O4     O  N N 125 
DT  C5     C  N N 126 
DT  C7     C  N N 127 
DT  C6     C  N N 128 
DT  HOP3   H  N N 129 
DT  HOP2   H  N N 130 
DT  "H5'"  H  N N 131 
DT  "H5''" H  N N 132 
DT  "H4'"  H  N N 133 
DT  "H3'"  H  N N 134 
DT  "HO3'" H  N N 135 
DT  "H2'"  H  N N 136 
DT  "H2''" H  N N 137 
DT  "H1'"  H  N N 138 
DT  H3     H  N N 139 
DT  H71    H  N N 140 
DT  H72    H  N N 141 
DT  H73    H  N N 142 
DT  H6     H  N N 143 
G   OP3    O  N N 144 
G   P      P  N N 145 
G   OP1    O  N N 146 
G   OP2    O  N N 147 
G   "O5'"  O  N N 148 
G   "C5'"  C  N N 149 
G   "C4'"  C  N R 150 
G   "O4'"  O  N N 151 
G   "C3'"  C  N S 152 
G   "O3'"  O  N N 153 
G   "C2'"  C  N R 154 
G   "O2'"  O  N N 155 
G   "C1'"  C  N R 156 
G   N9     N  Y N 157 
G   C8     C  Y N 158 
G   N7     N  Y N 159 
G   C5     C  Y N 160 
G   C6     C  N N 161 
G   O6     O  N N 162 
G   N1     N  N N 163 
G   C2     C  N N 164 
G   N2     N  N N 165 
G   N3     N  N N 166 
G   C4     C  Y N 167 
G   HOP3   H  N N 168 
G   HOP2   H  N N 169 
G   "H5'"  H  N N 170 
G   "H5''" H  N N 171 
G   "H4'"  H  N N 172 
G   "H3'"  H  N N 173 
G   "HO3'" H  N N 174 
G   "H2'"  H  N N 175 
G   "HO2'" H  N N 176 
G   "H1'"  H  N N 177 
G   H8     H  N N 178 
G   H1     H  N N 179 
G   H21    H  N N 180 
G   H22    H  N N 181 
HOH O      O  N N 182 
HOH H1     H  N N 183 
HOH H2     H  N N 184 
MG  MG     MG N N 185 
U   OP3    O  N N 186 
U   P      P  N N 187 
U   OP1    O  N N 188 
U   OP2    O  N N 189 
U   "O5'"  O  N N 190 
U   "C5'"  C  N N 191 
U   "C4'"  C  N R 192 
U   "O4'"  O  N N 193 
U   "C3'"  C  N S 194 
U   "O3'"  O  N N 195 
U   "C2'"  C  N R 196 
U   "O2'"  O  N N 197 
U   "C1'"  C  N R 198 
U   N1     N  N N 199 
U   C2     C  N N 200 
U   O2     O  N N 201 
U   N3     N  N N 202 
U   C4     C  N N 203 
U   O4     O  N N 204 
U   C5     C  N N 205 
U   C6     C  N N 206 
U   HOP3   H  N N 207 
U   HOP2   H  N N 208 
U   "H5'"  H  N N 209 
U   "H5''" H  N N 210 
U   "H4'"  H  N N 211 
U   "H3'"  H  N N 212 
U   "HO3'" H  N N 213 
U   "H2'"  H  N N 214 
U   "HO2'" H  N N 215 
U   "H1'"  H  N N 216 
U   H3     H  N N 217 
U   H5     H  N N 218 
U   H6     H  N N 219 
# 
loop_
_chem_comp_bond.comp_id 
_chem_comp_bond.atom_id_1 
_chem_comp_bond.atom_id_2 
_chem_comp_bond.value_order 
_chem_comp_bond.pdbx_aromatic_flag 
_chem_comp_bond.pdbx_stereo_config 
_chem_comp_bond.pdbx_ordinal 
A   OP3   P      sing N N 1   
A   OP3   HOP3   sing N N 2   
A   P     OP1    doub N N 3   
A   P     OP2    sing N N 4   
A   P     "O5'"  sing N N 5   
A   OP2   HOP2   sing N N 6   
A   "O5'" "C5'"  sing N N 7   
A   "C5'" "C4'"  sing N N 8   
A   "C5'" "H5'"  sing N N 9   
A   "C5'" "H5''" sing N N 10  
A   "C4'" "O4'"  sing N N 11  
A   "C4'" "C3'"  sing N N 12  
A   "C4'" "H4'"  sing N N 13  
A   "O4'" "C1'"  sing N N 14  
A   "C3'" "O3'"  sing N N 15  
A   "C3'" "C2'"  sing N N 16  
A   "C3'" "H3'"  sing N N 17  
A   "O3'" "HO3'" sing N N 18  
A   "C2'" "O2'"  sing N N 19  
A   "C2'" "C1'"  sing N N 20  
A   "C2'" "H2'"  sing N N 21  
A   "O2'" "HO2'" sing N N 22  
A   "C1'" N9     sing N N 23  
A   "C1'" "H1'"  sing N N 24  
A   N9    C8     sing Y N 25  
A   N9    C4     sing Y N 26  
A   C8    N7     doub Y N 27  
A   C8    H8     sing N N 28  
A   N7    C5     sing Y N 29  
A   C5    C6     sing Y N 30  
A   C5    C4     doub Y N 31  
A   C6    N6     sing N N 32  
A   C6    N1     doub Y N 33  
A   N6    H61    sing N N 34  
A   N6    H62    sing N N 35  
A   N1    C2     sing Y N 36  
A   C2    N3     doub Y N 37  
A   C2    H2     sing N N 38  
A   N3    C4     sing Y N 39  
DA  OP3   P      sing N N 40  
DA  OP3   HOP3   sing N N 41  
DA  P     OP1    doub N N 42  
DA  P     OP2    sing N N 43  
DA  P     "O5'"  sing N N 44  
DA  OP2   HOP2   sing N N 45  
DA  "O5'" "C5'"  sing N N 46  
DA  "C5'" "C4'"  sing N N 47  
DA  "C5'" "H5'"  sing N N 48  
DA  "C5'" "H5''" sing N N 49  
DA  "C4'" "O4'"  sing N N 50  
DA  "C4'" "C3'"  sing N N 51  
DA  "C4'" "H4'"  sing N N 52  
DA  "O4'" "C1'"  sing N N 53  
DA  "C3'" "O3'"  sing N N 54  
DA  "C3'" "C2'"  sing N N 55  
DA  "C3'" "H3'"  sing N N 56  
DA  "O3'" "HO3'" sing N N 57  
DA  "C2'" "C1'"  sing N N 58  
DA  "C2'" "H2'"  sing N N 59  
DA  "C2'" "H2''" sing N N 60  
DA  "C1'" N9     sing N N 61  
DA  "C1'" "H1'"  sing N N 62  
DA  N9    C8     sing Y N 63  
DA  N9    C4     sing Y N 64  
DA  C8    N7     doub Y N 65  
DA  C8    H8     sing N N 66  
DA  N7    C5     sing Y N 67  
DA  C5    C6     sing Y N 68  
DA  C5    C4     doub Y N 69  
DA  C6    N6     sing N N 70  
DA  C6    N1     doub Y N 71  
DA  N6    H61    sing N N 72  
DA  N6    H62    sing N N 73  
DA  N1    C2     sing Y N 74  
DA  C2    N3     doub Y N 75  
DA  C2    H2     sing N N 76  
DA  N3    C4     sing Y N 77  
DC  OP3   P      sing N N 78  
DC  OP3   HOP3   sing N N 79  
DC  P     OP1    doub N N 80  
DC  P     OP2    sing N N 81  
DC  P     "O5'"  sing N N 82  
DC  OP2   HOP2   sing N N 83  
DC  "O5'" "C5'"  sing N N 84  
DC  "C5'" "C4'"  sing N N 85  
DC  "C5'" "H5'"  sing N N 86  
DC  "C5'" "H5''" sing N N 87  
DC  "C4'" "O4'"  sing N N 88  
DC  "C4'" "C3'"  sing N N 89  
DC  "C4'" "H4'"  sing N N 90  
DC  "O4'" "C1'"  sing N N 91  
DC  "C3'" "O3'"  sing N N 92  
DC  "C3'" "C2'"  sing N N 93  
DC  "C3'" "H3'"  sing N N 94  
DC  "O3'" "HO3'" sing N N 95  
DC  "C2'" "C1'"  sing N N 96  
DC  "C2'" "H2'"  sing N N 97  
DC  "C2'" "H2''" sing N N 98  
DC  "C1'" N1     sing N N 99  
DC  "C1'" "H1'"  sing N N 100 
DC  N1    C2     sing N N 101 
DC  N1    C6     sing N N 102 
DC  C2    O2     doub N N 103 
DC  C2    N3     sing N N 104 
DC  N3    C4     doub N N 105 
DC  C4    N4     sing N N 106 
DC  C4    C5     sing N N 107 
DC  N4    H41    sing N N 108 
DC  N4    H42    sing N N 109 
DC  C5    C6     doub N N 110 
DC  C5    H5     sing N N 111 
DC  C6    H6     sing N N 112 
DT  OP3   P      sing N N 113 
DT  OP3   HOP3   sing N N 114 
DT  P     OP1    doub N N 115 
DT  P     OP2    sing N N 116 
DT  P     "O5'"  sing N N 117 
DT  OP2   HOP2   sing N N 118 
DT  "O5'" "C5'"  sing N N 119 
DT  "C5'" "C4'"  sing N N 120 
DT  "C5'" "H5'"  sing N N 121 
DT  "C5'" "H5''" sing N N 122 
DT  "C4'" "O4'"  sing N N 123 
DT  "C4'" "C3'"  sing N N 124 
DT  "C4'" "H4'"  sing N N 125 
DT  "O4'" "C1'"  sing N N 126 
DT  "C3'" "O3'"  sing N N 127 
DT  "C3'" "C2'"  sing N N 128 
DT  "C3'" "H3'"  sing N N 129 
DT  "O3'" "HO3'" sing N N 130 
DT  "C2'" "C1'"  sing N N 131 
DT  "C2'" "H2'"  sing N N 132 
DT  "C2'" "H2''" sing N N 133 
DT  "C1'" N1     sing N N 134 
DT  "C1'" "H1'"  sing N N 135 
DT  N1    C2     sing N N 136 
DT  N1    C6     sing N N 137 
DT  C2    O2     doub N N 138 
DT  C2    N3     sing N N 139 
DT  N3    C4     sing N N 140 
DT  N3    H3     sing N N 141 
DT  C4    O4     doub N N 142 
DT  C4    C5     sing N N 143 
DT  C5    C7     sing N N 144 
DT  C5    C6     doub N N 145 
DT  C7    H71    sing N N 146 
DT  C7    H72    sing N N 147 
DT  C7    H73    sing N N 148 
DT  C6    H6     sing N N 149 
G   OP3   P      sing N N 150 
G   OP3   HOP3   sing N N 151 
G   P     OP1    doub N N 152 
G   P     OP2    sing N N 153 
G   P     "O5'"  sing N N 154 
G   OP2   HOP2   sing N N 155 
G   "O5'" "C5'"  sing N N 156 
G   "C5'" "C4'"  sing N N 157 
G   "C5'" "H5'"  sing N N 158 
G   "C5'" "H5''" sing N N 159 
G   "C4'" "O4'"  sing N N 160 
G   "C4'" "C3'"  sing N N 161 
G   "C4'" "H4'"  sing N N 162 
G   "O4'" "C1'"  sing N N 163 
G   "C3'" "O3'"  sing N N 164 
G   "C3'" "C2'"  sing N N 165 
G   "C3'" "H3'"  sing N N 166 
G   "O3'" "HO3'" sing N N 167 
G   "C2'" "O2'"  sing N N 168 
G   "C2'" "C1'"  sing N N 169 
G   "C2'" "H2'"  sing N N 170 
G   "O2'" "HO2'" sing N N 171 
G   "C1'" N9     sing N N 172 
G   "C1'" "H1'"  sing N N 173 
G   N9    C8     sing Y N 174 
G   N9    C4     sing Y N 175 
G   C8    N7     doub Y N 176 
G   C8    H8     sing N N 177 
G   N7    C5     sing Y N 178 
G   C5    C6     sing N N 179 
G   C5    C4     doub Y N 180 
G   C6    O6     doub N N 181 
G   C6    N1     sing N N 182 
G   N1    C2     sing N N 183 
G   N1    H1     sing N N 184 
G   C2    N2     sing N N 185 
G   C2    N3     doub N N 186 
G   N2    H21    sing N N 187 
G   N2    H22    sing N N 188 
G   N3    C4     sing N N 189 
HOH O     H1     sing N N 190 
HOH O     H2     sing N N 191 
U   OP3   P      sing N N 192 
U   OP3   HOP3   sing N N 193 
U   P     OP1    doub N N 194 
U   P     OP2    sing N N 195 
U   P     "O5'"  sing N N 196 
U   OP2   HOP2   sing N N 197 
U   "O5'" "C5'"  sing N N 198 
U   "C5'" "C4'"  sing N N 199 
U   "C5'" "H5'"  sing N N 200 
U   "C5'" "H5''" sing N N 201 
U   "C4'" "O4'"  sing N N 202 
U   "C4'" "C3'"  sing N N 203 
U   "C4'" "H4'"  sing N N 204 
U   "O4'" "C1'"  sing N N 205 
U   "C3'" "O3'"  sing N N 206 
U   "C3'" "C2'"  sing N N 207 
U   "C3'" "H3'"  sing N N 208 
U   "O3'" "HO3'" sing N N 209 
U   "C2'" "O2'"  sing N N 210 
U   "C2'" "C1'"  sing N N 211 
U   "C2'" "H2'"  sing N N 212 
U   "O2'" "HO2'" sing N N 213 
U   "C1'" N1     sing N N 214 
U   "C1'" "H1'"  sing N N 215 
U   N1    C2     sing N N 216 
U   N1    C6     sing N N 217 
U   C2    O2     doub N N 218 
U   C2    N3     sing N N 219 
U   N3    C4     sing N N 220 
U   N3    H3     sing N N 221 
U   C4    O4     doub N N 222 
U   C4    C5     sing N N 223 
U   C5    C6     doub N N 224 
U   C5    H5     sing N N 225 
U   C6    H6     sing N N 226 
# 
loop_
_ndb_struct_conf_na.entry_id 
_ndb_struct_conf_na.feature 
3SSF 'double helix'        
3SSF 'a-form double helix' 
# 
loop_
_ndb_struct_na_base_pair.model_number 
_ndb_struct_na_base_pair.i_label_asym_id 
_ndb_struct_na_base_pair.i_label_comp_id 
_ndb_struct_na_base_pair.i_label_seq_id 
_ndb_struct_na_base_pair.i_symmetry 
_ndb_struct_na_base_pair.j_label_asym_id 
_ndb_struct_na_base_pair.j_label_comp_id 
_ndb_struct_na_base_pair.j_label_seq_id 
_ndb_struct_na_base_pair.j_symmetry 
_ndb_struct_na_base_pair.shear 
_ndb_struct_na_base_pair.stretch 
_ndb_struct_na_base_pair.stagger 
_ndb_struct_na_base_pair.buckle 
_ndb_struct_na_base_pair.propeller 
_ndb_struct_na_base_pair.opening 
_ndb_struct_na_base_pair.pair_number 
_ndb_struct_na_base_pair.pair_name 
_ndb_struct_na_base_pair.i_auth_asym_id 
_ndb_struct_na_base_pair.i_auth_seq_id 
_ndb_struct_na_base_pair.i_PDB_ins_code 
_ndb_struct_na_base_pair.j_auth_asym_id 
_ndb_struct_na_base_pair.j_auth_seq_id 
_ndb_struct_na_base_pair.j_PDB_ins_code 
_ndb_struct_na_base_pair.hbond_type_28 
_ndb_struct_na_base_pair.hbond_type_12 
1 A U 1  1_555 B DA 12 1_555 -1.147 4.831  -1.696 -7.319  -43.131 -139.768 1  A_U1:DA24_B  A 1  ? B 24 ? ?  ? 
1 A A 2  1_555 B DT 11 1_555 -0.090 -0.247 -0.103 -0.413  -18.896 -3.819   2  A_A2:DT23_B  A 2  ? B 23 ? 20 1 
1 A A 3  1_555 B DT 10 1_555 0.116  -0.148 0.041  -2.637  -12.054 0.191    3  A_A3:DT22_B  A 3  ? B 22 ? 20 1 
1 A A 4  1_555 B DT 9  1_555 -0.089 -0.209 0.036  0.912   -23.527 4.178    4  A_A4:DT21_B  A 4  ? B 21 ? 20 1 
1 A A 5  1_555 B DT 8  1_555 0.090  -0.219 -0.035 -6.305  -18.624 -2.290   5  A_A5:DT20_B  A 5  ? B 20 ? 20 1 
1 A G 6  1_555 B DC 7  1_555 -0.280 -0.167 0.118  -5.105  -11.426 1.222    6  A_G6:DC19_B  A 6  ? B 19 ? 19 1 
1 A A 7  1_555 B DT 6  1_555 -0.035 -0.221 -0.559 -9.112  -19.833 -3.199   7  A_A7:DT18_B  A 7  ? B 18 ? 20 1 
1 A A 8  1_555 B DT 5  1_555 -0.169 -0.189 -0.222 -11.219 -15.218 3.348    8  A_A8:DT17_B  A 8  ? B 17 ? 20 1 
1 A A 9  1_555 B DT 4  1_555 0.047  -0.168 -0.134 -6.030  -16.428 1.090    9  A_A9:DT16_B  A 9  ? B 16 ? 20 1 
1 A A 10 1_555 B DT 3  1_555 0.000  -0.196 0.045  -3.884  -15.213 3.707    10 A_A10:DT15_B A 10 ? B 15 ? 20 1 
1 A G 11 1_555 B DC 2  1_555 -0.225 -0.250 0.100  -2.543  -8.860  -1.059   11 A_G11:DC14_B A 11 ? B 14 ? 19 1 
1 A G 12 1_555 B DC 1  1_555 -0.006 -0.221 -0.045 0.188   -6.051  -1.067   12 A_G12:DC13_B A 12 ? B 13 ? 19 1 
# 
loop_
_ndb_struct_na_base_pair_step.model_number 
_ndb_struct_na_base_pair_step.i_label_asym_id_1 
_ndb_struct_na_base_pair_step.i_label_comp_id_1 
_ndb_struct_na_base_pair_step.i_label_seq_id_1 
_ndb_struct_na_base_pair_step.i_symmetry_1 
_ndb_struct_na_base_pair_step.j_label_asym_id_1 
_ndb_struct_na_base_pair_step.j_label_comp_id_1 
_ndb_struct_na_base_pair_step.j_label_seq_id_1 
_ndb_struct_na_base_pair_step.j_symmetry_1 
_ndb_struct_na_base_pair_step.i_label_asym_id_2 
_ndb_struct_na_base_pair_step.i_label_comp_id_2 
_ndb_struct_na_base_pair_step.i_label_seq_id_2 
_ndb_struct_na_base_pair_step.i_symmetry_2 
_ndb_struct_na_base_pair_step.j_label_asym_id_2 
_ndb_struct_na_base_pair_step.j_label_comp_id_2 
_ndb_struct_na_base_pair_step.j_label_seq_id_2 
_ndb_struct_na_base_pair_step.j_symmetry_2 
_ndb_struct_na_base_pair_step.shift 
_ndb_struct_na_base_pair_step.slide 
_ndb_struct_na_base_pair_step.rise 
_ndb_struct_na_base_pair_step.tilt 
_ndb_struct_na_base_pair_step.roll 
_ndb_struct_na_base_pair_step.twist 
_ndb_struct_na_base_pair_step.x_displacement 
_ndb_struct_na_base_pair_step.y_displacement 
_ndb_struct_na_base_pair_step.helical_rise 
_ndb_struct_na_base_pair_step.inclination 
_ndb_struct_na_base_pair_step.tip 
_ndb_struct_na_base_pair_step.helical_twist 
_ndb_struct_na_base_pair_step.step_number 
_ndb_struct_na_base_pair_step.step_name 
_ndb_struct_na_base_pair_step.i_auth_asym_id_1 
_ndb_struct_na_base_pair_step.i_auth_seq_id_1 
_ndb_struct_na_base_pair_step.i_PDB_ins_code_1 
_ndb_struct_na_base_pair_step.j_auth_asym_id_1 
_ndb_struct_na_base_pair_step.j_auth_seq_id_1 
_ndb_struct_na_base_pair_step.j_PDB_ins_code_1 
_ndb_struct_na_base_pair_step.i_auth_asym_id_2 
_ndb_struct_na_base_pair_step.i_auth_seq_id_2 
_ndb_struct_na_base_pair_step.i_PDB_ins_code_2 
_ndb_struct_na_base_pair_step.j_auth_asym_id_2 
_ndb_struct_na_base_pair_step.j_auth_seq_id_2 
_ndb_struct_na_base_pair_step.j_PDB_ins_code_2 
1 A U 1  1_555 B DA 12 1_555 A A 2  1_555 B DT 11 1_555 -0.018 0.135  4.164 -4.434 23.995 -5.017 -9.364 -1.715 0.712 -77.248 
-14.274 -24.904 1  AA_U1A2:DT23DA24_BB   A 1  ? B 24 ? A 2  ? B 23 ? 
1 A A 2  1_555 B DT 11 1_555 A A 3  1_555 B DT 10 1_555 0.097  -0.562 3.200 -0.758 1.865  36.483 -1.146 -0.256 3.166 2.977   1.209 
36.536  2  AA_A2A3:DT22DT23_BB   A 2  ? B 23 ? A 3  ? B 22 ? 
1 A A 3  1_555 B DT 10 1_555 A A 4  1_555 B DT 9  1_555 0.222  -0.372 3.165 -1.036 11.918 33.487 -2.268 -0.507 2.863 19.911  1.730 
35.502  3  AA_A3A4:DT21DT22_BB   A 3  ? B 22 ? A 4  ? B 21 ? 
1 A A 4  1_555 B DT 9  1_555 A A 5  1_555 B DT 8  1_555 -0.111 -1.012 3.408 -1.881 8.855  34.361 -2.963 -0.095 3.063 14.675  3.118 
35.499  4  AA_A4A5:DT20DT21_BB   A 4  ? B 21 ? A 5  ? B 20 ? 
1 A A 5  1_555 B DT 8  1_555 A G 6  1_555 B DC 7  1_555 0.071  -1.699 3.227 -1.918 8.142  29.288 -4.732 -0.488 2.659 15.702  3.698 
30.434  5  AA_A5G6:DC19DT20_BB   A 5  ? B 20 ? A 6  ? B 19 ? 
1 A G 6  1_555 B DC 7  1_555 A A 7  1_555 B DT 6  1_555 -1.053 -1.223 3.461 1.947  9.288  32.943 -3.539 2.095  2.952 15.970  
-3.348  34.246  6  AA_G6A7:DT18DC19_BB   A 6  ? B 19 ? A 7  ? B 18 ? 
1 A A 7  1_555 B DT 6  1_555 A A 8  1_555 B DT 5  1_555 1.309  -1.669 3.517 1.652  18.007 28.166 -5.736 -2.021 2.161 33.044  
-3.031  33.372  7  AA_A7A8:DT17DT18_BB   A 7  ? B 18 ? A 8  ? B 17 ? 
1 A A 8  1_555 B DT 5  1_555 A A 9  1_555 B DT 4  1_555 -0.116 -0.859 3.176 -0.105 9.352  32.440 -2.903 0.184  2.827 16.321  0.183 
33.726  8  AA_A8A9:DT16DT17_BB   A 8  ? B 17 ? A 9  ? B 16 ? 
1 A A 9  1_555 B DT 4  1_555 A A 10 1_555 B DT 3  1_555 0.333  -0.966 3.193 0.375  6.780  32.303 -2.792 -0.527 2.939 12.021  
-0.665  32.990  9  AA_A9A10:DT15DT16_BB  A 9  ? B 16 ? A 10 ? B 15 ? 
1 A A 10 1_555 B DT 3  1_555 A G 11 1_555 B DC 2  1_555 0.119  -1.187 3.232 0.625  8.279  30.676 -3.602 -0.110 2.825 15.300  
-1.156  31.754  10 AA_A10G11:DC14DT15_BB A 10 ? B 15 ? A 11 ? B 14 ? 
1 A G 11 1_555 B DC 2  1_555 A G 12 1_555 B DC 1  1_555 0.331  -1.869 3.170 2.993  5.932  31.572 -4.338 -0.105 2.800 10.754  
-5.426  32.247  11 AA_G11G12:DC13DC14_BB A 11 ? B 14 ? A 12 ? B 13 ? 
# 
loop_
_pdbx_entity_nonpoly.entity_id 
_pdbx_entity_nonpoly.name 
_pdbx_entity_nonpoly.comp_id 
3 'MAGNESIUM ION' MG  
4 water           HOH 
# 
_pdbx_initial_refinement_model.id               1 
_pdbx_initial_refinement_model.entity_id_list   ? 
_pdbx_initial_refinement_model.type             'experimental model' 
_pdbx_initial_refinement_model.source_name      PDB 
_pdbx_initial_refinement_model.accession_code   1PJO 
_pdbx_initial_refinement_model.details          ? 
# 
